data_2E7V
# 
_entry.id   2E7V 
# 
_audit_conform.dict_name       mmcif_pdbx.dic 
_audit_conform.dict_version    5.388 
_audit_conform.dict_location   http://mmcif.pdb.org/dictionaries/ascii/mmcif_pdbx.dic 
# 
loop_
_database_2.database_id 
_database_2.database_code 
_database_2.pdbx_database_accession 
_database_2.pdbx_DOI 
PDB   2E7V         pdb_00002e7v 10.2210/pdb2e7v/pdb 
RCSB  RCSB026335   ?            ?                   
WWPDB D_1000026335 ?            ?                   
# 
loop_
_pdbx_audit_revision_history.ordinal 
_pdbx_audit_revision_history.data_content_type 
_pdbx_audit_revision_history.major_revision 
_pdbx_audit_revision_history.minor_revision 
_pdbx_audit_revision_history.revision_date 
1 'Structure model' 1 0 2007-07-17 
2 'Structure model' 1 1 2008-04-30 
3 'Structure model' 1 2 2011-07-13 
4 'Structure model' 1 3 2019-12-25 
5 'Structure model' 1 4 2024-03-13 
# 
_pdbx_audit_revision_details.ordinal             1 
_pdbx_audit_revision_details.revision_ordinal    1 
_pdbx_audit_revision_details.data_content_type   'Structure model' 
_pdbx_audit_revision_details.provider            repository 
_pdbx_audit_revision_details.type                'Initial release' 
_pdbx_audit_revision_details.description         ? 
_pdbx_audit_revision_details.details             ? 
# 
loop_
_pdbx_audit_revision_group.ordinal 
_pdbx_audit_revision_group.revision_ordinal 
_pdbx_audit_revision_group.data_content_type 
_pdbx_audit_revision_group.group 
1 2 'Structure model' 'Version format compliance' 
2 3 'Structure model' 'Version format compliance' 
3 4 'Structure model' 'Data collection'           
4 5 'Structure model' 'Data collection'           
5 5 'Structure model' 'Database references'       
# 
loop_
_pdbx_audit_revision_category.ordinal 
_pdbx_audit_revision_category.revision_ordinal 
_pdbx_audit_revision_category.data_content_type 
_pdbx_audit_revision_category.category 
1 4 'Structure model' reflns         
2 4 'Structure model' reflns_shell   
3 5 'Structure model' chem_comp_atom 
4 5 'Structure model' chem_comp_bond 
5 5 'Structure model' database_2     
# 
loop_
_pdbx_audit_revision_item.ordinal 
_pdbx_audit_revision_item.revision_ordinal 
_pdbx_audit_revision_item.data_content_type 
_pdbx_audit_revision_item.item 
1 4 'Structure model' '_reflns.pdbx_Rsym_value'             
2 4 'Structure model' '_reflns_shell.pdbx_Rsym_value'       
3 5 'Structure model' '_database_2.pdbx_DOI'                
4 5 'Structure model' '_database_2.pdbx_database_accession' 
# 
_pdbx_database_status.status_code                     REL 
_pdbx_database_status.entry_id                        2E7V 
_pdbx_database_status.recvd_initial_deposition_date   2007-01-15 
_pdbx_database_status.deposit_site                    PDBJ 
_pdbx_database_status.process_site                    PDBJ 
_pdbx_database_status.status_code_sf                  REL 
_pdbx_database_status.status_code_mr                  ? 
_pdbx_database_status.SG_entry                        Y 
_pdbx_database_status.pdb_format_compatible           Y 
_pdbx_database_status.status_code_cs                  ? 
_pdbx_database_status.methods_development_category    ? 
_pdbx_database_status.status_code_nmr_data            ? 
# 
_pdbx_database_related.db_name        TargetDB 
_pdbx_database_related.db_id          mmi002015285.1 
_pdbx_database_related.details        . 
_pdbx_database_related.content_type   unspecified 
# 
loop_
_audit_author.name 
_audit_author.pdbx_ordinal 
'Xie, Y.'                                                1  
'Kishishita, S.'                                         2  
'Murayama, K.'                                           3  
'Hori-Takemoto, C.'                                      4  
'Shirozu, M.'                                            5  
'Yokoyama, S.'                                           6  
'Chen, L.'                                               7  
'Liu, Z.J.'                                              8  
'Wang, B.C.'                                             9  
'RIKEN Structural Genomics/Proteomics Initiative (RSGI)' 10 
# 
_citation.id                        primary 
_citation.title                     'Crystal structure of SEA domain of transmembrane protease from Mus musculus' 
_citation.journal_abbrev            'To be Published' 
_citation.journal_volume            ? 
_citation.page_first                ? 
_citation.page_last                 ? 
_citation.year                      ? 
_citation.journal_id_ASTM           ? 
_citation.country                   ? 
_citation.journal_id_ISSN           ? 
_citation.journal_id_CSD            0353 
_citation.book_publisher            ? 
_citation.pdbx_database_id_PubMed   ? 
_citation.pdbx_database_id_DOI      ? 
# 
loop_
_citation_author.citation_id 
_citation_author.name 
_citation_author.ordinal 
_citation_author.identifier_ORCID 
primary 'Xie, Y.'           1 ? 
primary 'Kishishita, S.'    2 ? 
primary 'Murayama, K.'      3 ? 
primary 'Hori-Takemoto, C.' 4 ? 
primary 'Shirozu, M.'       5 ? 
primary 'Yokoyama, S.'      6 ? 
primary 'Chen, L.'          7 ? 
primary 'Liu, Z.J.'         8 ? 
primary 'Wang, B.C.'        9 ? 
# 
loop_
_entity.id 
_entity.type 
_entity.src_method 
_entity.pdbx_description 
_entity.formula_weight 
_entity.pdbx_number_of_molecules 
_entity.pdbx_ec 
_entity.pdbx_mutation 
_entity.pdbx_fragment 
_entity.details 
1 polymer man 'Transmembrane protease' 13910.746 1  3.4.21.- ? 'SEA domain' ? 
2 water   nat water                    18.015    54 ?        ? ?            ? 
# 
_entity_poly.entity_id                      1 
_entity_poly.type                           'polypeptide(L)' 
_entity_poly.nstd_linkage                   no 
_entity_poly.nstd_monomer                   no 
_entity_poly.pdbx_seq_one_letter_code       
;DKKAYFYHSSFQILNVEYTEALNSPATHEYRTLSERIEAMITDEFRGSSLKSEFIRTHVVKLRKEGTGVVADVVMKFRSS
KRNNRKVMKTRIQSVLRRLSSSGNLEIAPSNEITSLTDQDT
;
_entity_poly.pdbx_seq_one_letter_code_can   
;DKKAYFYHSSFQILNVEYTEALNSPATHEYRTLSERIEAMITDEFRGSSLKSEFIRTHVVKLRKEGTGVVADVVMKFRSS
KRNNRKVMKTRIQSVLRRLSSSGNLEIAPSNEITSLTDQDT
;
_entity_poly.pdbx_strand_id                 A 
_entity_poly.pdbx_target_identifier         mmi002015285.1 
# 
_pdbx_entity_nonpoly.entity_id   2 
_pdbx_entity_nonpoly.name        water 
_pdbx_entity_nonpoly.comp_id     HOH 
# 
loop_
_entity_poly_seq.entity_id 
_entity_poly_seq.num 
_entity_poly_seq.mon_id 
_entity_poly_seq.hetero 
1 1   ASP n 
1 2   LYS n 
1 3   LYS n 
1 4   ALA n 
1 5   TYR n 
1 6   PHE n 
1 7   TYR n 
1 8   HIS n 
1 9   SER n 
1 10  SER n 
1 11  PHE n 
1 12  GLN n 
1 13  ILE n 
1 14  LEU n 
1 15  ASN n 
1 16  VAL n 
1 17  GLU n 
1 18  TYR n 
1 19  THR n 
1 20  GLU n 
1 21  ALA n 
1 22  LEU n 
1 23  ASN n 
1 24  SER n 
1 25  PRO n 
1 26  ALA n 
1 27  THR n 
1 28  HIS n 
1 29  GLU n 
1 30  TYR n 
1 31  ARG n 
1 32  THR n 
1 33  LEU n 
1 34  SER n 
1 35  GLU n 
1 36  ARG n 
1 37  ILE n 
1 38  GLU n 
1 39  ALA n 
1 40  MET n 
1 41  ILE n 
1 42  THR n 
1 43  ASP n 
1 44  GLU n 
1 45  PHE n 
1 46  ARG n 
1 47  GLY n 
1 48  SER n 
1 49  SER n 
1 50  LEU n 
1 51  LYS n 
1 52  SER n 
1 53  GLU n 
1 54  PHE n 
1 55  ILE n 
1 56  ARG n 
1 57  THR n 
1 58  HIS n 
1 59  VAL n 
1 60  VAL n 
1 61  LYS n 
1 62  LEU n 
1 63  ARG n 
1 64  LYS n 
1 65  GLU n 
1 66  GLY n 
1 67  THR n 
1 68  GLY n 
1 69  VAL n 
1 70  VAL n 
1 71  ALA n 
1 72  ASP n 
1 73  VAL n 
1 74  VAL n 
1 75  MET n 
1 76  LYS n 
1 77  PHE n 
1 78  ARG n 
1 79  SER n 
1 80  SER n 
1 81  LYS n 
1 82  ARG n 
1 83  ASN n 
1 84  ASN n 
1 85  ARG n 
1 86  LYS n 
1 87  VAL n 
1 88  MET n 
1 89  LYS n 
1 90  THR n 
1 91  ARG n 
1 92  ILE n 
1 93  GLN n 
1 94  SER n 
1 95  VAL n 
1 96  LEU n 
1 97  ARG n 
1 98  ARG n 
1 99  LEU n 
1 100 SER n 
1 101 SER n 
1 102 SER n 
1 103 GLY n 
1 104 ASN n 
1 105 LEU n 
1 106 GLU n 
1 107 ILE n 
1 108 ALA n 
1 109 PRO n 
1 110 SER n 
1 111 ASN n 
1 112 GLU n 
1 113 ILE n 
1 114 THR n 
1 115 SER n 
1 116 LEU n 
1 117 THR n 
1 118 ASP n 
1 119 GLN n 
1 120 ASP n 
1 121 THR n 
# 
_entity_src_gen.entity_id                          1 
_entity_src_gen.pdbx_src_id                        1 
_entity_src_gen.pdbx_alt_source_flag               sample 
_entity_src_gen.pdbx_seq_type                      ? 
_entity_src_gen.pdbx_beg_seq_num                   ? 
_entity_src_gen.pdbx_end_seq_num                   ? 
_entity_src_gen.gene_src_common_name               'house mouse' 
_entity_src_gen.gene_src_genus                     Mus 
_entity_src_gen.pdbx_gene_src_gene                 ? 
_entity_src_gen.gene_src_species                   ? 
_entity_src_gen.gene_src_strain                    ? 
_entity_src_gen.gene_src_tissue                    ? 
_entity_src_gen.gene_src_tissue_fraction           ? 
_entity_src_gen.gene_src_details                   ? 
_entity_src_gen.pdbx_gene_src_fragment             ? 
_entity_src_gen.pdbx_gene_src_scientific_name      'Mus musculus' 
_entity_src_gen.pdbx_gene_src_ncbi_taxonomy_id     10090 
_entity_src_gen.pdbx_gene_src_variant              ? 
_entity_src_gen.pdbx_gene_src_cell_line            ? 
_entity_src_gen.pdbx_gene_src_atcc                 ? 
_entity_src_gen.pdbx_gene_src_organ                ? 
_entity_src_gen.pdbx_gene_src_organelle            ? 
_entity_src_gen.pdbx_gene_src_cell                 ? 
_entity_src_gen.pdbx_gene_src_cellular_location    ? 
_entity_src_gen.host_org_common_name               ? 
_entity_src_gen.pdbx_host_org_scientific_name      ? 
_entity_src_gen.pdbx_host_org_ncbi_taxonomy_id     ? 
_entity_src_gen.host_org_genus                     ? 
_entity_src_gen.pdbx_host_org_gene                 ? 
_entity_src_gen.pdbx_host_org_organ                ? 
_entity_src_gen.host_org_species                   ? 
_entity_src_gen.pdbx_host_org_tissue               ? 
_entity_src_gen.pdbx_host_org_tissue_fraction      ? 
_entity_src_gen.pdbx_host_org_strain               ? 
_entity_src_gen.pdbx_host_org_variant              ? 
_entity_src_gen.pdbx_host_org_cell_line            ? 
_entity_src_gen.pdbx_host_org_atcc                 ? 
_entity_src_gen.pdbx_host_org_culture_collection   ? 
_entity_src_gen.pdbx_host_org_cell                 ? 
_entity_src_gen.pdbx_host_org_organelle            ? 
_entity_src_gen.pdbx_host_org_cellular_location    ? 
_entity_src_gen.pdbx_host_org_vector_type          plasmid 
_entity_src_gen.pdbx_host_org_vector               ? 
_entity_src_gen.host_org_details                   ? 
_entity_src_gen.expression_system_id               ? 
_entity_src_gen.plasmid_name                       PX060110-06-MD01 
_entity_src_gen.plasmid_details                    ? 
_entity_src_gen.pdbx_description                   'Cell-free protein synthesis' 
# 
loop_
_chem_comp.id 
_chem_comp.type 
_chem_comp.mon_nstd_flag 
_chem_comp.name 
_chem_comp.pdbx_synonyms 
_chem_comp.formula 
_chem_comp.formula_weight 
ALA 'L-peptide linking' y ALANINE         ? 'C3 H7 N O2'     89.093  
ARG 'L-peptide linking' y ARGININE        ? 'C6 H15 N4 O2 1' 175.209 
ASN 'L-peptide linking' y ASPARAGINE      ? 'C4 H8 N2 O3'    132.118 
ASP 'L-peptide linking' y 'ASPARTIC ACID' ? 'C4 H7 N O4'     133.103 
GLN 'L-peptide linking' y GLUTAMINE       ? 'C5 H10 N2 O3'   146.144 
GLU 'L-peptide linking' y 'GLUTAMIC ACID' ? 'C5 H9 N O4'     147.129 
GLY 'peptide linking'   y GLYCINE         ? 'C2 H5 N O2'     75.067  
HIS 'L-peptide linking' y HISTIDINE       ? 'C6 H10 N3 O2 1' 156.162 
HOH non-polymer         . WATER           ? 'H2 O'           18.015  
ILE 'L-peptide linking' y ISOLEUCINE      ? 'C6 H13 N O2'    131.173 
LEU 'L-peptide linking' y LEUCINE         ? 'C6 H13 N O2'    131.173 
LYS 'L-peptide linking' y LYSINE          ? 'C6 H15 N2 O2 1' 147.195 
MET 'L-peptide linking' y METHIONINE      ? 'C5 H11 N O2 S'  149.211 
PHE 'L-peptide linking' y PHENYLALANINE   ? 'C9 H11 N O2'    165.189 
PRO 'L-peptide linking' y PROLINE         ? 'C5 H9 N O2'     115.130 
SER 'L-peptide linking' y SERINE          ? 'C3 H7 N O3'     105.093 
THR 'L-peptide linking' y THREONINE       ? 'C4 H9 N O3'     119.119 
TYR 'L-peptide linking' y TYROSINE        ? 'C9 H11 N O3'    181.189 
VAL 'L-peptide linking' y VALINE          ? 'C5 H11 N O2'    117.146 
# 
loop_
_pdbx_poly_seq_scheme.asym_id 
_pdbx_poly_seq_scheme.entity_id 
_pdbx_poly_seq_scheme.seq_id 
_pdbx_poly_seq_scheme.mon_id 
_pdbx_poly_seq_scheme.ndb_seq_num 
_pdbx_poly_seq_scheme.pdb_seq_num 
_pdbx_poly_seq_scheme.auth_seq_num 
_pdbx_poly_seq_scheme.pdb_mon_id 
_pdbx_poly_seq_scheme.auth_mon_id 
_pdbx_poly_seq_scheme.pdb_strand_id 
_pdbx_poly_seq_scheme.pdb_ins_code 
_pdbx_poly_seq_scheme.hetero 
A 1 1   ASP 1   44  ?   ?   ?   A . n 
A 1 2   LYS 2   45  45  LYS LYS A . n 
A 1 3   LYS 3   46  46  LYS LYS A . n 
A 1 4   ALA 4   47  47  ALA ALA A . n 
A 1 5   TYR 5   48  48  TYR TYR A . n 
A 1 6   PHE 6   49  49  PHE PHE A . n 
A 1 7   TYR 7   50  50  TYR TYR A . n 
A 1 8   HIS 8   51  51  HIS HIS A . n 
A 1 9   SER 9   52  52  SER SER A . n 
A 1 10  SER 10  53  53  SER SER A . n 
A 1 11  PHE 11  54  54  PHE PHE A . n 
A 1 12  GLN 12  55  55  GLN GLN A . n 
A 1 13  ILE 13  56  56  ILE ILE A . n 
A 1 14  LEU 14  57  57  LEU LEU A . n 
A 1 15  ASN 15  58  58  ASN ASN A . n 
A 1 16  VAL 16  59  59  VAL VAL A . n 
A 1 17  GLU 17  60  60  GLU GLU A . n 
A 1 18  TYR 18  61  61  TYR TYR A . n 
A 1 19  THR 19  62  62  THR THR A . n 
A 1 20  GLU 20  63  63  GLU GLU A . n 
A 1 21  ALA 21  64  64  ALA ALA A . n 
A 1 22  LEU 22  65  65  LEU LEU A . n 
A 1 23  ASN 23  66  66  ASN ASN A . n 
A 1 24  SER 24  67  67  SER SER A . n 
A 1 25  PRO 25  68  68  PRO PRO A . n 
A 1 26  ALA 26  69  69  ALA ALA A . n 
A 1 27  THR 27  70  70  THR THR A . n 
A 1 28  HIS 28  71  71  HIS HIS A . n 
A 1 29  GLU 29  72  72  GLU GLU A . n 
A 1 30  TYR 30  73  73  TYR TYR A . n 
A 1 31  ARG 31  74  74  ARG ARG A . n 
A 1 32  THR 32  75  75  THR THR A . n 
A 1 33  LEU 33  76  76  LEU LEU A . n 
A 1 34  SER 34  77  77  SER SER A . n 
A 1 35  GLU 35  78  78  GLU GLU A . n 
A 1 36  ARG 36  79  79  ARG ARG A . n 
A 1 37  ILE 37  80  80  ILE ILE A . n 
A 1 38  GLU 38  81  81  GLU GLU A . n 
A 1 39  ALA 39  82  82  ALA ALA A . n 
A 1 40  MET 40  83  83  MET MET A . n 
A 1 41  ILE 41  84  84  ILE ILE A . n 
A 1 42  THR 42  85  85  THR THR A . n 
A 1 43  ASP 43  86  86  ASP ASP A . n 
A 1 44  GLU 44  87  87  GLU GLU A . n 
A 1 45  PHE 45  88  88  PHE PHE A . n 
A 1 46  ARG 46  89  89  ARG ARG A . n 
A 1 47  GLY 47  90  90  GLY GLY A . n 
A 1 48  SER 48  91  91  SER SER A . n 
A 1 49  SER 49  92  92  SER SER A . n 
A 1 50  LEU 50  93  93  LEU LEU A . n 
A 1 51  LYS 51  94  94  LYS LYS A . n 
A 1 52  SER 52  95  95  SER SER A . n 
A 1 53  GLU 53  96  96  GLU GLU A . n 
A 1 54  PHE 54  97  97  PHE PHE A . n 
A 1 55  ILE 55  98  98  ILE ILE A . n 
A 1 56  ARG 56  99  99  ARG ARG A . n 
A 1 57  THR 57  100 100 THR THR A . n 
A 1 58  HIS 58  101 101 HIS HIS A . n 
A 1 59  VAL 59  102 102 VAL VAL A . n 
A 1 60  VAL 60  103 103 VAL VAL A . n 
A 1 61  LYS 61  104 104 LYS LYS A . n 
A 1 62  LEU 62  105 105 LEU LEU A . n 
A 1 63  ARG 63  106 106 ARG ARG A . n 
A 1 64  LYS 64  107 107 LYS LYS A . n 
A 1 65  GLU 65  108 108 GLU GLU A . n 
A 1 66  GLY 66  109 109 GLY GLY A . n 
A 1 67  THR 67  110 110 THR THR A . n 
A 1 68  GLY 68  111 111 GLY GLY A . n 
A 1 69  VAL 69  112 112 VAL VAL A . n 
A 1 70  VAL 70  113 113 VAL VAL A . n 
A 1 71  ALA 71  114 114 ALA ALA A . n 
A 1 72  ASP 72  115 115 ASP ASP A . n 
A 1 73  VAL 73  116 116 VAL VAL A . n 
A 1 74  VAL 74  117 117 VAL VAL A . n 
A 1 75  MET 75  118 118 MET MET A . n 
A 1 76  LYS 76  119 119 LYS LYS A . n 
A 1 77  PHE 77  120 120 PHE PHE A . n 
A 1 78  ARG 78  121 121 ARG ARG A . n 
A 1 79  SER 79  122 122 SER SER A . n 
A 1 80  SER 80  123 ?   ?   ?   A . n 
A 1 81  LYS 81  124 ?   ?   ?   A . n 
A 1 82  ARG 82  125 ?   ?   ?   A . n 
A 1 83  ASN 83  126 ?   ?   ?   A . n 
A 1 84  ASN 84  127 127 ASN ASN A . n 
A 1 85  ARG 85  128 128 ARG ARG A . n 
A 1 86  LYS 86  129 129 LYS LYS A . n 
A 1 87  VAL 87  130 130 VAL VAL A . n 
A 1 88  MET 88  131 131 MET MET A . n 
A 1 89  LYS 89  132 132 LYS LYS A . n 
A 1 90  THR 90  133 133 THR THR A . n 
A 1 91  ARG 91  134 134 ARG ARG A . n 
A 1 92  ILE 92  135 135 ILE ILE A . n 
A 1 93  GLN 93  136 136 GLN GLN A . n 
A 1 94  SER 94  137 137 SER SER A . n 
A 1 95  VAL 95  138 138 VAL VAL A . n 
A 1 96  LEU 96  139 139 LEU LEU A . n 
A 1 97  ARG 97  140 140 ARG ARG A . n 
A 1 98  ARG 98  141 141 ARG ARG A . n 
A 1 99  LEU 99  142 142 LEU LEU A . n 
A 1 100 SER 100 143 143 SER SER A . n 
A 1 101 SER 101 144 144 SER SER A . n 
A 1 102 SER 102 145 145 SER SER A . n 
A 1 103 GLY 103 146 146 GLY GLY A . n 
A 1 104 ASN 104 147 147 ASN ASN A . n 
A 1 105 LEU 105 148 148 LEU LEU A . n 
A 1 106 GLU 106 149 149 GLU GLU A . n 
A 1 107 ILE 107 150 150 ILE ILE A . n 
A 1 108 ALA 108 151 151 ALA ALA A . n 
A 1 109 PRO 109 152 152 PRO PRO A . n 
A 1 110 SER 110 153 153 SER SER A . n 
A 1 111 ASN 111 154 154 ASN ASN A . n 
A 1 112 GLU 112 155 155 GLU GLU A . n 
A 1 113 ILE 113 156 156 ILE ILE A . n 
A 1 114 THR 114 157 157 THR THR A . n 
A 1 115 SER 115 158 158 SER SER A . n 
A 1 116 LEU 116 159 159 LEU LEU A . n 
A 1 117 THR 117 160 160 THR THR A . n 
A 1 118 ASP 118 161 161 ASP ASP A . n 
A 1 119 GLN 119 162 162 GLN GLN A . n 
A 1 120 ASP 120 163 163 ASP ASP A . n 
A 1 121 THR 121 164 ?   ?   ?   A . n 
# 
loop_
_pdbx_nonpoly_scheme.asym_id 
_pdbx_nonpoly_scheme.entity_id 
_pdbx_nonpoly_scheme.mon_id 
_pdbx_nonpoly_scheme.ndb_seq_num 
_pdbx_nonpoly_scheme.pdb_seq_num 
_pdbx_nonpoly_scheme.auth_seq_num 
_pdbx_nonpoly_scheme.pdb_mon_id 
_pdbx_nonpoly_scheme.auth_mon_id 
_pdbx_nonpoly_scheme.pdb_strand_id 
_pdbx_nonpoly_scheme.pdb_ins_code 
B 2 HOH 1  165 1  HOH HOH A . 
B 2 HOH 2  166 2  HOH HOH A . 
B 2 HOH 3  167 3  HOH HOH A . 
B 2 HOH 4  168 4  HOH HOH A . 
B 2 HOH 5  169 5  HOH HOH A . 
B 2 HOH 6  170 6  HOH HOH A . 
B 2 HOH 7  171 7  HOH HOH A . 
B 2 HOH 8  172 8  HOH HOH A . 
B 2 HOH 9  173 9  HOH HOH A . 
B 2 HOH 10 174 10 HOH HOH A . 
B 2 HOH 11 175 11 HOH HOH A . 
B 2 HOH 12 176 12 HOH HOH A . 
B 2 HOH 13 177 13 HOH HOH A . 
B 2 HOH 14 178 14 HOH HOH A . 
B 2 HOH 15 179 15 HOH HOH A . 
B 2 HOH 16 180 16 HOH HOH A . 
B 2 HOH 17 181 17 HOH HOH A . 
B 2 HOH 18 182 18 HOH HOH A . 
B 2 HOH 19 183 19 HOH HOH A . 
B 2 HOH 20 184 20 HOH HOH A . 
B 2 HOH 21 185 21 HOH HOH A . 
B 2 HOH 22 186 22 HOH HOH A . 
B 2 HOH 23 187 23 HOH HOH A . 
B 2 HOH 24 188 24 HOH HOH A . 
B 2 HOH 25 189 25 HOH HOH A . 
B 2 HOH 26 190 26 HOH HOH A . 
B 2 HOH 27 191 27 HOH HOH A . 
B 2 HOH 28 192 28 HOH HOH A . 
B 2 HOH 29 193 29 HOH HOH A . 
B 2 HOH 30 194 30 HOH HOH A . 
B 2 HOH 31 195 31 HOH HOH A . 
B 2 HOH 32 196 32 HOH HOH A . 
B 2 HOH 33 197 33 HOH HOH A . 
B 2 HOH 34 198 34 HOH HOH A . 
B 2 HOH 35 199 35 HOH HOH A . 
B 2 HOH 36 200 36 HOH HOH A . 
B 2 HOH 37 201 37 HOH HOH A . 
B 2 HOH 38 202 38 HOH HOH A . 
B 2 HOH 39 203 39 HOH HOH A . 
B 2 HOH 40 204 40 HOH HOH A . 
B 2 HOH 41 205 41 HOH HOH A . 
B 2 HOH 42 206 42 HOH HOH A . 
B 2 HOH 43 207 43 HOH HOH A . 
B 2 HOH 44 208 44 HOH HOH A . 
B 2 HOH 45 209 45 HOH HOH A . 
B 2 HOH 46 210 46 HOH HOH A . 
B 2 HOH 47 211 47 HOH HOH A . 
B 2 HOH 48 212 48 HOH HOH A . 
B 2 HOH 49 213 49 HOH HOH A . 
B 2 HOH 50 214 50 HOH HOH A . 
B 2 HOH 51 215 51 HOH HOH A . 
B 2 HOH 52 216 52 HOH HOH A . 
B 2 HOH 53 217 53 HOH HOH A . 
B 2 HOH 54 218 54 HOH HOH A . 
# 
loop_
_software.name 
_software.classification 
_software.version 
_software.citation_id 
_software.pdbx_ordinal 
CNS       refinement        1.1 ? 1 
HKL-2000  'data collection' .   ? 2 
HKL-2000  'data reduction'  .   ? 3 
SCALEPACK 'data scaling'    .   ? 4 
SOLVE     phasing           .   ? 5 
# 
_cell.entry_id           2E7V 
_cell.length_a           37.720 
_cell.length_b           42.740 
_cell.length_c           117.700 
_cell.angle_alpha        90.00 
_cell.angle_beta         90.00 
_cell.angle_gamma        90.00 
_cell.Z_PDB              8 
_cell.pdbx_unique_axis   ? 
_cell.length_a_esd       ? 
_cell.length_b_esd       ? 
_cell.length_c_esd       ? 
_cell.angle_alpha_esd    ? 
_cell.angle_beta_esd     ? 
_cell.angle_gamma_esd    ? 
# 
_symmetry.entry_id                         2E7V 
_symmetry.space_group_name_H-M             'C 2 2 21' 
_symmetry.pdbx_full_space_group_name_H-M   ? 
_symmetry.cell_setting                     ? 
_symmetry.Int_Tables_number                20 
_symmetry.space_group_name_Hall            ? 
# 
_exptl.entry_id          2E7V 
_exptl.method            'X-RAY DIFFRACTION' 
_exptl.crystals_number   1 
# 
_exptl_crystal.id                    1 
_exptl_crystal.density_meas          ? 
_exptl_crystal.density_Matthews      1.731718 
_exptl_crystal.density_percent_sol   28.972267 
_exptl_crystal.description           ? 
_exptl_crystal.F_000                 ? 
_exptl_crystal.preparation           ? 
# 
_exptl_crystal_grow.crystal_id      1 
_exptl_crystal_grow.method          'VAPOR DIFFUSION, SITTING DROP' 
_exptl_crystal_grow.temp            293 
_exptl_crystal_grow.temp_details    ? 
_exptl_crystal_grow.pH              6.3 
_exptl_crystal_grow.pdbx_details    
'45%(v/v) polypropylene glycol P 400, 0.1M Bis-Tris (pH 6.5), pH 6.3, VAPOR DIFFUSION, SITTING DROP, temperature 293K' 
_exptl_crystal_grow.pdbx_pH_range   . 
# 
_diffrn.id                     1 
_diffrn.ambient_temp           100 
_diffrn.ambient_temp_details   ? 
_diffrn.crystal_id             1 
# 
_diffrn_detector.diffrn_id              1 
_diffrn_detector.detector               CCD 
_diffrn_detector.type                   'MARMOSAIC 225 mm CCD' 
_diffrn_detector.pdbx_collection_date   2006-11-15 
_diffrn_detector.details                Mirrors 
# 
_diffrn_radiation.diffrn_id                        1 
_diffrn_radiation.wavelength_id                    1 
_diffrn_radiation.pdbx_monochromatic_or_laue_m_l   M 
_diffrn_radiation.monochromator                    silikon 
_diffrn_radiation.pdbx_diffrn_protocol             MAD 
_diffrn_radiation.pdbx_scattering_type             x-ray 
# 
loop_
_diffrn_radiation_wavelength.id 
_diffrn_radiation_wavelength.wavelength 
_diffrn_radiation_wavelength.wt 
1 0.9790 1.0 
2 0.9793 1.0 
3 0.9716 1.0 
# 
_diffrn_source.diffrn_id                   1 
_diffrn_source.source                      SYNCHROTRON 
_diffrn_source.type                        'APS BEAMLINE 22-ID' 
_diffrn_source.pdbx_synchrotron_site       APS 
_diffrn_source.pdbx_synchrotron_beamline   22-ID 
_diffrn_source.pdbx_wavelength             ? 
_diffrn_source.pdbx_wavelength_list        '0.9790, 0.9793, 0.9716' 
# 
_reflns.entry_id                     2E7V 
_reflns.observed_criterion_sigma_I   -3 
_reflns.observed_criterion_sigma_F   ? 
_reflns.d_resolution_low             50 
_reflns.d_resolution_high            1.9 
_reflns.number_obs                   7162 
_reflns.number_all                   ? 
_reflns.percent_possible_obs         93.8 
_reflns.pdbx_Rmerge_I_obs            ? 
_reflns.pdbx_Rsym_value              ? 
_reflns.pdbx_netI_over_sigmaI        11.9 
_reflns.B_iso_Wilson_estimate        8.3 
_reflns.pdbx_redundancy              3.53 
_reflns.R_free_details               ? 
_reflns.limit_h_max                  ? 
_reflns.limit_h_min                  ? 
_reflns.limit_k_max                  ? 
_reflns.limit_k_min                  ? 
_reflns.limit_l_max                  ? 
_reflns.limit_l_min                  ? 
_reflns.observed_criterion_F_max     ? 
_reflns.observed_criterion_F_min     ? 
_reflns.pdbx_chi_squared             ? 
_reflns.pdbx_scaling_rejects         ? 
_reflns.pdbx_diffrn_id               1 
_reflns.pdbx_ordinal                 1 
_reflns.pdbx_CC_half                 ? 
_reflns.pdbx_Rpim_I_all              ? 
_reflns.pdbx_Rrim_I_all              ? 
# 
_reflns_shell.d_res_high             1.9 
_reflns_shell.d_res_low              2.0 
_reflns_shell.percent_possible_all   83.4 
_reflns_shell.Rmerge_I_obs           ? 
_reflns_shell.pdbx_Rsym_value        ? 
_reflns_shell.meanI_over_sigI_obs    5.7 
_reflns_shell.pdbx_redundancy        2.8 
_reflns_shell.percent_possible_obs   ? 
_reflns_shell.number_unique_all      886 
_reflns_shell.number_measured_all    ? 
_reflns_shell.number_measured_obs    ? 
_reflns_shell.number_unique_obs      ? 
_reflns_shell.pdbx_chi_squared       ? 
_reflns_shell.pdbx_diffrn_id         ? 
_reflns_shell.pdbx_ordinal           1 
_reflns_shell.pdbx_CC_half           ? 
_reflns_shell.pdbx_Rpim_I_all        ? 
_reflns_shell.pdbx_Rrim_I_all        ? 
# 
_refine.entry_id                                 2E7V 
_refine.ls_number_reflns_obs                     6625 
_refine.ls_number_reflns_all                     ? 
_refine.pdbx_ls_sigma_I                          ? 
_refine.pdbx_ls_sigma_F                          2.0 
_refine.pdbx_data_cutoff_high_absF               115386.52 
_refine.pdbx_data_cutoff_low_absF                0.000000 
_refine.pdbx_data_cutoff_high_rms_absF           ? 
_refine.ls_d_res_low                             28.28 
_refine.ls_d_res_high                            1.92 
_refine.ls_percent_reflns_obs                    86.7 
_refine.ls_R_factor_obs                          0.191 
_refine.ls_R_factor_all                          ? 
_refine.ls_R_factor_R_work                       0.191 
_refine.ls_R_factor_R_free                       0.241 
_refine.ls_R_factor_R_free_error                 0.009 
_refine.ls_R_factor_R_free_error_details         ? 
_refine.ls_percent_reflns_R_free                 10.9 
_refine.ls_number_reflns_R_free                  722 
_refine.ls_number_parameters                     ? 
_refine.ls_number_restraints                     ? 
_refine.occupancy_min                            ? 
_refine.occupancy_max                            ? 
_refine.correlation_coeff_Fo_to_Fc               ? 
_refine.correlation_coeff_Fo_to_Fc_free          ? 
_refine.B_iso_mean                               20.3 
_refine.aniso_B[1][1]                            0.70 
_refine.aniso_B[2][2]                            -3.27 
_refine.aniso_B[3][3]                            2.58 
_refine.aniso_B[1][2]                            0.00 
_refine.aniso_B[1][3]                            0.00 
_refine.aniso_B[2][3]                            0.00 
_refine.solvent_model_details                    'FLAT MODEL' 
_refine.solvent_model_param_ksol                 0.384056 
_refine.solvent_model_param_bsol                 44.788 
_refine.pdbx_solvent_vdw_probe_radii             ? 
_refine.pdbx_solvent_ion_probe_radii             ? 
_refine.pdbx_solvent_shrinkage_radii             ? 
_refine.pdbx_ls_cross_valid_method               THROUGHOUT 
_refine.details                                  ? 
_refine.pdbx_starting_model                      ? 
_refine.pdbx_method_to_determine_struct          MAD 
_refine.pdbx_isotropic_thermal_model             RESTRAINED 
_refine.pdbx_stereochemistry_target_values       ? 
_refine.pdbx_stereochem_target_val_spec_case     ? 
_refine.pdbx_R_Free_selection_details            RANDOM 
_refine.pdbx_overall_ESU_R                       ? 
_refine.pdbx_overall_ESU_R_Free                  ? 
_refine.overall_SU_ML                            ? 
_refine.overall_SU_B                             ? 
_refine.ls_redundancy_reflns_obs                 ? 
_refine.B_iso_min                                ? 
_refine.B_iso_max                                ? 
_refine.overall_SU_R_Cruickshank_DPI             ? 
_refine.overall_SU_R_free                        ? 
_refine.ls_wR_factor_R_free                      ? 
_refine.ls_wR_factor_R_work                      ? 
_refine.overall_FOM_free_R_set                   ? 
_refine.overall_FOM_work_R_set                   ? 
_refine.pdbx_refine_id                           'X-RAY DIFFRACTION' 
_refine.pdbx_diffrn_id                           1 
_refine.pdbx_TLS_residual_ADP_flag               ? 
_refine.pdbx_overall_phase_error                 ? 
_refine.pdbx_overall_SU_R_free_Cruickshank_DPI   ? 
_refine.pdbx_overall_SU_R_Blow_DPI               ? 
_refine.pdbx_overall_SU_R_free_Blow_DPI          ? 
# 
_refine_analyze.entry_id                        2E7V 
_refine_analyze.Luzzati_coordinate_error_obs    0.19 
_refine_analyze.Luzzati_sigma_a_obs             0.05 
_refine_analyze.Luzzati_d_res_low_obs           5.00 
_refine_analyze.Luzzati_coordinate_error_free   0.26 
_refine_analyze.Luzzati_sigma_a_free            0.14 
_refine_analyze.Luzzati_d_res_low_free          ? 
_refine_analyze.number_disordered_residues      ? 
_refine_analyze.occupancy_sum_hydrogen          ? 
_refine_analyze.occupancy_sum_non_hydrogen      ? 
_refine_analyze.pdbx_Luzzati_d_res_high_obs     ? 
_refine_analyze.pdbx_refine_id                  'X-RAY DIFFRACTION' 
# 
_refine_hist.pdbx_refine_id                   'X-RAY DIFFRACTION' 
_refine_hist.cycle_id                         LAST 
_refine_hist.pdbx_number_atoms_protein        926 
_refine_hist.pdbx_number_atoms_nucleic_acid   0 
_refine_hist.pdbx_number_atoms_ligand         0 
_refine_hist.number_atoms_solvent             54 
_refine_hist.number_atoms_total               980 
_refine_hist.d_res_high                       1.92 
_refine_hist.d_res_low                        28.28 
# 
loop_
_refine_ls_restr.type 
_refine_ls_restr.dev_ideal 
_refine_ls_restr.dev_ideal_target 
_refine_ls_restr.weight 
_refine_ls_restr.number 
_refine_ls_restr.pdbx_refine_id 
_refine_ls_restr.pdbx_restraint_function 
c_bond_d           0.007 ?    ? ? 'X-RAY DIFFRACTION' ? 
c_angle_deg        1.3   ?    ? ? 'X-RAY DIFFRACTION' ? 
c_dihedral_angle_d 24.4  ?    ? ? 'X-RAY DIFFRACTION' ? 
c_improper_angle_d 0.75  ?    ? ? 'X-RAY DIFFRACTION' ? 
c_mcbond_it        2.12  1.50 ? ? 'X-RAY DIFFRACTION' ? 
c_mcangle_it       2.96  2.00 ? ? 'X-RAY DIFFRACTION' ? 
c_scbond_it        3.27  2.00 ? ? 'X-RAY DIFFRACTION' ? 
c_scangle_it       4.50  2.50 ? ? 'X-RAY DIFFRACTION' ? 
# 
_refine_ls_shell.pdbx_total_number_of_bins_used   6 
_refine_ls_shell.d_res_high                       1.92 
_refine_ls_shell.d_res_low                        2.02 
_refine_ls_shell.number_reflns_R_work             627 
_refine_ls_shell.R_factor_R_work                  0.187 
_refine_ls_shell.percent_reflns_obs               56.6 
_refine_ls_shell.R_factor_R_free                  0.258 
_refine_ls_shell.R_factor_R_free_error            0.028 
_refine_ls_shell.percent_reflns_R_free            12.3 
_refine_ls_shell.number_reflns_R_free             88 
_refine_ls_shell.number_reflns_all                ? 
_refine_ls_shell.R_factor_all                     ? 
_refine_ls_shell.number_reflns_obs                ? 
_refine_ls_shell.redundancy_reflns_obs            ? 
_refine_ls_shell.pdbx_refine_id                   'X-RAY DIFFRACTION' 
_refine_ls_shell.R_factor_obs                     ? 
# 
loop_
_pdbx_xplor_file.serial_no 
_pdbx_xplor_file.param_file 
_pdbx_xplor_file.topol_file 
_pdbx_xplor_file.pdbx_refine_id 
1 protein_rep.param protein.top 'X-RAY DIFFRACTION' 
2 water_rep.param   ?           'X-RAY DIFFRACTION' 
# 
_struct.entry_id                  2E7V 
_struct.title                     'Crystal structure of SEA domain of transmembrane protease from Mus musculus' 
_struct.pdbx_model_details        ? 
_struct.pdbx_CASP_flag            ? 
_struct.pdbx_model_type_details   ? 
# 
_struct_keywords.entry_id        2E7V 
_struct_keywords.pdbx_keywords   HYDROLASE 
_struct_keywords.text            
;conserved hypothetical protein, Structural Genomics, NPPSFA, National Project on Protein Structural and Functional Analyses, RIKEN Structural Genomics/Proteomics Initiative, RSGI, Hydrolase
;
# 
loop_
_struct_asym.id 
_struct_asym.pdbx_blank_PDB_chainid_flag 
_struct_asym.pdbx_modified 
_struct_asym.entity_id 
_struct_asym.details 
A N N 1 ? 
B N N 2 ? 
# 
_struct_ref.id                         1 
_struct_ref.db_name                    UNP 
_struct_ref.db_code                    TM11D_MOUSE 
_struct_ref.pdbx_db_accession          Q8VHK8 
_struct_ref.entity_id                  1 
_struct_ref.pdbx_seq_one_letter_code   
;DKKAYFYHSSFQILNVEYTEALNSPATHEYRTLSERIEAMITDEFRGSSLKSEFIRTHVVKLRKEGTGVVADVVMKFRSS
KRNNRKVMKTRIQSVLRRLSSSGNLEIAPSNEITSLTDQDT
;
_struct_ref.pdbx_align_begin           44 
_struct_ref.pdbx_db_isoform            ? 
# 
_struct_ref_seq.align_id                      1 
_struct_ref_seq.ref_id                        1 
_struct_ref_seq.pdbx_PDB_id_code              2E7V 
_struct_ref_seq.pdbx_strand_id                A 
_struct_ref_seq.seq_align_beg                 1 
_struct_ref_seq.pdbx_seq_align_beg_ins_code   ? 
_struct_ref_seq.seq_align_end                 121 
_struct_ref_seq.pdbx_seq_align_end_ins_code   ? 
_struct_ref_seq.pdbx_db_accession             Q8VHK8 
_struct_ref_seq.db_align_beg                  44 
_struct_ref_seq.pdbx_db_align_beg_ins_code    ? 
_struct_ref_seq.db_align_end                  164 
_struct_ref_seq.pdbx_db_align_end_ins_code    ? 
_struct_ref_seq.pdbx_auth_seq_align_beg       44 
_struct_ref_seq.pdbx_auth_seq_align_end       164 
# 
_pdbx_struct_assembly.id                   1 
_pdbx_struct_assembly.details              author_defined_assembly 
_pdbx_struct_assembly.method_details       ? 
_pdbx_struct_assembly.oligomeric_details   monomeric 
_pdbx_struct_assembly.oligomeric_count     1 
# 
_pdbx_struct_assembly_gen.assembly_id       1 
_pdbx_struct_assembly_gen.oper_expression   1 
_pdbx_struct_assembly_gen.asym_id_list      A,B 
# 
_pdbx_struct_oper_list.id                   1 
_pdbx_struct_oper_list.type                 'identity operation' 
_pdbx_struct_oper_list.name                 1_555 
_pdbx_struct_oper_list.symmetry_operation   x,y,z 
_pdbx_struct_oper_list.matrix[1][1]         1.0000000000 
_pdbx_struct_oper_list.matrix[1][2]         0.0000000000 
_pdbx_struct_oper_list.matrix[1][3]         0.0000000000 
_pdbx_struct_oper_list.vector[1]            0.0000000000 
_pdbx_struct_oper_list.matrix[2][1]         0.0000000000 
_pdbx_struct_oper_list.matrix[2][2]         1.0000000000 
_pdbx_struct_oper_list.matrix[2][3]         0.0000000000 
_pdbx_struct_oper_list.vector[2]            0.0000000000 
_pdbx_struct_oper_list.matrix[3][1]         0.0000000000 
_pdbx_struct_oper_list.matrix[3][2]         0.0000000000 
_pdbx_struct_oper_list.matrix[3][3]         1.0000000000 
_pdbx_struct_oper_list.vector[3]            0.0000000000 
# 
_struct_biol.id        1 
_struct_biol.details   'in this crystal packing, it looks like mononer. But, there is no experimental evidence.' 
# 
loop_
_struct_conf.conf_type_id 
_struct_conf.id 
_struct_conf.pdbx_PDB_helix_id 
_struct_conf.beg_label_comp_id 
_struct_conf.beg_label_asym_id 
_struct_conf.beg_label_seq_id 
_struct_conf.pdbx_beg_PDB_ins_code 
_struct_conf.end_label_comp_id 
_struct_conf.end_label_asym_id 
_struct_conf.end_label_seq_id 
_struct_conf.pdbx_end_PDB_ins_code 
_struct_conf.beg_auth_comp_id 
_struct_conf.beg_auth_asym_id 
_struct_conf.beg_auth_seq_id 
_struct_conf.end_auth_comp_id 
_struct_conf.end_auth_asym_id 
_struct_conf.end_auth_seq_id 
_struct_conf.pdbx_PDB_helix_class 
_struct_conf.details 
_struct_conf.pdbx_PDB_helix_length 
HELX_P HELX_P1 1 THR A 19 ? SER A 24  ? THR A 62  SER A 67  5 ? 6  
HELX_P HELX_P2 2 THR A 27 ? GLY A 47  ? THR A 70  GLY A 90  1 ? 21 
HELX_P HELX_P3 3 ASN A 84 ? ARG A 97  ? ASN A 127 ARG A 140 1 ? 14 
HELX_P HELX_P4 4 ARG A 98 ? SER A 100 ? ARG A 141 SER A 143 5 ? 3  
# 
_struct_conf_type.id          HELX_P 
_struct_conf_type.criteria    ? 
_struct_conf_type.reference   ? 
# 
_struct_sheet.id               A 
_struct_sheet.type             ? 
_struct_sheet.number_strands   4 
_struct_sheet.details          ? 
# 
loop_
_struct_sheet_order.sheet_id 
_struct_sheet_order.range_id_1 
_struct_sheet_order.range_id_2 
_struct_sheet_order.offset 
_struct_sheet_order.sense 
A 1 2 ? anti-parallel 
A 2 3 ? anti-parallel 
A 3 4 ? parallel      
# 
loop_
_struct_sheet_range.sheet_id 
_struct_sheet_range.id 
_struct_sheet_range.beg_label_comp_id 
_struct_sheet_range.beg_label_asym_id 
_struct_sheet_range.beg_label_seq_id 
_struct_sheet_range.pdbx_beg_PDB_ins_code 
_struct_sheet_range.end_label_comp_id 
_struct_sheet_range.end_label_asym_id 
_struct_sheet_range.end_label_seq_id 
_struct_sheet_range.pdbx_end_PDB_ins_code 
_struct_sheet_range.beg_auth_comp_id 
_struct_sheet_range.beg_auth_asym_id 
_struct_sheet_range.beg_auth_seq_id 
_struct_sheet_range.end_auth_comp_id 
_struct_sheet_range.end_auth_asym_id 
_struct_sheet_range.end_auth_seq_id 
A 1 PHE A 54  ? GLU A 65  ? PHE A 97  GLU A 108 
A 2 GLY A 68  ? SER A 79  ? GLY A 111 SER A 122 
A 3 LYS A 3   ? GLU A 17  ? LYS A 46  GLU A 60  
A 4 GLU A 106 ? ILE A 107 ? GLU A 149 ILE A 150 
# 
loop_
_pdbx_struct_sheet_hbond.sheet_id 
_pdbx_struct_sheet_hbond.range_id_1 
_pdbx_struct_sheet_hbond.range_id_2 
_pdbx_struct_sheet_hbond.range_1_label_atom_id 
_pdbx_struct_sheet_hbond.range_1_label_comp_id 
_pdbx_struct_sheet_hbond.range_1_label_asym_id 
_pdbx_struct_sheet_hbond.range_1_label_seq_id 
_pdbx_struct_sheet_hbond.range_1_PDB_ins_code 
_pdbx_struct_sheet_hbond.range_1_auth_atom_id 
_pdbx_struct_sheet_hbond.range_1_auth_comp_id 
_pdbx_struct_sheet_hbond.range_1_auth_asym_id 
_pdbx_struct_sheet_hbond.range_1_auth_seq_id 
_pdbx_struct_sheet_hbond.range_2_label_atom_id 
_pdbx_struct_sheet_hbond.range_2_label_comp_id 
_pdbx_struct_sheet_hbond.range_2_label_asym_id 
_pdbx_struct_sheet_hbond.range_2_label_seq_id 
_pdbx_struct_sheet_hbond.range_2_PDB_ins_code 
_pdbx_struct_sheet_hbond.range_2_auth_atom_id 
_pdbx_struct_sheet_hbond.range_2_auth_comp_id 
_pdbx_struct_sheet_hbond.range_2_auth_asym_id 
_pdbx_struct_sheet_hbond.range_2_auth_seq_id 
A 1 2 N ARG A 63 ? N ARG A 106 O VAL A 70  ? O VAL A 113 
A 2 3 O MET A 75 ? O MET A 118 N TYR A 7   ? N TYR A 50  
A 3 4 N GLN A 12 ? N GLN A 55  O ILE A 107 ? O ILE A 150 
# 
_pdbx_SG_project.id                    1 
_pdbx_SG_project.project_name          'NPPSFA, National Project on Protein Structural and Functional Analyses' 
_pdbx_SG_project.full_name_of_center   'RIKEN Structural Genomics/Proteomics Initiative' 
_pdbx_SG_project.initial_of_center     RSGI 
# 
loop_
_pdbx_unobs_or_zero_occ_residues.id 
_pdbx_unobs_or_zero_occ_residues.PDB_model_num 
_pdbx_unobs_or_zero_occ_residues.polymer_flag 
_pdbx_unobs_or_zero_occ_residues.occupancy_flag 
_pdbx_unobs_or_zero_occ_residues.auth_asym_id 
_pdbx_unobs_or_zero_occ_residues.auth_comp_id 
_pdbx_unobs_or_zero_occ_residues.auth_seq_id 
_pdbx_unobs_or_zero_occ_residues.PDB_ins_code 
_pdbx_unobs_or_zero_occ_residues.label_asym_id 
_pdbx_unobs_or_zero_occ_residues.label_comp_id 
_pdbx_unobs_or_zero_occ_residues.label_seq_id 
1 1 Y 1 A ASP 44  ? A ASP 1   
2 1 Y 1 A SER 123 ? A SER 80  
3 1 Y 1 A LYS 124 ? A LYS 81  
4 1 Y 1 A ARG 125 ? A ARG 82  
5 1 Y 1 A ASN 126 ? A ASN 83  
6 1 Y 1 A THR 164 ? A THR 121 
# 
loop_
_chem_comp_atom.comp_id 
_chem_comp_atom.atom_id 
_chem_comp_atom.type_symbol 
_chem_comp_atom.pdbx_aromatic_flag 
_chem_comp_atom.pdbx_stereo_config 
_chem_comp_atom.pdbx_ordinal 
ALA N    N N N 1   
ALA CA   C N S 2   
ALA C    C N N 3   
ALA O    O N N 4   
ALA CB   C N N 5   
ALA OXT  O N N 6   
ALA H    H N N 7   
ALA H2   H N N 8   
ALA HA   H N N 9   
ALA HB1  H N N 10  
ALA HB2  H N N 11  
ALA HB3  H N N 12  
ALA HXT  H N N 13  
ARG N    N N N 14  
ARG CA   C N S 15  
ARG C    C N N 16  
ARG O    O N N 17  
ARG CB   C N N 18  
ARG CG   C N N 19  
ARG CD   C N N 20  
ARG NE   N N N 21  
ARG CZ   C N N 22  
ARG NH1  N N N 23  
ARG NH2  N N N 24  
ARG OXT  O N N 25  
ARG H    H N N 26  
ARG H2   H N N 27  
ARG HA   H N N 28  
ARG HB2  H N N 29  
ARG HB3  H N N 30  
ARG HG2  H N N 31  
ARG HG3  H N N 32  
ARG HD2  H N N 33  
ARG HD3  H N N 34  
ARG HE   H N N 35  
ARG HH11 H N N 36  
ARG HH12 H N N 37  
ARG HH21 H N N 38  
ARG HH22 H N N 39  
ARG HXT  H N N 40  
ASN N    N N N 41  
ASN CA   C N S 42  
ASN C    C N N 43  
ASN O    O N N 44  
ASN CB   C N N 45  
ASN CG   C N N 46  
ASN OD1  O N N 47  
ASN ND2  N N N 48  
ASN OXT  O N N 49  
ASN H    H N N 50  
ASN H2   H N N 51  
ASN HA   H N N 52  
ASN HB2  H N N 53  
ASN HB3  H N N 54  
ASN HD21 H N N 55  
ASN HD22 H N N 56  
ASN HXT  H N N 57  
ASP N    N N N 58  
ASP CA   C N S 59  
ASP C    C N N 60  
ASP O    O N N 61  
ASP CB   C N N 62  
ASP CG   C N N 63  
ASP OD1  O N N 64  
ASP OD2  O N N 65  
ASP OXT  O N N 66  
ASP H    H N N 67  
ASP H2   H N N 68  
ASP HA   H N N 69  
ASP HB2  H N N 70  
ASP HB3  H N N 71  
ASP HD2  H N N 72  
ASP HXT  H N N 73  
GLN N    N N N 74  
GLN CA   C N S 75  
GLN C    C N N 76  
GLN O    O N N 77  
GLN CB   C N N 78  
GLN CG   C N N 79  
GLN CD   C N N 80  
GLN OE1  O N N 81  
GLN NE2  N N N 82  
GLN OXT  O N N 83  
GLN H    H N N 84  
GLN H2   H N N 85  
GLN HA   H N N 86  
GLN HB2  H N N 87  
GLN HB3  H N N 88  
GLN HG2  H N N 89  
GLN HG3  H N N 90  
GLN HE21 H N N 91  
GLN HE22 H N N 92  
GLN HXT  H N N 93  
GLU N    N N N 94  
GLU CA   C N S 95  
GLU C    C N N 96  
GLU O    O N N 97  
GLU CB   C N N 98  
GLU CG   C N N 99  
GLU CD   C N N 100 
GLU OE1  O N N 101 
GLU OE2  O N N 102 
GLU OXT  O N N 103 
GLU H    H N N 104 
GLU H2   H N N 105 
GLU HA   H N N 106 
GLU HB2  H N N 107 
GLU HB3  H N N 108 
GLU HG2  H N N 109 
GLU HG3  H N N 110 
GLU HE2  H N N 111 
GLU HXT  H N N 112 
GLY N    N N N 113 
GLY CA   C N N 114 
GLY C    C N N 115 
GLY O    O N N 116 
GLY OXT  O N N 117 
GLY H    H N N 118 
GLY H2   H N N 119 
GLY HA2  H N N 120 
GLY HA3  H N N 121 
GLY HXT  H N N 122 
HIS N    N N N 123 
HIS CA   C N S 124 
HIS C    C N N 125 
HIS O    O N N 126 
HIS CB   C N N 127 
HIS CG   C Y N 128 
HIS ND1  N Y N 129 
HIS CD2  C Y N 130 
HIS CE1  C Y N 131 
HIS NE2  N Y N 132 
HIS OXT  O N N 133 
HIS H    H N N 134 
HIS H2   H N N 135 
HIS HA   H N N 136 
HIS HB2  H N N 137 
HIS HB3  H N N 138 
HIS HD1  H N N 139 
HIS HD2  H N N 140 
HIS HE1  H N N 141 
HIS HE2  H N N 142 
HIS HXT  H N N 143 
HOH O    O N N 144 
HOH H1   H N N 145 
HOH H2   H N N 146 
ILE N    N N N 147 
ILE CA   C N S 148 
ILE C    C N N 149 
ILE O    O N N 150 
ILE CB   C N S 151 
ILE CG1  C N N 152 
ILE CG2  C N N 153 
ILE CD1  C N N 154 
ILE OXT  O N N 155 
ILE H    H N N 156 
ILE H2   H N N 157 
ILE HA   H N N 158 
ILE HB   H N N 159 
ILE HG12 H N N 160 
ILE HG13 H N N 161 
ILE HG21 H N N 162 
ILE HG22 H N N 163 
ILE HG23 H N N 164 
ILE HD11 H N N 165 
ILE HD12 H N N 166 
ILE HD13 H N N 167 
ILE HXT  H N N 168 
LEU N    N N N 169 
LEU CA   C N S 170 
LEU C    C N N 171 
LEU O    O N N 172 
LEU CB   C N N 173 
LEU CG   C N N 174 
LEU CD1  C N N 175 
LEU CD2  C N N 176 
LEU OXT  O N N 177 
LEU H    H N N 178 
LEU H2   H N N 179 
LEU HA   H N N 180 
LEU HB2  H N N 181 
LEU HB3  H N N 182 
LEU HG   H N N 183 
LEU HD11 H N N 184 
LEU HD12 H N N 185 
LEU HD13 H N N 186 
LEU HD21 H N N 187 
LEU HD22 H N N 188 
LEU HD23 H N N 189 
LEU HXT  H N N 190 
LYS N    N N N 191 
LYS CA   C N S 192 
LYS C    C N N 193 
LYS O    O N N 194 
LYS CB   C N N 195 
LYS CG   C N N 196 
LYS CD   C N N 197 
LYS CE   C N N 198 
LYS NZ   N N N 199 
LYS OXT  O N N 200 
LYS H    H N N 201 
LYS H2   H N N 202 
LYS HA   H N N 203 
LYS HB2  H N N 204 
LYS HB3  H N N 205 
LYS HG2  H N N 206 
LYS HG3  H N N 207 
LYS HD2  H N N 208 
LYS HD3  H N N 209 
LYS HE2  H N N 210 
LYS HE3  H N N 211 
LYS HZ1  H N N 212 
LYS HZ2  H N N 213 
LYS HZ3  H N N 214 
LYS HXT  H N N 215 
MET N    N N N 216 
MET CA   C N S 217 
MET C    C N N 218 
MET O    O N N 219 
MET CB   C N N 220 
MET CG   C N N 221 
MET SD   S N N 222 
MET CE   C N N 223 
MET OXT  O N N 224 
MET H    H N N 225 
MET H2   H N N 226 
MET HA   H N N 227 
MET HB2  H N N 228 
MET HB3  H N N 229 
MET HG2  H N N 230 
MET HG3  H N N 231 
MET HE1  H N N 232 
MET HE2  H N N 233 
MET HE3  H N N 234 
MET HXT  H N N 235 
PHE N    N N N 236 
PHE CA   C N S 237 
PHE C    C N N 238 
PHE O    O N N 239 
PHE CB   C N N 240 
PHE CG   C Y N 241 
PHE CD1  C Y N 242 
PHE CD2  C Y N 243 
PHE CE1  C Y N 244 
PHE CE2  C Y N 245 
PHE CZ   C Y N 246 
PHE OXT  O N N 247 
PHE H    H N N 248 
PHE H2   H N N 249 
PHE HA   H N N 250 
PHE HB2  H N N 251 
PHE HB3  H N N 252 
PHE HD1  H N N 253 
PHE HD2  H N N 254 
PHE HE1  H N N 255 
PHE HE2  H N N 256 
PHE HZ   H N N 257 
PHE HXT  H N N 258 
PRO N    N N N 259 
PRO CA   C N S 260 
PRO C    C N N 261 
PRO O    O N N 262 
PRO CB   C N N 263 
PRO CG   C N N 264 
PRO CD   C N N 265 
PRO OXT  O N N 266 
PRO H    H N N 267 
PRO HA   H N N 268 
PRO HB2  H N N 269 
PRO HB3  H N N 270 
PRO HG2  H N N 271 
PRO HG3  H N N 272 
PRO HD2  H N N 273 
PRO HD3  H N N 274 
PRO HXT  H N N 275 
SER N    N N N 276 
SER CA   C N S 277 
SER C    C N N 278 
SER O    O N N 279 
SER CB   C N N 280 
SER OG   O N N 281 
SER OXT  O N N 282 
SER H    H N N 283 
SER H2   H N N 284 
SER HA   H N N 285 
SER HB2  H N N 286 
SER HB3  H N N 287 
SER HG   H N N 288 
SER HXT  H N N 289 
THR N    N N N 290 
THR CA   C N S 291 
THR C    C N N 292 
THR O    O N N 293 
THR CB   C N R 294 
THR OG1  O N N 295 
THR CG2  C N N 296 
THR OXT  O N N 297 
THR H    H N N 298 
THR H2   H N N 299 
THR HA   H N N 300 
THR HB   H N N 301 
THR HG1  H N N 302 
THR HG21 H N N 303 
THR HG22 H N N 304 
THR HG23 H N N 305 
THR HXT  H N N 306 
TYR N    N N N 307 
TYR CA   C N S 308 
TYR C    C N N 309 
TYR O    O N N 310 
TYR CB   C N N 311 
TYR CG   C Y N 312 
TYR CD1  C Y N 313 
TYR CD2  C Y N 314 
TYR CE1  C Y N 315 
TYR CE2  C Y N 316 
TYR CZ   C Y N 317 
TYR OH   O N N 318 
TYR OXT  O N N 319 
TYR H    H N N 320 
TYR H2   H N N 321 
TYR HA   H N N 322 
TYR HB2  H N N 323 
TYR HB3  H N N 324 
TYR HD1  H N N 325 
TYR HD2  H N N 326 
TYR HE1  H N N 327 
TYR HE2  H N N 328 
TYR HH   H N N 329 
TYR HXT  H N N 330 
VAL N    N N N 331 
VAL CA   C N S 332 
VAL C    C N N 333 
VAL O    O N N 334 
VAL CB   C N N 335 
VAL CG1  C N N 336 
VAL CG2  C N N 337 
VAL OXT  O N N 338 
VAL H    H N N 339 
VAL H2   H N N 340 
VAL HA   H N N 341 
VAL HB   H N N 342 
VAL HG11 H N N 343 
VAL HG12 H N N 344 
VAL HG13 H N N 345 
VAL HG21 H N N 346 
VAL HG22 H N N 347 
VAL HG23 H N N 348 
VAL HXT  H N N 349 
# 
loop_
_chem_comp_bond.comp_id 
_chem_comp_bond.atom_id_1 
_chem_comp_bond.atom_id_2 
_chem_comp_bond.value_order 
_chem_comp_bond.pdbx_aromatic_flag 
_chem_comp_bond.pdbx_stereo_config 
_chem_comp_bond.pdbx_ordinal 
ALA N   CA   sing N N 1   
ALA N   H    sing N N 2   
ALA N   H2   sing N N 3   
ALA CA  C    sing N N 4   
ALA CA  CB   sing N N 5   
ALA CA  HA   sing N N 6   
ALA C   O    doub N N 7   
ALA C   OXT  sing N N 8   
ALA CB  HB1  sing N N 9   
ALA CB  HB2  sing N N 10  
ALA CB  HB3  sing N N 11  
ALA OXT HXT  sing N N 12  
ARG N   CA   sing N N 13  
ARG N   H    sing N N 14  
ARG N   H2   sing N N 15  
ARG CA  C    sing N N 16  
ARG CA  CB   sing N N 17  
ARG CA  HA   sing N N 18  
ARG C   O    doub N N 19  
ARG C   OXT  sing N N 20  
ARG CB  CG   sing N N 21  
ARG CB  HB2  sing N N 22  
ARG CB  HB3  sing N N 23  
ARG CG  CD   sing N N 24  
ARG CG  HG2  sing N N 25  
ARG CG  HG3  sing N N 26  
ARG CD  NE   sing N N 27  
ARG CD  HD2  sing N N 28  
ARG CD  HD3  sing N N 29  
ARG NE  CZ   sing N N 30  
ARG NE  HE   sing N N 31  
ARG CZ  NH1  sing N N 32  
ARG CZ  NH2  doub N N 33  
ARG NH1 HH11 sing N N 34  
ARG NH1 HH12 sing N N 35  
ARG NH2 HH21 sing N N 36  
ARG NH2 HH22 sing N N 37  
ARG OXT HXT  sing N N 38  
ASN N   CA   sing N N 39  
ASN N   H    sing N N 40  
ASN N   H2   sing N N 41  
ASN CA  C    sing N N 42  
ASN CA  CB   sing N N 43  
ASN CA  HA   sing N N 44  
ASN C   O    doub N N 45  
ASN C   OXT  sing N N 46  
ASN CB  CG   sing N N 47  
ASN CB  HB2  sing N N 48  
ASN CB  HB3  sing N N 49  
ASN CG  OD1  doub N N 50  
ASN CG  ND2  sing N N 51  
ASN ND2 HD21 sing N N 52  
ASN ND2 HD22 sing N N 53  
ASN OXT HXT  sing N N 54  
ASP N   CA   sing N N 55  
ASP N   H    sing N N 56  
ASP N   H2   sing N N 57  
ASP CA  C    sing N N 58  
ASP CA  CB   sing N N 59  
ASP CA  HA   sing N N 60  
ASP C   O    doub N N 61  
ASP C   OXT  sing N N 62  
ASP CB  CG   sing N N 63  
ASP CB  HB2  sing N N 64  
ASP CB  HB3  sing N N 65  
ASP CG  OD1  doub N N 66  
ASP CG  OD2  sing N N 67  
ASP OD2 HD2  sing N N 68  
ASP OXT HXT  sing N N 69  
GLN N   CA   sing N N 70  
GLN N   H    sing N N 71  
GLN N   H2   sing N N 72  
GLN CA  C    sing N N 73  
GLN CA  CB   sing N N 74  
GLN CA  HA   sing N N 75  
GLN C   O    doub N N 76  
GLN C   OXT  sing N N 77  
GLN CB  CG   sing N N 78  
GLN CB  HB2  sing N N 79  
GLN CB  HB3  sing N N 80  
GLN CG  CD   sing N N 81  
GLN CG  HG2  sing N N 82  
GLN CG  HG3  sing N N 83  
GLN CD  OE1  doub N N 84  
GLN CD  NE2  sing N N 85  
GLN NE2 HE21 sing N N 86  
GLN NE2 HE22 sing N N 87  
GLN OXT HXT  sing N N 88  
GLU N   CA   sing N N 89  
GLU N   H    sing N N 90  
GLU N   H2   sing N N 91  
GLU CA  C    sing N N 92  
GLU CA  CB   sing N N 93  
GLU CA  HA   sing N N 94  
GLU C   O    doub N N 95  
GLU C   OXT  sing N N 96  
GLU CB  CG   sing N N 97  
GLU CB  HB2  sing N N 98  
GLU CB  HB3  sing N N 99  
GLU CG  CD   sing N N 100 
GLU CG  HG2  sing N N 101 
GLU CG  HG3  sing N N 102 
GLU CD  OE1  doub N N 103 
GLU CD  OE2  sing N N 104 
GLU OE2 HE2  sing N N 105 
GLU OXT HXT  sing N N 106 
GLY N   CA   sing N N 107 
GLY N   H    sing N N 108 
GLY N   H2   sing N N 109 
GLY CA  C    sing N N 110 
GLY CA  HA2  sing N N 111 
GLY CA  HA3  sing N N 112 
GLY C   O    doub N N 113 
GLY C   OXT  sing N N 114 
GLY OXT HXT  sing N N 115 
HIS N   CA   sing N N 116 
HIS N   H    sing N N 117 
HIS N   H2   sing N N 118 
HIS CA  C    sing N N 119 
HIS CA  CB   sing N N 120 
HIS CA  HA   sing N N 121 
HIS C   O    doub N N 122 
HIS C   OXT  sing N N 123 
HIS CB  CG   sing N N 124 
HIS CB  HB2  sing N N 125 
HIS CB  HB3  sing N N 126 
HIS CG  ND1  sing Y N 127 
HIS CG  CD2  doub Y N 128 
HIS ND1 CE1  doub Y N 129 
HIS ND1 HD1  sing N N 130 
HIS CD2 NE2  sing Y N 131 
HIS CD2 HD2  sing N N 132 
HIS CE1 NE2  sing Y N 133 
HIS CE1 HE1  sing N N 134 
HIS NE2 HE2  sing N N 135 
HIS OXT HXT  sing N N 136 
HOH O   H1   sing N N 137 
HOH O   H2   sing N N 138 
ILE N   CA   sing N N 139 
ILE N   H    sing N N 140 
ILE N   H2   sing N N 141 
ILE CA  C    sing N N 142 
ILE CA  CB   sing N N 143 
ILE CA  HA   sing N N 144 
ILE C   O    doub N N 145 
ILE C   OXT  sing N N 146 
ILE CB  CG1  sing N N 147 
ILE CB  CG2  sing N N 148 
ILE CB  HB   sing N N 149 
ILE CG1 CD1  sing N N 150 
ILE CG1 HG12 sing N N 151 
ILE CG1 HG13 sing N N 152 
ILE CG2 HG21 sing N N 153 
ILE CG2 HG22 sing N N 154 
ILE CG2 HG23 sing N N 155 
ILE CD1 HD11 sing N N 156 
ILE CD1 HD12 sing N N 157 
ILE CD1 HD13 sing N N 158 
ILE OXT HXT  sing N N 159 
LEU N   CA   sing N N 160 
LEU N   H    sing N N 161 
LEU N   H2   sing N N 162 
LEU CA  C    sing N N 163 
LEU CA  CB   sing N N 164 
LEU CA  HA   sing N N 165 
LEU C   O    doub N N 166 
LEU C   OXT  sing N N 167 
LEU CB  CG   sing N N 168 
LEU CB  HB2  sing N N 169 
LEU CB  HB3  sing N N 170 
LEU CG  CD1  sing N N 171 
LEU CG  CD2  sing N N 172 
LEU CG  HG   sing N N 173 
LEU CD1 HD11 sing N N 174 
LEU CD1 HD12 sing N N 175 
LEU CD1 HD13 sing N N 176 
LEU CD2 HD21 sing N N 177 
LEU CD2 HD22 sing N N 178 
LEU CD2 HD23 sing N N 179 
LEU OXT HXT  sing N N 180 
LYS N   CA   sing N N 181 
LYS N   H    sing N N 182 
LYS N   H2   sing N N 183 
LYS CA  C    sing N N 184 
LYS CA  CB   sing N N 185 
LYS CA  HA   sing N N 186 
LYS C   O    doub N N 187 
LYS C   OXT  sing N N 188 
LYS CB  CG   sing N N 189 
LYS CB  HB2  sing N N 190 
LYS CB  HB3  sing N N 191 
LYS CG  CD   sing N N 192 
LYS CG  HG2  sing N N 193 
LYS CG  HG3  sing N N 194 
LYS CD  CE   sing N N 195 
LYS CD  HD2  sing N N 196 
LYS CD  HD3  sing N N 197 
LYS CE  NZ   sing N N 198 
LYS CE  HE2  sing N N 199 
LYS CE  HE3  sing N N 200 
LYS NZ  HZ1  sing N N 201 
LYS NZ  HZ2  sing N N 202 
LYS NZ  HZ3  sing N N 203 
LYS OXT HXT  sing N N 204 
MET N   CA   sing N N 205 
MET N   H    sing N N 206 
MET N   H2   sing N N 207 
MET CA  C    sing N N 208 
MET CA  CB   sing N N 209 
MET CA  HA   sing N N 210 
MET C   O    doub N N 211 
MET C   OXT  sing N N 212 
MET CB  CG   sing N N 213 
MET CB  HB2  sing N N 214 
MET CB  HB3  sing N N 215 
MET CG  SD   sing N N 216 
MET CG  HG2  sing N N 217 
MET CG  HG3  sing N N 218 
MET SD  CE   sing N N 219 
MET CE  HE1  sing N N 220 
MET CE  HE2  sing N N 221 
MET CE  HE3  sing N N 222 
MET OXT HXT  sing N N 223 
PHE N   CA   sing N N 224 
PHE N   H    sing N N 225 
PHE N   H2   sing N N 226 
PHE CA  C    sing N N 227 
PHE CA  CB   sing N N 228 
PHE CA  HA   sing N N 229 
PHE C   O    doub N N 230 
PHE C   OXT  sing N N 231 
PHE CB  CG   sing N N 232 
PHE CB  HB2  sing N N 233 
PHE CB  HB3  sing N N 234 
PHE CG  CD1  doub Y N 235 
PHE CG  CD2  sing Y N 236 
PHE CD1 CE1  sing Y N 237 
PHE CD1 HD1  sing N N 238 
PHE CD2 CE2  doub Y N 239 
PHE CD2 HD2  sing N N 240 
PHE CE1 CZ   doub Y N 241 
PHE CE1 HE1  sing N N 242 
PHE CE2 CZ   sing Y N 243 
PHE CE2 HE2  sing N N 244 
PHE CZ  HZ   sing N N 245 
PHE OXT HXT  sing N N 246 
PRO N   CA   sing N N 247 
PRO N   CD   sing N N 248 
PRO N   H    sing N N 249 
PRO CA  C    sing N N 250 
PRO CA  CB   sing N N 251 
PRO CA  HA   sing N N 252 
PRO C   O    doub N N 253 
PRO C   OXT  sing N N 254 
PRO CB  CG   sing N N 255 
PRO CB  HB2  sing N N 256 
PRO CB  HB3  sing N N 257 
PRO CG  CD   sing N N 258 
PRO CG  HG2  sing N N 259 
PRO CG  HG3  sing N N 260 
PRO CD  HD2  sing N N 261 
PRO CD  HD3  sing N N 262 
PRO OXT HXT  sing N N 263 
SER N   CA   sing N N 264 
SER N   H    sing N N 265 
SER N   H2   sing N N 266 
SER CA  C    sing N N 267 
SER CA  CB   sing N N 268 
SER CA  HA   sing N N 269 
SER C   O    doub N N 270 
SER C   OXT  sing N N 271 
SER CB  OG   sing N N 272 
SER CB  HB2  sing N N 273 
SER CB  HB3  sing N N 274 
SER OG  HG   sing N N 275 
SER OXT HXT  sing N N 276 
THR N   CA   sing N N 277 
THR N   H    sing N N 278 
THR N   H2   sing N N 279 
THR CA  C    sing N N 280 
THR CA  CB   sing N N 281 
THR CA  HA   sing N N 282 
THR C   O    doub N N 283 
THR C   OXT  sing N N 284 
THR CB  OG1  sing N N 285 
THR CB  CG2  sing N N 286 
THR CB  HB   sing N N 287 
THR OG1 HG1  sing N N 288 
THR CG2 HG21 sing N N 289 
THR CG2 HG22 sing N N 290 
THR CG2 HG23 sing N N 291 
THR OXT HXT  sing N N 292 
TYR N   CA   sing N N 293 
TYR N   H    sing N N 294 
TYR N   H2   sing N N 295 
TYR CA  C    sing N N 296 
TYR CA  CB   sing N N 297 
TYR CA  HA   sing N N 298 
TYR C   O    doub N N 299 
TYR C   OXT  sing N N 300 
TYR CB  CG   sing N N 301 
TYR CB  HB2  sing N N 302 
TYR CB  HB3  sing N N 303 
TYR CG  CD1  doub Y N 304 
TYR CG  CD2  sing Y N 305 
TYR CD1 CE1  sing Y N 306 
TYR CD1 HD1  sing N N 307 
TYR CD2 CE2  doub Y N 308 
TYR CD2 HD2  sing N N 309 
TYR CE1 CZ   doub Y N 310 
TYR CE1 HE1  sing N N 311 
TYR CE2 CZ   sing Y N 312 
TYR CE2 HE2  sing N N 313 
TYR CZ  OH   sing N N 314 
TYR OH  HH   sing N N 315 
TYR OXT HXT  sing N N 316 
VAL N   CA   sing N N 317 
VAL N   H    sing N N 318 
VAL N   H2   sing N N 319 
VAL CA  C    sing N N 320 
VAL CA  CB   sing N N 321 
VAL CA  HA   sing N N 322 
VAL C   O    doub N N 323 
VAL C   OXT  sing N N 324 
VAL CB  CG1  sing N N 325 
VAL CB  CG2  sing N N 326 
VAL CB  HB   sing N N 327 
VAL CG1 HG11 sing N N 328 
VAL CG1 HG12 sing N N 329 
VAL CG1 HG13 sing N N 330 
VAL CG2 HG21 sing N N 331 
VAL CG2 HG22 sing N N 332 
VAL CG2 HG23 sing N N 333 
VAL OXT HXT  sing N N 334 
# 
_atom_sites.entry_id                    2E7V 
_atom_sites.fract_transf_matrix[1][1]   0.00473571 
_atom_sites.fract_transf_matrix[1][2]   0.00757514 
_atom_sites.fract_transf_matrix[1][3]   0.02496044 
_atom_sites.fract_transf_matrix[2][1]   0.02036168 
_atom_sites.fract_transf_matrix[2][2]   -0.01151897 
_atom_sites.fract_transf_matrix[2][3]   -0.00036736 
_atom_sites.fract_transf_matrix[3][1]   0.00390005 
_atom_sites.fract_transf_matrix[3][2]   0.00698519 
_atom_sites.fract_transf_matrix[3][3]   -0.00285986 
_atom_sites.fract_transf_vector[1]      0.912120 
_atom_sites.fract_transf_vector[2]      0.624552 
_atom_sites.fract_transf_vector[3]      0.376955 
# 
loop_
_atom_type.symbol 
C 
N 
O 
S 
# 
loop_
_atom_site.group_PDB 
_atom_site.id 
_atom_site.type_symbol 
_atom_site.label_atom_id 
_atom_site.label_alt_id 
_atom_site.label_comp_id 
_atom_site.label_asym_id 
_atom_site.label_entity_id 
_atom_site.label_seq_id 
_atom_site.pdbx_PDB_ins_code 
_atom_site.Cartn_x 
_atom_site.Cartn_y 
_atom_site.Cartn_z 
_atom_site.occupancy 
_atom_site.B_iso_or_equiv 
_atom_site.pdbx_formal_charge 
_atom_site.auth_seq_id 
_atom_site.auth_comp_id 
_atom_site.auth_asym_id 
_atom_site.auth_atom_id 
_atom_site.pdbx_PDB_model_num 
ATOM   1   N N   . LYS A 1 2   ? -24.440 9.249   3.631   1.00 38.85 ? 45  LYS A N   1 
ATOM   2   C CA  . LYS A 1 2   ? -23.518 8.449   4.484   1.00 37.87 ? 45  LYS A CA  1 
ATOM   3   C C   . LYS A 1 2   ? -22.397 9.308   5.068   1.00 36.71 ? 45  LYS A C   1 
ATOM   4   O O   . LYS A 1 2   ? -22.507 10.531  5.105   1.00 35.81 ? 45  LYS A O   1 
ATOM   5   C CB  . LYS A 1 2   ? -22.930 7.302   3.669   1.00 40.45 ? 45  LYS A CB  1 
ATOM   6   C CG  . LYS A 1 2   ? -22.314 7.710   2.347   1.00 42.14 ? 45  LYS A CG  1 
ATOM   7   C CD  . LYS A 1 2   ? -21.663 6.511   1.677   1.00 45.76 ? 45  LYS A CD  1 
ATOM   8   C CE  . LYS A 1 2   ? -22.652 5.366   1.485   1.00 49.52 ? 45  LYS A CE  1 
ATOM   9   N NZ  . LYS A 1 2   ? -22.006 4.155   0.896   1.00 52.30 ? 45  LYS A NZ  1 
ATOM   10  N N   . LYS A 1 3   ? -21.319 8.670   5.520   1.00 34.22 ? 46  LYS A N   1 
ATOM   11  C CA  . LYS A 1 3   ? -20.197 9.397   6.114   1.00 32.49 ? 46  LYS A CA  1 
ATOM   12  C C   . LYS A 1 3   ? -18.843 8.959   5.556   1.00 29.55 ? 46  LYS A C   1 
ATOM   13  O O   . LYS A 1 3   ? -18.688 7.839   5.073   1.00 29.31 ? 46  LYS A O   1 
ATOM   14  C CB  . LYS A 1 3   ? -20.205 9.206   7.632   1.00 32.82 ? 46  LYS A CB  1 
ATOM   15  C CG  . LYS A 1 3   ? -19.999 7.762   8.054   1.00 38.66 ? 46  LYS A CG  1 
ATOM   16  C CD  . LYS A 1 3   ? -20.963 7.351   9.154   1.00 42.71 ? 46  LYS A CD  1 
ATOM   17  C CE  . LYS A 1 3   ? -20.738 8.140   10.429  1.00 47.31 ? 46  LYS A CE  1 
ATOM   18  N NZ  . LYS A 1 3   ? -21.694 7.723   11.498  1.00 50.53 ? 46  LYS A NZ  1 
ATOM   19  N N   . ALA A 1 4   ? -17.860 9.848   5.644   1.00 26.52 ? 47  ALA A N   1 
ATOM   20  C CA  . ALA A 1 4   ? -16.522 9.562   5.149   1.00 21.40 ? 47  ALA A CA  1 
ATOM   21  C C   . ALA A 1 4   ? -15.582 9.123   6.265   1.00 19.44 ? 47  ALA A C   1 
ATOM   22  O O   . ALA A 1 4   ? -15.653 9.630   7.386   1.00 17.96 ? 47  ALA A O   1 
ATOM   23  C CB  . ALA A 1 4   ? -15.956 10.800  4.455   1.00 21.69 ? 47  ALA A CB  1 
ATOM   24  N N   . TYR A 1 5   ? -14.701 8.176   5.946   1.00 17.78 ? 48  TYR A N   1 
ATOM   25  C CA  . TYR A 1 5   ? -13.720 7.665   6.896   1.00 15.11 ? 48  TYR A CA  1 
ATOM   26  C C   . TYR A 1 5   ? -12.351 7.652   6.238   1.00 14.89 ? 48  TYR A C   1 
ATOM   27  O O   . TYR A 1 5   ? -12.230 7.365   5.043   1.00 16.96 ? 48  TYR A O   1 
ATOM   28  C CB  . TYR A 1 5   ? -14.065 6.229   7.308   1.00 21.16 ? 48  TYR A CB  1 
ATOM   29  C CG  . TYR A 1 5   ? -15.089 6.090   8.412   1.00 25.49 ? 48  TYR A CG  1 
ATOM   30  C CD1 . TYR A 1 5   ? -15.816 4.912   8.566   1.00 28.52 ? 48  TYR A CD1 1 
ATOM   31  C CD2 . TYR A 1 5   ? -15.312 7.125   9.321   1.00 30.18 ? 48  TYR A CD2 1 
ATOM   32  C CE1 . TYR A 1 5   ? -16.742 4.763   9.599   1.00 29.19 ? 48  TYR A CE1 1 
ATOM   33  C CE2 . TYR A 1 5   ? -16.233 6.988   10.360  1.00 33.18 ? 48  TYR A CE2 1 
ATOM   34  C CZ  . TYR A 1 5   ? -16.943 5.806   10.492  1.00 32.19 ? 48  TYR A CZ  1 
ATOM   35  O OH  . TYR A 1 5   ? -17.844 5.668   11.526  1.00 36.65 ? 48  TYR A OH  1 
ATOM   36  N N   . PHE A 1 6   ? -11.322 7.958   7.020   1.00 13.39 ? 49  PHE A N   1 
ATOM   37  C CA  . PHE A 1 6   ? -9.953  7.924   6.534   1.00 12.64 ? 49  PHE A CA  1 
ATOM   38  C C   . PHE A 1 6   ? -9.141  6.949   7.373   1.00 14.05 ? 49  PHE A C   1 
ATOM   39  O O   . PHE A 1 6   ? -9.291  6.875   8.603   1.00 14.46 ? 49  PHE A O   1 
ATOM   40  C CB  . PHE A 1 6   ? -9.302  9.303   6.622   1.00 14.54 ? 49  PHE A CB  1 
ATOM   41  C CG  . PHE A 1 6   ? -9.796  10.273  5.597   1.00 14.30 ? 49  PHE A CG  1 
ATOM   42  C CD1 . PHE A 1 6   ? -9.264  10.275  4.313   1.00 13.68 ? 49  PHE A CD1 1 
ATOM   43  C CD2 . PHE A 1 6   ? -10.800 11.190  5.912   1.00 15.67 ? 49  PHE A CD2 1 
ATOM   44  C CE1 . PHE A 1 6   ? -9.721  11.177  3.349   1.00 18.08 ? 49  PHE A CE1 1 
ATOM   45  C CE2 . PHE A 1 6   ? -11.266 12.099  4.956   1.00 15.22 ? 49  PHE A CE2 1 
ATOM   46  C CZ  . PHE A 1 6   ? -10.724 12.092  3.672   1.00 14.71 ? 49  PHE A CZ  1 
ATOM   47  N N   . TYR A 1 7   ? -8.280  6.201   6.697   1.00 11.68 ? 50  TYR A N   1 
ATOM   48  C CA  . TYR A 1 7   ? -7.396  5.260   7.348   1.00 11.25 ? 50  TYR A CA  1 
ATOM   49  C C   . TYR A 1 7   ? -6.028  5.477   6.725   1.00 13.69 ? 50  TYR A C   1 
ATOM   50  O O   . TYR A 1 7   ? -5.919  5.843   5.557   1.00 11.14 ? 50  TYR A O   1 
ATOM   51  C CB  . TYR A 1 7   ? -7.851  3.821   7.095   1.00 12.86 ? 50  TYR A CB  1 
ATOM   52  C CG  . TYR A 1 7   ? -9.123  3.482   7.814   1.00 12.79 ? 50  TYR A CG  1 
ATOM   53  C CD1 . TYR A 1 7   ? -9.102  2.887   9.082   1.00 9.25  ? 50  TYR A CD1 1 
ATOM   54  C CD2 . TYR A 1 7   ? -10.355 3.831   7.264   1.00 14.33 ? 50  TYR A CD2 1 
ATOM   55  C CE1 . TYR A 1 7   ? -10.295 2.659   9.788   1.00 14.94 ? 50  TYR A CE1 1 
ATOM   56  C CE2 . TYR A 1 7   ? -11.536 3.611   7.953   1.00 17.87 ? 50  TYR A CE2 1 
ATOM   57  C CZ  . TYR A 1 7   ? -11.504 3.029   9.209   1.00 15.36 ? 50  TYR A CZ  1 
ATOM   58  O OH  . TYR A 1 7   ? -12.695 2.841   9.873   1.00 21.10 ? 50  TYR A OH  1 
ATOM   59  N N   . HIS A 1 8   ? -4.987  5.264   7.511   1.00 14.27 ? 51  HIS A N   1 
ATOM   60  C CA  . HIS A 1 8   ? -3.631  5.401   7.012   1.00 13.56 ? 51  HIS A CA  1 
ATOM   61  C C   . HIS A 1 8   ? -2.749  4.349   7.647   1.00 14.03 ? 51  HIS A C   1 
ATOM   62  O O   . HIS A 1 8   ? -3.016  3.895   8.762   1.00 13.79 ? 51  HIS A O   1 
ATOM   63  C CB  . HIS A 1 8   ? -3.070  6.805   7.300   1.00 17.24 ? 51  HIS A CB  1 
ATOM   64  C CG  . HIS A 1 8   ? -2.832  7.094   8.750   1.00 17.48 ? 51  HIS A CG  1 
ATOM   65  N ND1 . HIS A 1 8   ? -3.827  7.524   9.600   1.00 16.30 ? 51  HIS A ND1 1 
ATOM   66  C CD2 . HIS A 1 8   ? -1.705  7.018   9.500   1.00 17.64 ? 51  HIS A CD2 1 
ATOM   67  C CE1 . HIS A 1 8   ? -3.326  7.699   10.810  1.00 20.32 ? 51  HIS A CE1 1 
ATOM   68  N NE2 . HIS A 1 8   ? -2.039  7.398   10.776  1.00 20.00 ? 51  HIS A NE2 1 
ATOM   69  N N   . SER A 1 9   ? -1.709  3.952   6.922   1.00 13.93 ? 52  SER A N   1 
ATOM   70  C CA  . SER A 1 9   ? -0.767  2.963   7.406   1.00 17.33 ? 52  SER A CA  1 
ATOM   71  C C   . SER A 1 9   ? 0.576   3.204   6.744   1.00 15.92 ? 52  SER A C   1 
ATOM   72  O O   . SER A 1 9   ? 0.667   3.896   5.720   1.00 15.76 ? 52  SER A O   1 
ATOM   73  C CB  . SER A 1 9   ? -1.250  1.552   7.057   1.00 19.55 ? 52  SER A CB  1 
ATOM   74  O OG  . SER A 1 9   ? -2.634  1.418   7.329   1.00 21.94 ? 52  SER A OG  1 
ATOM   75  N N   . SER A 1 10  ? 1.621   2.645   7.344   1.00 12.87 ? 53  SER A N   1 
ATOM   76  C CA  . SER A 1 10  ? 2.963   2.737   6.788   1.00 12.95 ? 53  SER A CA  1 
ATOM   77  C C   . SER A 1 10  ? 3.253   1.338   6.266   1.00 12.84 ? 53  SER A C   1 
ATOM   78  O O   . SER A 1 10  ? 3.302   0.369   7.033   1.00 12.98 ? 53  SER A O   1 
ATOM   79  C CB  . SER A 1 10  ? 3.973   3.121   7.865   1.00 17.84 ? 53  SER A CB  1 
ATOM   80  O OG  . SER A 1 10  ? 3.747   4.447   8.312   1.00 18.45 ? 53  SER A OG  1 
ATOM   81  N N   . PHE A 1 11  ? 3.407   1.232   4.954   1.00 7.97  ? 54  PHE A N   1 
ATOM   82  C CA  . PHE A 1 11  ? 3.657   -0.045  4.309   1.00 9.86  ? 54  PHE A CA  1 
ATOM   83  C C   . PHE A 1 11  ? 5.109   -0.218  3.929   1.00 10.15 ? 54  PHE A C   1 
ATOM   84  O O   . PHE A 1 11  ? 5.715   0.671   3.316   1.00 8.90  ? 54  PHE A O   1 
ATOM   85  C CB  . PHE A 1 11  ? 2.866   -0.161  3.011   1.00 10.30 ? 54  PHE A CB  1 
ATOM   86  C CG  . PHE A 1 11  ? 1.385   -0.229  3.190   1.00 8.95  ? 54  PHE A CG  1 
ATOM   87  C CD1 . PHE A 1 11  ? 0.751   -1.461  3.381   1.00 12.90 ? 54  PHE A CD1 1 
ATOM   88  C CD2 . PHE A 1 11  ? 0.611   0.923   3.107   1.00 9.91  ? 54  PHE A CD2 1 
ATOM   89  C CE1 . PHE A 1 11  ? -0.648  -1.533  3.478   1.00 12.98 ? 54  PHE A CE1 1 
ATOM   90  C CE2 . PHE A 1 11  ? -0.769  0.859   3.205   1.00 13.48 ? 54  PHE A CE2 1 
ATOM   91  C CZ  . PHE A 1 11  ? -1.404  -0.379  3.389   1.00 12.40 ? 54  PHE A CZ  1 
ATOM   92  N N   . GLN A 1 12  ? 5.664   -1.371  4.260   1.00 12.08 ? 55  GLN A N   1 
ATOM   93  C CA  . GLN A 1 12  ? 7.034   -1.654  3.860   1.00 16.07 ? 55  GLN A CA  1 
ATOM   94  C C   . GLN A 1 12  ? 6.958   -1.870  2.340   1.00 14.44 ? 55  GLN A C   1 
ATOM   95  O O   . GLN A 1 12  ? 6.157   -2.672  1.865   1.00 15.87 ? 55  GLN A O   1 
ATOM   96  C CB  . GLN A 1 12  ? 7.538   -2.929  4.545   1.00 15.05 ? 55  GLN A CB  1 
ATOM   97  C CG  . GLN A 1 12  ? 7.879   -2.764  6.022   1.00 25.40 ? 55  GLN A CG  1 
ATOM   98  C CD  . GLN A 1 12  ? 6.932   -3.515  6.939   1.00 31.31 ? 55  GLN A CD  1 
ATOM   99  O OE1 . GLN A 1 12  ? 5.935   -2.965  7.419   1.00 36.70 ? 55  GLN A OE1 1 
ATOM   100 N NE2 . GLN A 1 12  ? 7.234   -4.787  7.180   1.00 34.63 ? 55  GLN A NE2 1 
ATOM   101 N N   . ILE A 1 13  ? 7.776   -1.155  1.575   1.00 12.76 ? 56  ILE A N   1 
ATOM   102 C CA  . ILE A 1 13  ? 7.754   -1.304  0.123   1.00 12.46 ? 56  ILE A CA  1 
ATOM   103 C C   . ILE A 1 13  ? 8.879   -2.258  -0.250  1.00 16.95 ? 56  ILE A C   1 
ATOM   104 O O   . ILE A 1 13  ? 10.036  -1.865  -0.383  1.00 17.58 ? 56  ILE A O   1 
ATOM   105 C CB  . ILE A 1 13  ? 7.925   0.071   -0.582  1.00 14.85 ? 56  ILE A CB  1 
ATOM   106 C CG1 . ILE A 1 13  ? 6.837   1.042   -0.092  1.00 13.24 ? 56  ILE A CG1 1 
ATOM   107 C CG2 . ILE A 1 13  ? 7.822   -0.094  -2.099  1.00 10.84 ? 56  ILE A CG2 1 
ATOM   108 C CD1 . ILE A 1 13  ? 5.389   0.503   -0.224  1.00 18.98 ? 56  ILE A CD1 1 
ATOM   109 N N   . LEU A 1 14  ? 8.517   -3.527  -0.406  1.00 16.53 ? 57  LEU A N   1 
ATOM   110 C CA  . LEU A 1 14  ? 9.472   -4.583  -0.699  1.00 15.48 ? 57  LEU A CA  1 
ATOM   111 C C   . LEU A 1 14  ? 10.207  -4.489  -2.032  1.00 12.17 ? 57  LEU A C   1 
ATOM   112 O O   . LEU A 1 14  ? 9.669   -4.019  -3.030  1.00 13.30 ? 57  LEU A O   1 
ATOM   113 C CB  . LEU A 1 14  ? 8.768   -5.948  -0.609  1.00 15.80 ? 57  LEU A CB  1 
ATOM   114 C CG  . LEU A 1 14  ? 7.874   -6.227  0.607   1.00 16.12 ? 57  LEU A CG  1 
ATOM   115 C CD1 . LEU A 1 14  ? 7.298   -7.640  0.510   1.00 20.00 ? 57  LEU A CD1 1 
ATOM   116 C CD2 . LEU A 1 14  ? 8.682   -6.083  1.895   1.00 19.23 ? 57  LEU A CD2 1 
ATOM   117 N N   . ASN A 1 15  ? 11.460  -4.933  -2.017  1.00 16.30 ? 58  ASN A N   1 
ATOM   118 C CA  . ASN A 1 15  ? 12.303  -4.997  -3.205  1.00 18.92 ? 58  ASN A CA  1 
ATOM   119 C C   . ASN A 1 15  ? 12.648  -3.675  -3.901  1.00 21.30 ? 58  ASN A C   1 
ATOM   120 O O   . ASN A 1 15  ? 12.895  -3.651  -5.109  1.00 20.74 ? 58  ASN A O   1 
ATOM   121 C CB  . ASN A 1 15  ? 11.651  -5.975  -4.188  1.00 17.13 ? 58  ASN A CB  1 
ATOM   122 C CG  . ASN A 1 15  ? 11.249  -7.285  -3.513  1.00 19.04 ? 58  ASN A CG  1 
ATOM   123 O OD1 . ASN A 1 15  ? 10.250  -7.922  -3.873  1.00 19.07 ? 58  ASN A OD1 1 
ATOM   124 N ND2 . ASN A 1 15  ? 12.036  -7.694  -2.525  1.00 12.81 ? 58  ASN A ND2 1 
ATOM   125 N N   . VAL A 1 16  ? 12.659  -2.580  -3.147  1.00 18.93 ? 59  VAL A N   1 
ATOM   126 C CA  . VAL A 1 16  ? 13.013  -1.279  -3.715  1.00 19.65 ? 59  VAL A CA  1 
ATOM   127 C C   . VAL A 1 16  ? 14.035  -0.601  -2.807  1.00 19.45 ? 59  VAL A C   1 
ATOM   128 O O   . VAL A 1 16  ? 13.789  -0.390  -1.618  1.00 16.55 ? 59  VAL A O   1 
ATOM   129 C CB  . VAL A 1 16  ? 11.794  -0.339  -3.850  1.00 17.93 ? 59  VAL A CB  1 
ATOM   130 C CG1 . VAL A 1 16  ? 12.224  0.967   -4.497  1.00 19.83 ? 59  VAL A CG1 1 
ATOM   131 C CG2 . VAL A 1 16  ? 10.705  -0.998  -4.657  1.00 16.35 ? 59  VAL A CG2 1 
ATOM   132 N N   . GLU A 1 17  ? 15.197  -0.281  -3.361  1.00 20.95 ? 60  GLU A N   1 
ATOM   133 C CA  . GLU A 1 17  ? 16.219  0.388   -2.575  1.00 19.63 ? 60  GLU A CA  1 
ATOM   134 C C   . GLU A 1 17  ? 15.878  1.866   -2.537  1.00 18.89 ? 60  GLU A C   1 
ATOM   135 O O   . GLU A 1 17  ? 15.422  2.426   -3.532  1.00 19.58 ? 60  GLU A O   1 
ATOM   136 C CB  . GLU A 1 17  ? 17.603  0.197   -3.206  1.00 20.57 ? 60  GLU A CB  1 
ATOM   137 C CG  . GLU A 1 17  ? 18.719  0.939   -2.476  1.00 22.95 ? 60  GLU A CG  1 
ATOM   138 C CD  . GLU A 1 17  ? 20.091  0.717   -3.108  1.00 25.64 ? 60  GLU A CD  1 
ATOM   139 O OE1 . GLU A 1 17  ? 21.044  1.419   -2.718  1.00 25.59 ? 60  GLU A OE1 1 
ATOM   140 O OE2 . GLU A 1 17  ? 20.213  -0.159  -3.989  1.00 27.68 ? 60  GLU A OE2 1 
ATOM   141 N N   . TYR A 1 18  ? 16.078  2.492   -1.389  1.00 18.15 ? 61  TYR A N   1 
ATOM   142 C CA  . TYR A 1 18  ? 15.810  3.916   -1.267  1.00 22.15 ? 61  TYR A CA  1 
ATOM   143 C C   . TYR A 1 18  ? 16.992  4.654   -1.902  1.00 20.96 ? 61  TYR A C   1 
ATOM   144 O O   . TYR A 1 18  ? 18.135  4.439   -1.515  1.00 26.91 ? 61  TYR A O   1 
ATOM   145 C CB  . TYR A 1 18  ? 15.681  4.314   0.207   1.00 16.81 ? 61  TYR A CB  1 
ATOM   146 C CG  . TYR A 1 18  ? 15.216  5.734   0.406   1.00 22.65 ? 61  TYR A CG  1 
ATOM   147 C CD1 . TYR A 1 18  ? 13.852  6.043   0.490   1.00 21.12 ? 61  TYR A CD1 1 
ATOM   148 C CD2 . TYR A 1 18  ? 16.131  6.779   0.470   1.00 21.48 ? 61  TYR A CD2 1 
ATOM   149 C CE1 . TYR A 1 18  ? 13.420  7.367   0.631   1.00 21.76 ? 61  TYR A CE1 1 
ATOM   150 C CE2 . TYR A 1 18  ? 15.710  8.100   0.606   1.00 26.26 ? 61  TYR A CE2 1 
ATOM   151 C CZ  . TYR A 1 18  ? 14.359  8.389   0.687   1.00 23.40 ? 61  TYR A CZ  1 
ATOM   152 O OH  . TYR A 1 18  ? 13.959  9.701   0.821   1.00 22.87 ? 61  TYR A OH  1 
ATOM   153 N N   . THR A 1 19  ? 16.713  5.504   -2.882  1.00 23.36 ? 62  THR A N   1 
ATOM   154 C CA  . THR A 1 19  ? 17.753  6.276   -3.570  1.00 21.19 ? 62  THR A CA  1 
ATOM   155 C C   . THR A 1 19  ? 17.433  7.760   -3.397  1.00 20.33 ? 62  THR A C   1 
ATOM   156 O O   . THR A 1 19  ? 16.324  8.098   -3.005  1.00 17.37 ? 62  THR A O   1 
ATOM   157 C CB  . THR A 1 19  ? 17.779  5.932   -5.059  1.00 22.48 ? 62  THR A CB  1 
ATOM   158 O OG1 . THR A 1 19  ? 16.479  6.161   -5.628  1.00 20.67 ? 62  THR A OG1 1 
ATOM   159 C CG2 . THR A 1 19  ? 18.160  4.470   -5.255  1.00 26.04 ? 62  THR A CG2 1 
ATOM   160 N N   . GLU A 1 20  ? 18.384  8.647   -3.693  1.00 21.72 ? 63  GLU A N   1 
ATOM   161 C CA  . GLU A 1 20  ? 18.152  10.085  -3.522  1.00 22.27 ? 63  GLU A CA  1 
ATOM   162 C C   . GLU A 1 20  ? 16.909  10.614  -4.221  1.00 20.38 ? 63  GLU A C   1 
ATOM   163 O O   . GLU A 1 20  ? 16.199  11.471  -3.682  1.00 21.95 ? 63  GLU A O   1 
ATOM   164 C CB  . GLU A 1 20  ? 19.366  10.887  -3.986  1.00 27.91 ? 63  GLU A CB  1 
ATOM   165 C CG  . GLU A 1 20  ? 20.492  10.853  -2.993  1.00 34.46 ? 63  GLU A CG  1 
ATOM   166 C CD  . GLU A 1 20  ? 20.057  11.383  -1.645  1.00 36.67 ? 63  GLU A CD  1 
ATOM   167 O OE1 . GLU A 1 20  ? 20.003  12.621  -1.480  1.00 39.00 ? 63  GLU A OE1 1 
ATOM   168 O OE2 . GLU A 1 20  ? 19.752  10.558  -0.757  1.00 38.79 ? 63  GLU A OE2 1 
ATOM   169 N N   . ALA A 1 21  ? 16.650  10.119  -5.422  1.00 18.79 ? 64  ALA A N   1 
ATOM   170 C CA  . ALA A 1 21  ? 15.483  10.553  -6.167  1.00 18.09 ? 64  ALA A CA  1 
ATOM   171 C C   . ALA A 1 21  ? 14.227  10.444  -5.312  1.00 16.10 ? 64  ALA A C   1 
ATOM   172 O O   . ALA A 1 21  ? 13.275  11.191  -5.516  1.00 18.78 ? 64  ALA A O   1 
ATOM   173 C CB  . ALA A 1 21  ? 15.320  9.715   -7.432  1.00 18.21 ? 64  ALA A CB  1 
ATOM   174 N N   . LEU A 1 22  ? 14.222  9.523   -4.350  1.00 16.33 ? 65  LEU A N   1 
ATOM   175 C CA  . LEU A 1 22  ? 13.040  9.346   -3.509  1.00 18.55 ? 65  LEU A CA  1 
ATOM   176 C C   . LEU A 1 22  ? 12.853  10.425  -2.447  1.00 21.32 ? 65  LEU A C   1 
ATOM   177 O O   . LEU A 1 22  ? 11.810  10.475  -1.797  1.00 15.79 ? 65  LEU A O   1 
ATOM   178 C CB  . LEU A 1 22  ? 13.041  7.954   -2.861  1.00 15.48 ? 65  LEU A CB  1 
ATOM   179 C CG  . LEU A 1 22  ? 12.968  6.773   -3.844  1.00 14.19 ? 65  LEU A CG  1 
ATOM   180 C CD1 . LEU A 1 22  ? 12.630  5.502   -3.080  1.00 14.63 ? 65  LEU A CD1 1 
ATOM   181 C CD2 . LEU A 1 22  ? 11.908  7.045   -4.916  1.00 14.20 ? 65  LEU A CD2 1 
ATOM   182 N N   . ASN A 1 23  ? 13.850  11.300  -2.293  1.00 23.08 ? 66  ASN A N   1 
ATOM   183 C CA  . ASN A 1 23  ? 13.792  12.393  -1.319  1.00 24.76 ? 66  ASN A CA  1 
ATOM   184 C C   . ASN A 1 23  ? 12.832  13.488  -1.761  1.00 25.64 ? 66  ASN A C   1 
ATOM   185 O O   . ASN A 1 23  ? 12.337  14.274  -0.947  1.00 25.69 ? 66  ASN A O   1 
ATOM   186 C CB  . ASN A 1 23  ? 15.169  13.049  -1.157  1.00 27.21 ? 66  ASN A CB  1 
ATOM   187 C CG  . ASN A 1 23  ? 16.077  12.300  -0.220  1.00 26.91 ? 66  ASN A CG  1 
ATOM   188 O OD1 . ASN A 1 23  ? 15.699  11.285  0.360   1.00 30.28 ? 66  ASN A OD1 1 
ATOM   189 N ND2 . ASN A 1 23  ? 17.289  12.804  -0.057  1.00 29.77 ? 66  ASN A ND2 1 
ATOM   190 N N   . SER A 1 24  ? 12.596  13.551  -3.063  1.00 23.47 ? 67  SER A N   1 
ATOM   191 C CA  . SER A 1 24  ? 11.740  14.577  -3.623  1.00 22.40 ? 67  SER A CA  1 
ATOM   192 C C   . SER A 1 24  ? 10.514  14.043  -4.337  1.00 21.06 ? 67  SER A C   1 
ATOM   193 O O   . SER A 1 24  ? 10.618  13.240  -5.257  1.00 21.84 ? 67  SER A O   1 
ATOM   194 C CB  . SER A 1 24  ? 12.538  15.444  -4.595  1.00 23.42 ? 67  SER A CB  1 
ATOM   195 O OG  . SER A 1 24  ? 11.671  16.287  -5.327  1.00 19.80 ? 67  SER A OG  1 
ATOM   196 N N   . PRO A 1 25  ? 9.329   14.494  -3.912  1.00 21.60 ? 68  PRO A N   1 
ATOM   197 C CA  . PRO A 1 25  ? 8.056   14.079  -4.506  1.00 21.78 ? 68  PRO A CA  1 
ATOM   198 C C   . PRO A 1 25  ? 7.978   14.467  -5.980  1.00 19.95 ? 68  PRO A C   1 
ATOM   199 O O   . PRO A 1 25  ? 7.162   13.938  -6.727  1.00 20.51 ? 68  PRO A O   1 
ATOM   200 C CB  . PRO A 1 25  ? 7.027   14.832  -3.667  1.00 21.08 ? 68  PRO A CB  1 
ATOM   201 C CG  . PRO A 1 25  ? 7.672   14.880  -2.326  1.00 24.50 ? 68  PRO A CG  1 
ATOM   202 C CD  . PRO A 1 25  ? 9.107   15.241  -2.662  1.00 20.13 ? 68  PRO A CD  1 
ATOM   203 N N   . ALA A 1 26  ? 8.840   15.389  -6.396  1.00 22.35 ? 69  ALA A N   1 
ATOM   204 C CA  . ALA A 1 26  ? 8.852   15.868  -7.776  1.00 18.94 ? 69  ALA A CA  1 
ATOM   205 C C   . ALA A 1 26  ? 9.522   14.967  -8.803  1.00 20.39 ? 69  ALA A C   1 
ATOM   206 O O   . ALA A 1 26  ? 9.318   15.147  -10.002 1.00 22.23 ? 69  ALA A O   1 
ATOM   207 C CB  . ALA A 1 26  ? 9.506   17.248  -7.830  1.00 24.72 ? 69  ALA A CB  1 
ATOM   208 N N   . THR A 1 27  ? 10.322  14.004  -8.352  1.00 19.57 ? 70  THR A N   1 
ATOM   209 C CA  . THR A 1 27  ? 11.035  13.136  -9.284  1.00 17.44 ? 70  THR A CA  1 
ATOM   210 C C   . THR A 1 27  ? 10.209  12.058  -9.959  1.00 16.85 ? 70  THR A C   1 
ATOM   211 O O   . THR A 1 27  ? 9.154   11.639  -9.465  1.00 14.63 ? 70  THR A O   1 
ATOM   212 C CB  . THR A 1 27  ? 12.224  12.413  -8.608  1.00 16.64 ? 70  THR A CB  1 
ATOM   213 O OG1 . THR A 1 27  ? 11.730  11.525  -7.598  1.00 17.37 ? 70  THR A OG1 1 
ATOM   214 C CG2 . THR A 1 27  ? 13.195  13.417  -7.988  1.00 19.37 ? 70  THR A CG2 1 
ATOM   215 N N   . HIS A 1 28  ? 10.718  11.599  -11.094 1.00 16.46 ? 71  HIS A N   1 
ATOM   216 C CA  . HIS A 1 28  ? 10.076  10.532  -11.837 1.00 18.13 ? 71  HIS A CA  1 
ATOM   217 C C   . HIS A 1 28  ? 10.028  9.279   -10.960 1.00 18.66 ? 71  HIS A C   1 
ATOM   218 O O   . HIS A 1 28  ? 9.008   8.594   -10.902 1.00 19.30 ? 71  HIS A O   1 
ATOM   219 C CB  . HIS A 1 28  ? 10.864  10.243  -13.114 1.00 19.33 ? 71  HIS A CB  1 
ATOM   220 C CG  . HIS A 1 28  ? 10.442  8.991   -13.815 1.00 19.80 ? 71  HIS A CG  1 
ATOM   221 N ND1 . HIS A 1 28  ? 10.976  7.756   -13.518 1.00 22.38 ? 71  HIS A ND1 1 
ATOM   222 C CD2 . HIS A 1 28  ? 9.557   8.787   -14.821 1.00 24.40 ? 71  HIS A CD2 1 
ATOM   223 C CE1 . HIS A 1 28  ? 10.446  6.846   -14.316 1.00 22.19 ? 71  HIS A CE1 1 
ATOM   224 N NE2 . HIS A 1 28  ? 9.582   7.445   -15.118 1.00 24.25 ? 71  HIS A NE2 1 
ATOM   225 N N   . GLU A 1 29  ? 11.135  8.980   -10.282 1.00 12.67 ? 72  GLU A N   1 
ATOM   226 C CA  . GLU A 1 29  ? 11.198  7.797   -9.414  1.00 15.46 ? 72  GLU A CA  1 
ATOM   227 C C   . GLU A 1 29  ? 10.126  7.803   -8.314  1.00 13.87 ? 72  GLU A C   1 
ATOM   228 O O   . GLU A 1 29  ? 9.440   6.803   -8.091  1.00 14.74 ? 72  GLU A O   1 
ATOM   229 C CB  . GLU A 1 29  ? 12.575  7.680   -8.755  1.00 13.68 ? 72  GLU A CB  1 
ATOM   230 C CG  . GLU A 1 29  ? 13.700  7.230   -9.680  1.00 17.68 ? 72  GLU A CG  1 
ATOM   231 C CD  . GLU A 1 29  ? 14.293  8.369   -10.499 1.00 21.78 ? 72  GLU A CD  1 
ATOM   232 O OE1 . GLU A 1 29  ? 13.943  9.539   -10.250 1.00 18.46 ? 72  GLU A OE1 1 
ATOM   233 O OE2 . GLU A 1 29  ? 15.125  8.089   -11.387 1.00 23.78 ? 72  GLU A OE2 1 
ATOM   234 N N   . TYR A 1 30  ? 10.006  8.925   -7.613  1.00 13.29 ? 73  TYR A N   1 
ATOM   235 C CA  . TYR A 1 30  ? 9.025   9.066   -6.541  1.00 12.62 ? 73  TYR A CA  1 
ATOM   236 C C   . TYR A 1 30  ? 7.605   8.927   -7.079  1.00 15.50 ? 73  TYR A C   1 
ATOM   237 O O   . TYR A 1 30  ? 6.819   8.117   -6.589  1.00 13.30 ? 73  TYR A O   1 
ATOM   238 C CB  . TYR A 1 30  ? 9.190   10.433  -5.866  1.00 16.47 ? 73  TYR A CB  1 
ATOM   239 C CG  . TYR A 1 30  ? 8.357   10.653  -4.616  1.00 21.15 ? 73  TYR A CG  1 
ATOM   240 C CD1 . TYR A 1 30  ? 6.966   10.758  -4.679  1.00 19.64 ? 73  TYR A CD1 1 
ATOM   241 C CD2 . TYR A 1 30  ? 8.969   10.810  -3.373  1.00 22.26 ? 73  TYR A CD2 1 
ATOM   242 C CE1 . TYR A 1 30  ? 6.211   11.020  -3.534  1.00 24.47 ? 73  TYR A CE1 1 
ATOM   243 C CE2 . TYR A 1 30  ? 8.222   11.070  -2.229  1.00 23.73 ? 73  TYR A CE2 1 
ATOM   244 C CZ  . TYR A 1 30  ? 6.848   11.178  -2.314  1.00 24.13 ? 73  TYR A CZ  1 
ATOM   245 O OH  . TYR A 1 30  ? 6.118   11.468  -1.175  1.00 27.00 ? 73  TYR A OH  1 
ATOM   246 N N   . ARG A 1 31  ? 7.280   9.707   -8.100  1.00 13.94 ? 74  ARG A N   1 
ATOM   247 C CA  . ARG A 1 31  ? 5.935   9.668   -8.662  1.00 17.11 ? 74  ARG A CA  1 
ATOM   248 C C   . ARG A 1 31  ? 5.516   8.340   -9.292  1.00 15.96 ? 74  ARG A C   1 
ATOM   249 O O   . ARG A 1 31  ? 4.361   7.933   -9.138  1.00 17.27 ? 74  ARG A O   1 
ATOM   250 C CB  . ARG A 1 31  ? 5.750   10.825  -9.652  1.00 16.39 ? 74  ARG A CB  1 
ATOM   251 C CG  . ARG A 1 31  ? 5.774   12.177  -8.955  1.00 24.43 ? 74  ARG A CG  1 
ATOM   252 C CD  . ARG A 1 31  ? 5.594   13.358  -9.892  1.00 30.58 ? 74  ARG A CD  1 
ATOM   253 N NE  . ARG A 1 31  ? 5.687   14.621  -9.153  1.00 35.23 ? 74  ARG A NE  1 
ATOM   254 C CZ  . ARG A 1 31  ? 5.355   15.814  -9.645  1.00 35.12 ? 74  ARG A CZ  1 
ATOM   255 N NH1 . ARG A 1 31  ? 4.901   15.922  -10.887 1.00 38.64 ? 74  ARG A NH1 1 
ATOM   256 N NH2 . ARG A 1 31  ? 5.476   16.901  -8.893  1.00 30.29 ? 74  ARG A NH2 1 
ATOM   257 N N   . THR A 1 32  ? 6.428   7.656   -9.981  1.00 13.30 ? 75  THR A N   1 
ATOM   258 C CA  . THR A 1 32  ? 6.081   6.384   -10.610 1.00 15.61 ? 75  THR A CA  1 
ATOM   259 C C   . THR A 1 32  ? 5.918   5.281   -9.566  1.00 16.08 ? 75  THR A C   1 
ATOM   260 O O   . THR A 1 32  ? 5.041   4.421   -9.693  1.00 14.29 ? 75  THR A O   1 
ATOM   261 C CB  . THR A 1 32  ? 7.122   5.951   -11.684 1.00 16.02 ? 75  THR A CB  1 
ATOM   262 O OG1 . THR A 1 32  ? 8.386   5.702   -11.069 1.00 20.98 ? 75  THR A OG1 1 
ATOM   263 C CG2 . THR A 1 32  ? 7.283   7.039   -12.729 1.00 15.55 ? 75  THR A CG2 1 
ATOM   264 N N   . LEU A 1 33  ? 6.746   5.310   -8.525  1.00 14.41 ? 76  LEU A N   1 
ATOM   265 C CA  . LEU A 1 33  ? 6.622   4.319   -7.464  1.00 15.45 ? 76  LEU A CA  1 
ATOM   266 C C   . LEU A 1 33  ? 5.328   4.595   -6.675  1.00 14.65 ? 76  LEU A C   1 
ATOM   267 O O   . LEU A 1 33  ? 4.604   3.664   -6.320  1.00 15.85 ? 76  LEU A O   1 
ATOM   268 C CB  . LEU A 1 33  ? 7.825   4.364   -6.516  1.00 10.57 ? 76  LEU A CB  1 
ATOM   269 C CG  . LEU A 1 33  ? 7.656   3.460   -5.290  1.00 15.48 ? 76  LEU A CG  1 
ATOM   270 C CD1 . LEU A 1 33  ? 7.431   2.024   -5.763  1.00 14.50 ? 76  LEU A CD1 1 
ATOM   271 C CD2 . LEU A 1 33  ? 8.869   3.557   -4.372  1.00 10.27 ? 76  LEU A CD2 1 
ATOM   272 N N   . SER A 1 34  ? 5.047   5.869   -6.403  1.00 12.17 ? 77  SER A N   1 
ATOM   273 C CA  . SER A 1 34  ? 3.832   6.243   -5.675  1.00 14.72 ? 77  SER A CA  1 
ATOM   274 C C   . SER A 1 34  ? 2.586   5.876   -6.469  1.00 15.43 ? 77  SER A C   1 
ATOM   275 O O   . SER A 1 34  ? 1.585   5.429   -5.911  1.00 12.85 ? 77  SER A O   1 
ATOM   276 C CB  . SER A 1 34  ? 3.816   7.751   -5.387  1.00 14.37 ? 77  SER A CB  1 
ATOM   277 O OG  . SER A 1 34  ? 4.683   8.063   -4.316  1.00 15.16 ? 77  SER A OG  1 
ATOM   278 N N   . GLU A 1 35  ? 2.665   6.056   -7.781  1.00 15.94 ? 78  GLU A N   1 
ATOM   279 C CA  . GLU A 1 35  ? 1.551   5.751   -8.666  1.00 18.95 ? 78  GLU A CA  1 
ATOM   280 C C   . GLU A 1 35  ? 1.296   4.246   -8.723  1.00 15.71 ? 78  GLU A C   1 
ATOM   281 O O   . GLU A 1 35  ? 0.147   3.812   -8.741  1.00 12.37 ? 78  GLU A O   1 
ATOM   282 C CB  . GLU A 1 35  ? 1.847   6.305   -10.061 1.00 23.22 ? 78  GLU A CB  1 
ATOM   283 C CG  . GLU A 1 35  ? 0.843   5.941   -11.124 1.00 31.78 ? 78  GLU A CG  1 
ATOM   284 C CD  . GLU A 1 35  ? 1.197   6.570   -12.455 1.00 39.97 ? 78  GLU A CD  1 
ATOM   285 O OE1 . GLU A 1 35  ? 1.126   7.817   -12.562 1.00 43.60 ? 78  GLU A OE1 1 
ATOM   286 O OE2 . GLU A 1 35  ? 1.558   5.817   -13.388 1.00 41.84 ? 78  GLU A OE2 1 
ATOM   287 N N   . ARG A 1 36  ? 2.366   3.453   -8.743  1.00 14.17 ? 79  ARG A N   1 
ATOM   288 C CA  . ARG A 1 36  ? 2.237   1.995   -8.788  1.00 14.14 ? 79  ARG A CA  1 
ATOM   289 C C   . ARG A 1 36  ? 1.595   1.489   -7.496  1.00 13.07 ? 79  ARG A C   1 
ATOM   290 O O   . ARG A 1 36  ? 0.702   0.631   -7.515  1.00 13.47 ? 79  ARG A O   1 
ATOM   291 C CB  . ARG A 1 36  ? 3.613   1.348   -8.985  1.00 13.15 ? 79  ARG A CB  1 
ATOM   292 C CG  . ARG A 1 36  ? 3.644   -0.180  -8.852  1.00 19.68 ? 79  ARG A CG  1 
ATOM   293 C CD  . ARG A 1 36  ? 2.653   -0.870  -9.789  1.00 16.95 ? 79  ARG A CD  1 
ATOM   294 N NE  . ARG A 1 36  ? 2.610   -2.326  -9.598  1.00 17.05 ? 79  ARG A NE  1 
ATOM   295 C CZ  . ARG A 1 36  ? 1.610   -3.099  -10.026 1.00 19.96 ? 79  ARG A CZ  1 
ATOM   296 N NH1 . ARG A 1 36  ? 0.583   -2.560  -10.666 1.00 16.87 ? 79  ARG A NH1 1 
ATOM   297 N NH2 . ARG A 1 36  ? 1.618   -4.410  -9.795  1.00 20.28 ? 79  ARG A NH2 1 
ATOM   298 N N   . ILE A 1 37  ? 2.055   2.031   -6.374  1.00 12.76 ? 80  ILE A N   1 
ATOM   299 C CA  . ILE A 1 37  ? 1.526   1.660   -5.066  1.00 13.40 ? 80  ILE A CA  1 
ATOM   300 C C   . ILE A 1 37  ? 0.037   2.025   -4.957  1.00 13.54 ? 80  ILE A C   1 
ATOM   301 O O   . ILE A 1 37  ? -0.774  1.233   -4.447  1.00 12.25 ? 80  ILE A O   1 
ATOM   302 C CB  . ILE A 1 37  ? 2.355   2.346   -3.940  1.00 10.59 ? 80  ILE A CB  1 
ATOM   303 C CG1 . ILE A 1 37  ? 3.735   1.682   -3.860  1.00 11.57 ? 80  ILE A CG1 1 
ATOM   304 C CG2 . ILE A 1 37  ? 1.627   2.233   -2.593  1.00 9.43  ? 80  ILE A CG2 1 
ATOM   305 C CD1 . ILE A 1 37  ? 4.748   2.438   -3.030  1.00 9.95  ? 80  ILE A CD1 1 
ATOM   306 N N   . GLU A 1 38  ? -0.324  3.206   -5.454  1.00 10.96 ? 81  GLU A N   1 
ATOM   307 C CA  . GLU A 1 38  ? -1.722  3.659   -5.425  1.00 12.82 ? 81  GLU A CA  1 
ATOM   308 C C   . GLU A 1 38  ? -2.618  2.795   -6.319  1.00 15.26 ? 81  GLU A C   1 
ATOM   309 O O   . GLU A 1 38  ? -3.774  2.512   -5.982  1.00 13.39 ? 81  GLU A O   1 
ATOM   310 C CB  . GLU A 1 38  ? -1.806  5.136   -5.852  1.00 12.91 ? 81  GLU A CB  1 
ATOM   311 C CG  . GLU A 1 38  ? -1.322  6.096   -4.759  1.00 8.46  ? 81  GLU A CG  1 
ATOM   312 C CD  . GLU A 1 38  ? -1.028  7.505   -5.258  1.00 15.27 ? 81  GLU A CD  1 
ATOM   313 O OE1 . GLU A 1 38  ? -0.506  8.315   -4.452  1.00 13.67 ? 81  GLU A OE1 1 
ATOM   314 O OE2 . GLU A 1 38  ? -1.316  7.801   -6.444  1.00 13.53 ? 81  GLU A OE2 1 
ATOM   315 N N   . ALA A 1 39  ? -2.075  2.371   -7.456  1.00 13.29 ? 82  ALA A N   1 
ATOM   316 C CA  . ALA A 1 39  ? -2.813  1.526   -8.384  1.00 13.67 ? 82  ALA A CA  1 
ATOM   317 C C   . ALA A 1 39  ? -3.062  0.155   -7.774  1.00 11.60 ? 82  ALA A C   1 
ATOM   318 O O   . ALA A 1 39  ? -4.141  -0.416  -7.931  1.00 16.56 ? 82  ALA A O   1 
ATOM   319 C CB  . ALA A 1 39  ? -2.032  1.374   -9.678  1.00 14.46 ? 82  ALA A CB  1 
ATOM   320 N N   . MET A 1 40  ? -2.054  -0.373  -7.092  1.00 12.23 ? 83  MET A N   1 
ATOM   321 C CA  . MET A 1 40  ? -2.143  -1.682  -6.460  1.00 11.12 ? 83  MET A CA  1 
ATOM   322 C C   . MET A 1 40  ? -3.218  -1.694  -5.385  1.00 12.76 ? 83  MET A C   1 
ATOM   323 O O   . MET A 1 40  ? -4.066  -2.590  -5.349  1.00 12.14 ? 83  MET A O   1 
ATOM   324 C CB  . MET A 1 40  ? -0.786  -2.082  -5.862  1.00 9.90  ? 83  MET A CB  1 
ATOM   325 C CG  . MET A 1 40  ? 0.276   -2.418  -6.926  1.00 10.97 ? 83  MET A CG  1 
ATOM   326 S SD  . MET A 1 40  ? 1.857   -2.943  -6.246  1.00 6.04  ? 83  MET A SD  1 
ATOM   327 C CE  . MET A 1 40  ? 1.359   -4.489  -5.497  1.00 7.17  ? 83  MET A CE  1 
ATOM   328 N N   . ILE A 1 41  ? -3.178  -0.706  -4.503  1.00 12.74 ? 84  ILE A N   1 
ATOM   329 C CA  . ILE A 1 41  ? -4.159  -0.612  -3.428  1.00 9.93  ? 84  ILE A CA  1 
ATOM   330 C C   . ILE A 1 41  ? -5.557  -0.425  -4.017  1.00 11.06 ? 84  ILE A C   1 
ATOM   331 O O   . ILE A 1 41  ? -6.517  -1.076  -3.580  1.00 9.97  ? 84  ILE A O   1 
ATOM   332 C CB  . ILE A 1 41  ? -3.811  0.554   -2.465  1.00 7.69  ? 84  ILE A CB  1 
ATOM   333 C CG1 . ILE A 1 41  ? -2.554  0.194   -1.667  1.00 10.11 ? 84  ILE A CG1 1 
ATOM   334 C CG2 . ILE A 1 41  ? -4.977  0.831   -1.517  1.00 9.86  ? 84  ILE A CG2 1 
ATOM   335 C CD1 . ILE A 1 41  ? -1.960  1.367   -0.888  1.00 15.94 ? 84  ILE A CD1 1 
ATOM   336 N N   . THR A 1 42  ? -5.668  0.437   -5.021  1.00 8.36  ? 85  THR A N   1 
ATOM   337 C CA  . THR A 1 42  ? -6.960  0.692   -5.664  1.00 11.21 ? 85  THR A CA  1 
ATOM   338 C C   . THR A 1 42  ? -7.526  -0.594  -6.275  1.00 15.37 ? 85  THR A C   1 
ATOM   339 O O   . THR A 1 42  ? -8.702  -0.909  -6.085  1.00 14.95 ? 85  THR A O   1 
ATOM   340 C CB  . THR A 1 42  ? -6.839  1.777   -6.763  1.00 14.15 ? 85  THR A CB  1 
ATOM   341 O OG1 . THR A 1 42  ? -6.383  3.006   -6.171  1.00 12.62 ? 85  THR A OG1 1 
ATOM   342 C CG2 . THR A 1 42  ? -8.194  2.025   -7.442  1.00 14.86 ? 85  THR A CG2 1 
ATOM   343 N N   . ASP A 1 43  ? -6.690  -1.332  -7.004  1.00 14.91 ? 86  ASP A N   1 
ATOM   344 C CA  . ASP A 1 43  ? -7.124  -2.587  -7.622  1.00 15.41 ? 86  ASP A CA  1 
ATOM   345 C C   . ASP A 1 43  ? -7.615  -3.602  -6.573  1.00 17.06 ? 86  ASP A C   1 
ATOM   346 O O   . ASP A 1 43  ? -8.617  -4.283  -6.788  1.00 13.28 ? 86  ASP A O   1 
ATOM   347 C CB  . ASP A 1 43  ? -5.984  -3.223  -8.420  1.00 14.47 ? 86  ASP A CB  1 
ATOM   348 C CG  . ASP A 1 43  ? -5.697  -2.498  -9.724  1.00 21.34 ? 86  ASP A CG  1 
ATOM   349 O OD1 . ASP A 1 43  ? -4.594  -2.700  -10.274 1.00 27.08 ? 86  ASP A OD1 1 
ATOM   350 O OD2 . ASP A 1 43  ? -6.567  -1.741  -10.208 1.00 24.86 ? 86  ASP A OD2 1 
ATOM   351 N N   . GLU A 1 44  ? -6.910  -3.712  -5.451  1.00 14.25 ? 87  GLU A N   1 
ATOM   352 C CA  . GLU A 1 44  ? -7.318  -4.660  -4.416  1.00 15.75 ? 87  GLU A CA  1 
ATOM   353 C C   . GLU A 1 44  ? -8.702  -4.342  -3.855  1.00 14.48 ? 87  GLU A C   1 
ATOM   354 O O   . GLU A 1 44  ? -9.550  -5.227  -3.728  1.00 13.99 ? 87  GLU A O   1 
ATOM   355 C CB  . GLU A 1 44  ? -6.309  -4.685  -3.264  1.00 17.89 ? 87  GLU A CB  1 
ATOM   356 C CG  . GLU A 1 44  ? -4.965  -5.292  -3.613  1.00 21.83 ? 87  GLU A CG  1 
ATOM   357 C CD  . GLU A 1 44  ? -5.084  -6.663  -4.244  1.00 25.86 ? 87  GLU A CD  1 
ATOM   358 O OE1 . GLU A 1 44  ? -5.935  -7.462  -3.790  1.00 28.38 ? 87  GLU A OE1 1 
ATOM   359 O OE2 . GLU A 1 44  ? -4.318  -6.946  -5.192  1.00 27.93 ? 87  GLU A OE2 1 
ATOM   360 N N   . PHE A 1 45  ? -8.943  -3.083  -3.511  1.00 12.38 ? 88  PHE A N   1 
ATOM   361 C CA  . PHE A 1 45  ? -10.245 -2.741  -2.957  1.00 12.20 ? 88  PHE A CA  1 
ATOM   362 C C   . PHE A 1 45  ? -11.347 -2.843  -3.995  1.00 13.47 ? 88  PHE A C   1 
ATOM   363 O O   . PHE A 1 45  ? -12.477 -3.204  -3.661  1.00 13.78 ? 88  PHE A O   1 
ATOM   364 C CB  . PHE A 1 45  ? -10.226 -1.353  -2.328  1.00 12.88 ? 88  PHE A CB  1 
ATOM   365 C CG  . PHE A 1 45  ? -9.455  -1.292  -1.041  1.00 14.45 ? 88  PHE A CG  1 
ATOM   366 C CD1 . PHE A 1 45  ? -8.155  -0.797  -1.011  1.00 12.78 ? 88  PHE A CD1 1 
ATOM   367 C CD2 . PHE A 1 45  ? -10.025 -1.749  0.141   1.00 16.33 ? 88  PHE A CD2 1 
ATOM   368 C CE1 . PHE A 1 45  ? -7.437  -0.756  0.178   1.00 17.21 ? 88  PHE A CE1 1 
ATOM   369 C CE2 . PHE A 1 45  ? -9.315  -1.712  1.339   1.00 17.59 ? 88  PHE A CE2 1 
ATOM   370 C CZ  . PHE A 1 45  ? -8.016  -1.213  1.356   1.00 15.99 ? 88  PHE A CZ  1 
ATOM   371 N N   . ARG A 1 46  ? -11.021 -2.525  -5.244  1.00 11.89 ? 89  ARG A N   1 
ATOM   372 C CA  . ARG A 1 46  ? -11.999 -2.614  -6.324  1.00 15.08 ? 89  ARG A CA  1 
ATOM   373 C C   . ARG A 1 46  ? -12.439 -4.067  -6.454  1.00 14.40 ? 89  ARG A C   1 
ATOM   374 O O   . ARG A 1 46  ? -13.568 -4.354  -6.855  1.00 19.54 ? 89  ARG A O   1 
ATOM   375 C CB  . ARG A 1 46  ? -11.388 -2.134  -7.651  1.00 14.36 ? 89  ARG A CB  1 
ATOM   376 C CG  . ARG A 1 46  ? -11.231 -0.622  -7.771  1.00 20.34 ? 89  ARG A CG  1 
ATOM   377 C CD  . ARG A 1 46  ? -12.560 0.102   -7.615  1.00 25.28 ? 89  ARG A CD  1 
ATOM   378 N NE  . ARG A 1 46  ? -12.388 1.553   -7.569  1.00 31.63 ? 89  ARG A NE  1 
ATOM   379 C CZ  . ARG A 1 46  ? -13.178 2.379   -6.886  1.00 35.07 ? 89  ARG A CZ  1 
ATOM   380 N NH1 . ARG A 1 46  ? -14.200 1.897   -6.187  1.00 35.37 ? 89  ARG A NH1 1 
ATOM   381 N NH2 . ARG A 1 46  ? -12.942 3.686   -6.893  1.00 34.70 ? 89  ARG A NH2 1 
ATOM   382 N N   . GLY A 1 47  ? -11.537 -4.981  -6.111  1.00 16.72 ? 90  GLY A N   1 
ATOM   383 C CA  . GLY A 1 47  ? -11.851 -6.399  -6.173  1.00 16.38 ? 90  GLY A CA  1 
ATOM   384 C C   . GLY A 1 47  ? -12.083 -6.984  -4.791  1.00 17.52 ? 90  GLY A C   1 
ATOM   385 O O   . GLY A 1 47  ? -11.619 -8.082  -4.497  1.00 20.95 ? 90  GLY A O   1 
ATOM   386 N N   . SER A 1 48  ? -12.805 -6.259  -3.939  1.00 17.63 ? 91  SER A N   1 
ATOM   387 C CA  . SER A 1 48  ? -13.075 -6.724  -2.578  1.00 13.93 ? 91  SER A CA  1 
ATOM   388 C C   . SER A 1 48  ? -14.515 -6.417  -2.148  1.00 15.37 ? 91  SER A C   1 
ATOM   389 O O   . SER A 1 48  ? -15.287 -5.847  -2.913  1.00 14.06 ? 91  SER A O   1 
ATOM   390 C CB  . SER A 1 48  ? -12.107 -6.048  -1.601  1.00 13.51 ? 91  SER A CB  1 
ATOM   391 O OG  . SER A 1 48  ? -12.504 -4.708  -1.370  1.00 10.25 ? 91  SER A OG  1 
ATOM   392 N N   . SER A 1 49  ? -14.855 -6.779  -0.909  1.00 14.17 ? 92  SER A N   1 
ATOM   393 C CA  . SER A 1 49  ? -16.198 -6.542  -0.365  1.00 15.61 ? 92  SER A CA  1 
ATOM   394 C C   . SER A 1 49  ? -16.396 -5.074  -0.029  1.00 14.68 ? 92  SER A C   1 
ATOM   395 O O   . SER A 1 49  ? -17.491 -4.649  0.365   1.00 14.62 ? 92  SER A O   1 
ATOM   396 C CB  . SER A 1 49  ? -16.407 -7.384  0.891   1.00 15.14 ? 92  SER A CB  1 
ATOM   397 O OG  . SER A 1 49  ? -16.153 -8.747  0.606   1.00 25.37 ? 92  SER A OG  1 
ATOM   398 N N   . LEU A 1 50  ? -15.323 -4.306  -0.192  1.00 13.48 ? 93  LEU A N   1 
ATOM   399 C CA  . LEU A 1 50  ? -15.328 -2.869  0.073   1.00 12.62 ? 93  LEU A CA  1 
ATOM   400 C C   . LEU A 1 50  ? -15.326 -2.068  -1.222  1.00 13.64 ? 93  LEU A C   1 
ATOM   401 O O   . LEU A 1 50  ? -15.059 -0.870  -1.211  1.00 15.73 ? 93  LEU A O   1 
ATOM   402 C CB  . LEU A 1 50  ? -14.088 -2.493  0.892   1.00 13.94 ? 93  LEU A CB  1 
ATOM   403 C CG  . LEU A 1 50  ? -14.154 -2.629  2.414   1.00 13.78 ? 93  LEU A CG  1 
ATOM   404 C CD1 . LEU A 1 50  ? -12.760 -2.579  3.000   1.00 11.78 ? 93  LEU A CD1 1 
ATOM   405 C CD2 . LEU A 1 50  ? -15.011 -1.502  2.986   1.00 13.93 ? 93  LEU A CD2 1 
ATOM   406 N N   . LYS A 1 51  ? -15.628 -2.723  -2.336  1.00 14.45 ? 94  LYS A N   1 
ATOM   407 C CA  . LYS A 1 51  ? -15.622 -2.053  -3.636  1.00 15.99 ? 94  LYS A CA  1 
ATOM   408 C C   . LYS A 1 51  ? -16.541 -0.839  -3.734  1.00 18.27 ? 94  LYS A C   1 
ATOM   409 O O   . LYS A 1 51  ? -16.205 0.130   -4.414  1.00 17.07 ? 94  LYS A O   1 
ATOM   410 C CB  . LYS A 1 51  ? -15.968 -3.047  -4.752  1.00 12.53 ? 94  LYS A CB  1 
ATOM   411 C CG  . LYS A 1 51  ? -17.360 -3.638  -4.663  1.00 15.69 ? 94  LYS A CG  1 
ATOM   412 C CD  . LYS A 1 51  ? -17.693 -4.476  -5.896  1.00 19.49 ? 94  LYS A CD  1 
ATOM   413 C CE  . LYS A 1 51  ? -17.679 -5.975  -5.611  1.00 25.69 ? 94  LYS A CE  1 
ATOM   414 N NZ  . LYS A 1 51  ? -16.318 -6.498  -5.371  1.00 26.89 ? 94  LYS A NZ  1 
ATOM   415 N N   . SER A 1 52  ? -17.688 -0.883  -3.058  1.00 16.55 ? 95  SER A N   1 
ATOM   416 C CA  . SER A 1 52  ? -18.638 0.227   -3.106  1.00 18.92 ? 95  SER A CA  1 
ATOM   417 C C   . SER A 1 52  ? -18.315 1.337   -2.109  1.00 16.35 ? 95  SER A C   1 
ATOM   418 O O   . SER A 1 52  ? -18.797 2.452   -2.250  1.00 17.81 ? 95  SER A O   1 
ATOM   419 C CB  . SER A 1 52  ? -20.060 -0.272  -2.838  1.00 20.92 ? 95  SER A CB  1 
ATOM   420 O OG  . SER A 1 52  ? -20.209 -0.676  -1.485  1.00 26.92 ? 95  SER A OG  1 
ATOM   421 N N   . GLU A 1 53  ? -17.499 1.031   -1.107  1.00 16.92 ? 96  GLU A N   1 
ATOM   422 C CA  . GLU A 1 53  ? -17.143 2.022   -0.091  1.00 15.21 ? 96  GLU A CA  1 
ATOM   423 C C   . GLU A 1 53  ? -15.810 2.733   -0.330  1.00 13.50 ? 96  GLU A C   1 
ATOM   424 O O   . GLU A 1 53  ? -15.651 3.882   0.066   1.00 15.69 ? 96  GLU A O   1 
ATOM   425 C CB  . GLU A 1 53  ? -17.103 1.375   1.301   1.00 15.95 ? 96  GLU A CB  1 
ATOM   426 C CG  . GLU A 1 53  ? -18.427 0.787   1.806   1.00 23.48 ? 96  GLU A CG  1 
ATOM   427 C CD  . GLU A 1 53  ? -18.602 -0.675  1.445   1.00 28.49 ? 96  GLU A CD  1 
ATOM   428 O OE1 . GLU A 1 53  ? -19.587 -1.282  1.901   1.00 30.20 ? 96  GLU A OE1 1 
ATOM   429 O OE2 . GLU A 1 53  ? -17.758 -1.224  0.707   1.00 31.76 ? 96  GLU A OE2 1 
ATOM   430 N N   . PHE A 1 54  ? -14.844 2.049   -0.938  1.00 13.53 ? 97  PHE A N   1 
ATOM   431 C CA  . PHE A 1 54  ? -13.536 2.653   -1.203  1.00 14.02 ? 97  PHE A CA  1 
ATOM   432 C C   . PHE A 1 54  ? -13.649 3.813   -2.198  1.00 13.43 ? 97  PHE A C   1 
ATOM   433 O O   . PHE A 1 54  ? -14.223 3.657   -3.272  1.00 14.69 ? 97  PHE A O   1 
ATOM   434 C CB  . PHE A 1 54  ? -12.567 1.584   -1.732  1.00 14.19 ? 97  PHE A CB  1 
ATOM   435 C CG  . PHE A 1 54  ? -11.220 2.123   -2.165  1.00 14.56 ? 97  PHE A CG  1 
ATOM   436 C CD1 . PHE A 1 54  ? -10.985 2.461   -3.498  1.00 17.50 ? 97  PHE A CD1 1 
ATOM   437 C CD2 . PHE A 1 54  ? -10.191 2.296   -1.242  1.00 14.55 ? 97  PHE A CD2 1 
ATOM   438 C CE1 . PHE A 1 54  ? -9.743  2.966   -3.909  1.00 17.64 ? 97  PHE A CE1 1 
ATOM   439 C CE2 . PHE A 1 54  ? -8.945  2.799   -1.646  1.00 16.82 ? 97  PHE A CE2 1 
ATOM   440 C CZ  . PHE A 1 54  ? -8.726  3.136   -2.982  1.00 16.78 ? 97  PHE A CZ  1 
ATOM   441 N N   . ILE A 1 55  ? -13.118 4.977   -1.833  1.00 12.90 ? 98  ILE A N   1 
ATOM   442 C CA  . ILE A 1 55  ? -13.172 6.137   -2.718  1.00 14.56 ? 98  ILE A CA  1 
ATOM   443 C C   . ILE A 1 55  ? -11.864 6.323   -3.463  1.00 13.65 ? 98  ILE A C   1 
ATOM   444 O O   . ILE A 1 55  ? -11.849 6.317   -4.691  1.00 14.35 ? 98  ILE A O   1 
ATOM   445 C CB  . ILE A 1 55  ? -13.504 7.439   -1.951  1.00 16.69 ? 98  ILE A CB  1 
ATOM   446 C CG1 . ILE A 1 55  ? -14.903 7.330   -1.343  1.00 17.61 ? 98  ILE A CG1 1 
ATOM   447 C CG2 . ILE A 1 55  ? -13.467 8.643   -2.921  1.00 16.66 ? 98  ILE A CG2 1 
ATOM   448 C CD1 . ILE A 1 55  ? -15.325 8.541   -0.556  1.00 20.01 ? 98  ILE A CD1 1 
ATOM   449 N N   . ARG A 1 56  ? -10.767 6.490   -2.725  1.00 11.19 ? 99  ARG A N   1 
ATOM   450 C CA  . ARG A 1 56  ? -9.461  6.654   -3.351  1.00 13.27 ? 99  ARG A CA  1 
ATOM   451 C C   . ARG A 1 56  ? -8.334  6.602   -2.325  1.00 13.74 ? 99  ARG A C   1 
ATOM   452 O O   . ARG A 1 56  ? -8.555  6.723   -1.111  1.00 12.40 ? 99  ARG A O   1 
ATOM   453 C CB  . ARG A 1 56  ? -9.391  7.979   -4.112  1.00 15.73 ? 99  ARG A CB  1 
ATOM   454 C CG  . ARG A 1 56  ? -9.546  9.186   -3.216  1.00 22.26 ? 99  ARG A CG  1 
ATOM   455 C CD  . ARG A 1 56  ? -9.458  10.497  -3.976  1.00 24.44 ? 99  ARG A CD  1 
ATOM   456 N NE  . ARG A 1 56  ? -10.204 11.512  -3.246  1.00 31.31 ? 99  ARG A NE  1 
ATOM   457 C CZ  . ARG A 1 56  ? -11.502 11.739  -3.406  1.00 26.68 ? 99  ARG A CZ  1 
ATOM   458 N NH1 . ARG A 1 56  ? -12.192 11.033  -4.285  1.00 29.55 ? 99  ARG A NH1 1 
ATOM   459 N NH2 . ARG A 1 56  ? -12.113 12.655  -2.669  1.00 28.60 ? 99  ARG A NH2 1 
ATOM   460 N N   . THR A 1 57  ? -7.119  6.428   -2.826  1.00 13.59 ? 100 THR A N   1 
ATOM   461 C CA  . THR A 1 57  ? -5.947  6.348   -1.969  1.00 13.84 ? 100 THR A CA  1 
ATOM   462 C C   . THR A 1 57  ? -4.799  7.190   -2.511  1.00 16.46 ? 100 THR A C   1 
ATOM   463 O O   . THR A 1 57  ? -4.776  7.575   -3.686  1.00 13.12 ? 100 THR A O   1 
ATOM   464 C CB  . THR A 1 57  ? -5.468  4.894   -1.844  1.00 13.84 ? 100 THR A CB  1 
ATOM   465 O OG1 . THR A 1 57  ? -4.441  4.802   -0.851  1.00 13.15 ? 100 THR A OG1 1 
ATOM   466 C CG2 . THR A 1 57  ? -4.921  4.397   -3.179  1.00 11.87 ? 100 THR A CG2 1 
ATOM   467 N N   . HIS A 1 58  ? -3.842  7.482   -1.643  1.00 16.33 ? 101 HIS A N   1 
ATOM   468 C CA  . HIS A 1 58  ? -2.695  8.256   -2.066  1.00 16.06 ? 101 HIS A CA  1 
ATOM   469 C C   . HIS A 1 58  ? -1.551  8.162   -1.085  1.00 13.98 ? 101 HIS A C   1 
ATOM   470 O O   . HIS A 1 58  ? -1.743  8.142   0.140   1.00 12.54 ? 101 HIS A O   1 
ATOM   471 C CB  . HIS A 1 58  ? -3.086  9.721   -2.299  1.00 18.62 ? 101 HIS A CB  1 
ATOM   472 C CG  . HIS A 1 58  ? -3.290  10.517  -1.047  1.00 21.56 ? 101 HIS A CG  1 
ATOM   473 N ND1 . HIS A 1 58  ? -2.374  11.448  -0.605  1.00 20.67 ? 101 HIS A ND1 1 
ATOM   474 C CD2 . HIS A 1 58  ? -4.325  10.564  -0.174  1.00 22.34 ? 101 HIS A CD2 1 
ATOM   475 C CE1 . HIS A 1 58  ? -2.838  12.036  0.485   1.00 19.47 ? 101 HIS A CE1 1 
ATOM   476 N NE2 . HIS A 1 58  ? -4.019  11.518  0.768   1.00 22.38 ? 101 HIS A NE2 1 
ATOM   477 N N   . VAL A 1 59  ? -0.358  8.059   -1.654  1.00 13.97 ? 102 VAL A N   1 
ATOM   478 C CA  . VAL A 1 59  ? 0.874   7.984   -0.897  1.00 13.42 ? 102 VAL A CA  1 
ATOM   479 C C   . VAL A 1 59  ? 1.150   9.415   -0.420  1.00 15.65 ? 102 VAL A C   1 
ATOM   480 O O   . VAL A 1 59  ? 1.281   10.333  -1.232  1.00 13.62 ? 102 VAL A O   1 
ATOM   481 C CB  . VAL A 1 59  ? 2.025   7.475   -1.813  1.00 12.98 ? 102 VAL A CB  1 
ATOM   482 C CG1 . VAL A 1 59  ? 3.372   7.650   -1.135  1.00 10.52 ? 102 VAL A CG1 1 
ATOM   483 C CG2 . VAL A 1 59  ? 1.789   6.012   -2.172  1.00 11.45 ? 102 VAL A CG2 1 
ATOM   484 N N   . VAL A 1 60  ? 1.207   9.608   0.896   1.00 17.61 ? 103 VAL A N   1 
ATOM   485 C CA  . VAL A 1 60  ? 1.460   10.938  1.449   1.00 20.06 ? 103 VAL A CA  1 
ATOM   486 C C   . VAL A 1 60  ? 2.951   11.218  1.454   1.00 19.72 ? 103 VAL A C   1 
ATOM   487 O O   . VAL A 1 60  ? 3.380   12.368  1.443   1.00 19.57 ? 103 VAL A O   1 
ATOM   488 C CB  . VAL A 1 60  ? 0.903   11.073  2.876   1.00 22.15 ? 103 VAL A CB  1 
ATOM   489 C CG1 . VAL A 1 60  ? -0.595  10.838  2.861   1.00 24.82 ? 103 VAL A CG1 1 
ATOM   490 C CG2 . VAL A 1 60  ? 1.587   10.100  3.791   1.00 23.13 ? 103 VAL A CG2 1 
ATOM   491 N N   . LYS A 1 61  ? 3.742   10.154  1.490   1.00 20.76 ? 104 LYS A N   1 
ATOM   492 C CA  . LYS A 1 61  ? 5.185   10.292  1.440   1.00 20.97 ? 104 LYS A CA  1 
ATOM   493 C C   . LYS A 1 61  ? 5.903   8.960   1.493   1.00 18.75 ? 104 LYS A C   1 
ATOM   494 O O   . LYS A 1 61  ? 5.363   7.955   1.977   1.00 18.03 ? 104 LYS A O   1 
ATOM   495 C CB  . LYS A 1 61  ? 5.692   11.218  2.548   1.00 24.26 ? 104 LYS A CB  1 
ATOM   496 C CG  . LYS A 1 61  ? 6.034   10.577  3.862   1.00 25.19 ? 104 LYS A CG  1 
ATOM   497 C CD  . LYS A 1 61  ? 6.909   11.536  4.663   1.00 29.30 ? 104 LYS A CD  1 
ATOM   498 C CE  . LYS A 1 61  ? 8.159   11.924  3.872   1.00 34.71 ? 104 LYS A CE  1 
ATOM   499 N NZ  . LYS A 1 61  ? 9.026   12.923  4.572   1.00 33.75 ? 104 LYS A NZ  1 
ATOM   500 N N   . LEU A 1 62  ? 7.108   8.956   0.939   1.00 16.70 ? 105 LEU A N   1 
ATOM   501 C CA  . LEU A 1 62  ? 7.957   7.776   0.902   1.00 16.38 ? 105 LEU A CA  1 
ATOM   502 C C   . LEU A 1 62  ? 9.075   8.059   1.875   1.00 15.82 ? 105 LEU A C   1 
ATOM   503 O O   . LEU A 1 62  ? 9.742   9.088   1.787   1.00 16.43 ? 105 LEU A O   1 
ATOM   504 C CB  . LEU A 1 62  ? 8.533   7.566   -0.500  1.00 15.56 ? 105 LEU A CB  1 
ATOM   505 C CG  . LEU A 1 62  ? 7.493   7.216   -1.562  1.00 17.34 ? 105 LEU A CG  1 
ATOM   506 C CD1 . LEU A 1 62  ? 8.153   7.129   -2.937  1.00 14.02 ? 105 LEU A CD1 1 
ATOM   507 C CD2 . LEU A 1 62  ? 6.818   5.895   -1.190  1.00 16.98 ? 105 LEU A CD2 1 
ATOM   508 N N   . ARG A 1 63  ? 9.271   7.158   2.818   1.00 12.88 ? 106 ARG A N   1 
ATOM   509 C CA  . ARG A 1 63  ? 10.310  7.366   3.795   1.00 18.88 ? 106 ARG A CA  1 
ATOM   510 C C   . ARG A 1 63  ? 11.349  6.288   3.683   1.00 17.51 ? 106 ARG A C   1 
ATOM   511 O O   . ARG A 1 63  ? 11.095  5.196   3.176   1.00 17.32 ? 106 ARG A O   1 
ATOM   512 C CB  . ARG A 1 63  ? 9.717   7.405   5.218   1.00 17.18 ? 106 ARG A CB  1 
ATOM   513 C CG  . ARG A 1 63  ? 8.913   8.666   5.490   1.00 25.17 ? 106 ARG A CG  1 
ATOM   514 C CD  . ARG A 1 63  ? 8.354   8.737   6.911   1.00 23.67 ? 106 ARG A CD  1 
ATOM   515 N NE  . ARG A 1 63  ? 7.368   7.691   7.172   1.00 23.99 ? 106 ARG A NE  1 
ATOM   516 C CZ  . ARG A 1 63  ? 7.645   6.510   7.716   1.00 22.86 ? 106 ARG A CZ  1 
ATOM   517 N NH1 . ARG A 1 63  ? 8.889   6.209   8.070   1.00 23.23 ? 106 ARG A NH1 1 
ATOM   518 N NH2 . ARG A 1 63  ? 6.672   5.629   7.914   1.00 23.90 ? 106 ARG A NH2 1 
ATOM   519 N N   . LYS A 1 64  ? 12.542  6.623   4.138   1.00 20.80 ? 107 LYS A N   1 
ATOM   520 C CA  . LYS A 1 64  ? 13.646  5.692   4.136   1.00 25.95 ? 107 LYS A CA  1 
ATOM   521 C C   . LYS A 1 64  ? 13.782  5.088   5.527   1.00 26.58 ? 107 LYS A C   1 
ATOM   522 O O   . LYS A 1 64  ? 13.846  5.806   6.522   1.00 30.49 ? 107 LYS A O   1 
ATOM   523 C CB  . LYS A 1 64  ? 14.931  6.426   3.749   1.00 27.62 ? 107 LYS A CB  1 
ATOM   524 C CG  . LYS A 1 64  ? 16.208  5.789   4.264   1.00 32.12 ? 107 LYS A CG  1 
ATOM   525 C CD  . LYS A 1 64  ? 17.425  6.638   3.908   1.00 36.71 ? 107 LYS A CD  1 
ATOM   526 C CE  . LYS A 1 64  ? 17.224  8.097   4.314   1.00 39.88 ? 107 LYS A CE  1 
ATOM   527 N NZ  . LYS A 1 64  ? 16.742  8.228   5.724   1.00 39.83 ? 107 LYS A NZ  1 
ATOM   528 N N   . GLU A 1 65  ? 13.786  3.764   5.590   1.00 31.86 ? 108 GLU A N   1 
ATOM   529 C CA  . GLU A 1 65  ? 13.967  3.037   6.842   1.00 36.50 ? 108 GLU A CA  1 
ATOM   530 C C   . GLU A 1 65  ? 15.052  2.023   6.519   1.00 38.21 ? 108 GLU A C   1 
ATOM   531 O O   . GLU A 1 65  ? 14.856  1.143   5.676   1.00 37.21 ? 108 GLU A O   1 
ATOM   532 C CB  . GLU A 1 65  ? 12.677  2.331   7.277   1.00 41.54 ? 108 GLU A CB  1 
ATOM   533 C CG  . GLU A 1 65  ? 11.640  3.277   7.873   1.00 44.38 ? 108 GLU A CG  1 
ATOM   534 C CD  . GLU A 1 65  ? 10.528  2.556   8.618   1.00 46.76 ? 108 GLU A CD  1 
ATOM   535 O OE1 . GLU A 1 65  ? 9.674   3.251   9.209   1.00 48.45 ? 108 GLU A OE1 1 
ATOM   536 O OE2 . GLU A 1 65  ? 10.503  1.305   8.615   1.00 45.31 ? 108 GLU A OE2 1 
ATOM   537 N N   . GLY A 1 66  ? 16.199  2.152   7.181   1.00 38.12 ? 109 GLY A N   1 
ATOM   538 C CA  . GLY A 1 66  ? 17.307  1.264   6.889   1.00 37.96 ? 109 GLY A CA  1 
ATOM   539 C C   . GLY A 1 66  ? 17.755  1.707   5.509   1.00 36.47 ? 109 GLY A C   1 
ATOM   540 O O   . GLY A 1 66  ? 18.078  2.878   5.314   1.00 38.33 ? 109 GLY A O   1 
ATOM   541 N N   . THR A 1 67  ? 17.762  0.788   4.552   1.00 35.21 ? 110 THR A N   1 
ATOM   542 C CA  . THR A 1 67  ? 18.133  1.126   3.181   1.00 32.74 ? 110 THR A CA  1 
ATOM   543 C C   . THR A 1 67  ? 16.910  0.895   2.308   1.00 30.93 ? 110 THR A C   1 
ATOM   544 O O   . THR A 1 67  ? 16.931  1.165   1.106   1.00 32.84 ? 110 THR A O   1 
ATOM   545 C CB  . THR A 1 67  ? 19.277  0.244   2.656   1.00 33.56 ? 110 THR A CB  1 
ATOM   546 O OG1 . THR A 1 67  ? 18.896  -1.137  2.732   1.00 36.50 ? 110 THR A OG1 1 
ATOM   547 C CG2 . THR A 1 67  ? 20.539  0.481   3.463   1.00 34.67 ? 110 THR A CG2 1 
ATOM   548 N N   . GLY A 1 68  ? 15.849  0.388   2.934   1.00 28.08 ? 111 GLY A N   1 
ATOM   549 C CA  . GLY A 1 68  ? 14.607  0.121   2.232   1.00 24.74 ? 111 GLY A CA  1 
ATOM   550 C C   . GLY A 1 68  ? 13.656  1.304   2.244   1.00 22.57 ? 111 GLY A C   1 
ATOM   551 O O   . GLY A 1 68  ? 13.974  2.368   2.775   1.00 22.93 ? 111 GLY A O   1 
ATOM   552 N N   . VAL A 1 69  ? 12.474  1.113   1.667   1.00 18.88 ? 112 VAL A N   1 
ATOM   553 C CA  . VAL A 1 69  ? 11.477  2.172   1.586   1.00 15.74 ? 112 VAL A CA  1 
ATOM   554 C C   . VAL A 1 69  ? 10.173  1.847   2.311   1.00 15.48 ? 112 VAL A C   1 
ATOM   555 O O   . VAL A 1 69  ? 9.723   0.700   2.329   1.00 11.94 ? 112 VAL A O   1 
ATOM   556 C CB  . VAL A 1 69  ? 11.130  2.468   0.098   1.00 18.48 ? 112 VAL A CB  1 
ATOM   557 C CG1 . VAL A 1 69  ? 10.165  3.655   0.006   1.00 17.85 ? 112 VAL A CG1 1 
ATOM   558 C CG2 . VAL A 1 69  ? 12.408  2.719   -0.700  1.00 18.76 ? 112 VAL A CG2 1 
ATOM   559 N N   . VAL A 1 70  ? 9.573   2.868   2.918   1.00 15.46 ? 113 VAL A N   1 
ATOM   560 C CA  . VAL A 1 70  ? 8.286   2.720   3.590   1.00 16.69 ? 113 VAL A CA  1 
ATOM   561 C C   . VAL A 1 70  ? 7.397   3.818   3.039   1.00 14.29 ? 113 VAL A C   1 
ATOM   562 O O   . VAL A 1 70  ? 7.832   4.962   2.908   1.00 15.11 ? 113 VAL A O   1 
ATOM   563 C CB  . VAL A 1 70  ? 8.374   2.894   5.112   1.00 16.12 ? 113 VAL A CB  1 
ATOM   564 C CG1 . VAL A 1 70  ? 6.966   3.051   5.685   1.00 17.90 ? 113 VAL A CG1 1 
ATOM   565 C CG2 . VAL A 1 70  ? 9.039   1.695   5.735   1.00 16.71 ? 113 VAL A CG2 1 
ATOM   566 N N   . ALA A 1 71  ? 6.161   3.467   2.706   1.00 10.51 ? 114 ALA A N   1 
ATOM   567 C CA  . ALA A 1 71  ? 5.230   4.438   2.157   1.00 9.99  ? 114 ALA A CA  1 
ATOM   568 C C   . ALA A 1 71  ? 4.091   4.729   3.130   1.00 11.59 ? 114 ALA A C   1 
ATOM   569 O O   . ALA A 1 71  ? 3.440   3.807   3.626   1.00 10.83 ? 114 ALA A O   1 
ATOM   570 C CB  . ALA A 1 71  ? 4.672   3.927   0.838   1.00 10.44 ? 114 ALA A CB  1 
ATOM   571 N N   . ASP A 1 72  ? 3.882   6.002   3.441   1.00 9.30  ? 115 ASP A N   1 
ATOM   572 C CA  . ASP A 1 72  ? 2.774   6.364   4.313   1.00 13.18 ? 115 ASP A CA  1 
ATOM   573 C C   . ASP A 1 72  ? 1.622   6.601   3.342   1.00 10.63 ? 115 ASP A C   1 
ATOM   574 O O   . ASP A 1 72  ? 1.697   7.461   2.462   1.00 10.06 ? 115 ASP A O   1 
ATOM   575 C CB  . ASP A 1 72  ? 3.083   7.614   5.130   1.00 11.81 ? 115 ASP A CB  1 
ATOM   576 C CG  . ASP A 1 72  ? 4.276   7.419   6.055   1.00 15.75 ? 115 ASP A CG  1 
ATOM   577 O OD1 . ASP A 1 72  ? 4.455   6.300   6.587   1.00 15.04 ? 115 ASP A OD1 1 
ATOM   578 O OD2 . ASP A 1 72  ? 5.029   8.385   6.253   1.00 14.29 ? 115 ASP A OD2 1 
ATOM   579 N N   . VAL A 1 73  ? 0.572   5.805   3.513   1.00 7.94  ? 116 VAL A N   1 
ATOM   580 C CA  . VAL A 1 73  ? -0.598  5.807   2.634   1.00 10.09 ? 116 VAL A CA  1 
ATOM   581 C C   . VAL A 1 73  ? -1.920  6.156   3.318   1.00 11.24 ? 116 VAL A C   1 
ATOM   582 O O   . VAL A 1 73  ? -2.236  5.626   4.396   1.00 13.99 ? 116 VAL A O   1 
ATOM   583 C CB  . VAL A 1 73  ? -0.744  4.395   1.986   1.00 11.33 ? 116 VAL A CB  1 
ATOM   584 C CG1 . VAL A 1 73  ? -1.975  4.333   1.074   1.00 10.61 ? 116 VAL A CG1 1 
ATOM   585 C CG2 . VAL A 1 73  ? 0.524   4.043   1.232   1.00 8.82  ? 116 VAL A CG2 1 
ATOM   586 N N   . VAL A 1 74  ? -2.692  7.043   2.694   1.00 11.32 ? 117 VAL A N   1 
ATOM   587 C CA  . VAL A 1 74  ? -4.000  7.420   3.230   1.00 14.01 ? 117 VAL A CA  1 
ATOM   588 C C   . VAL A 1 74  ? -5.056  6.745   2.352   1.00 12.02 ? 117 VAL A C   1 
ATOM   589 O O   . VAL A 1 74  ? -4.915  6.713   1.131   1.00 12.45 ? 117 VAL A O   1 
ATOM   590 C CB  . VAL A 1 74  ? -4.238  8.958   3.185   1.00 16.93 ? 117 VAL A CB  1 
ATOM   591 C CG1 . VAL A 1 74  ? -5.715  9.261   3.424   1.00 15.68 ? 117 VAL A CG1 1 
ATOM   592 C CG2 . VAL A 1 74  ? -3.408  9.660   4.260   1.00 15.57 ? 117 VAL A CG2 1 
ATOM   593 N N   . MET A 1 75  ? -6.090  6.194   2.978   1.00 9.58  ? 118 MET A N   1 
ATOM   594 C CA  . MET A 1 75  ? -7.172  5.542   2.250   1.00 11.31 ? 118 MET A CA  1 
ATOM   595 C C   . MET A 1 75  ? -8.496  6.147   2.710   1.00 11.55 ? 118 MET A C   1 
ATOM   596 O O   . MET A 1 75  ? -8.753  6.244   3.925   1.00 12.22 ? 118 MET A O   1 
ATOM   597 C CB  . MET A 1 75  ? -7.171  4.021   2.504   1.00 9.30  ? 118 MET A CB  1 
ATOM   598 C CG  . MET A 1 75  ? -5.946  3.268   1.946   1.00 13.61 ? 118 MET A CG  1 
ATOM   599 S SD  . MET A 1 75  ? -5.665  1.654   2.783   1.00 6.42  ? 118 MET A SD  1 
ATOM   600 C CE  . MET A 1 75  ? -4.936  2.266   4.291   1.00 14.90 ? 118 MET A CE  1 
ATOM   601 N N   . LYS A 1 76  ? -9.322  6.564   1.746   1.00 9.36  ? 119 LYS A N   1 
ATOM   602 C CA  . LYS A 1 76  ? -10.633 7.163   2.031   1.00 10.26 ? 119 LYS A CA  1 
ATOM   603 C C   . LYS A 1 76  ? -11.800 6.249   1.663   1.00 10.29 ? 119 LYS A C   1 
ATOM   604 O O   . LYS A 1 76  ? -11.843 5.703   0.547   1.00 8.65  ? 119 LYS A O   1 
ATOM   605 C CB  . LYS A 1 76  ? -10.812 8.481   1.268   1.00 11.26 ? 119 LYS A CB  1 
ATOM   606 C CG  . LYS A 1 76  ? -12.175 9.138   1.514   1.00 15.30 ? 119 LYS A CG  1 
ATOM   607 C CD  . LYS A 1 76  ? -12.304 10.506  0.872   1.00 18.46 ? 119 LYS A CD  1 
ATOM   608 C CE  . LYS A 1 76  ? -13.586 11.192  1.342   1.00 19.22 ? 119 LYS A CE  1 
ATOM   609 N NZ  . LYS A 1 76  ? -13.725 12.567  0.809   1.00 17.39 ? 119 LYS A NZ  1 
ATOM   610 N N   . PHE A 1 77  ? -12.747 6.108   2.593   1.00 11.78 ? 120 PHE A N   1 
ATOM   611 C CA  . PHE A 1 77  ? -13.938 5.277   2.397   1.00 13.55 ? 120 PHE A CA  1 
ATOM   612 C C   . PHE A 1 77  ? -15.228 6.023   2.733   1.00 17.50 ? 120 PHE A C   1 
ATOM   613 O O   . PHE A 1 77  ? -15.237 6.946   3.552   1.00 17.52 ? 120 PHE A O   1 
ATOM   614 C CB  . PHE A 1 77  ? -13.894 4.011   3.273   1.00 10.55 ? 120 PHE A CB  1 
ATOM   615 C CG  . PHE A 1 77  ? -12.699 3.148   3.034   1.00 11.65 ? 120 PHE A CG  1 
ATOM   616 C CD1 . PHE A 1 77  ? -11.476 3.449   3.634   1.00 10.57 ? 120 PHE A CD1 1 
ATOM   617 C CD2 . PHE A 1 77  ? -12.776 2.057   2.163   1.00 11.09 ? 120 PHE A CD2 1 
ATOM   618 C CE1 . PHE A 1 77  ? -10.342 2.681   3.367   1.00 8.49  ? 120 PHE A CE1 1 
ATOM   619 C CE2 . PHE A 1 77  ? -11.647 1.282   1.888   1.00 10.43 ? 120 PHE A CE2 1 
ATOM   620 C CZ  . PHE A 1 77  ? -10.426 1.598   2.493   1.00 12.71 ? 120 PHE A CZ  1 
ATOM   621 N N   . ARG A 1 78  ? -16.315 5.602   2.094   1.00 19.98 ? 121 ARG A N   1 
ATOM   622 C CA  . ARG A 1 78  ? -17.634 6.174   2.327   1.00 26.96 ? 121 ARG A CA  1 
ATOM   623 C C   . ARG A 1 78  ? -18.408 5.054   3.028   1.00 28.99 ? 121 ARG A C   1 
ATOM   624 O O   . ARG A 1 78  ? -18.220 3.880   2.706   1.00 29.33 ? 121 ARG A O   1 
ATOM   625 C CB  . ARG A 1 78  ? -18.327 6.500   0.998   1.00 31.10 ? 121 ARG A CB  1 
ATOM   626 C CG  . ARG A 1 78  ? -18.805 5.256   0.238   1.00 35.93 ? 121 ARG A CG  1 
ATOM   627 C CD  . ARG A 1 78  ? -19.762 5.563   -0.924  1.00 38.63 ? 121 ARG A CD  1 
ATOM   628 N NE  . ARG A 1 78  ? -19.086 5.826   -2.194  1.00 39.62 ? 121 ARG A NE  1 
ATOM   629 C CZ  . ARG A 1 78  ? -18.461 6.959   -2.497  1.00 42.55 ? 121 ARG A CZ  1 
ATOM   630 N NH1 . ARG A 1 78  ? -18.420 7.954   -1.620  1.00 43.84 ? 121 ARG A NH1 1 
ATOM   631 N NH2 . ARG A 1 78  ? -17.876 7.096   -3.680  1.00 39.71 ? 121 ARG A NH2 1 
ATOM   632 N N   . SER A 1 79  ? -19.258 5.396   3.990   1.00 28.07 ? 122 SER A N   1 
ATOM   633 C CA  . SER A 1 79  ? -20.043 4.372   4.676   1.00 30.10 ? 122 SER A CA  1 
ATOM   634 C C   . SER A 1 79  ? -20.843 4.967   5.826   1.00 29.85 ? 122 SER A C   1 
ATOM   635 O O   . SER A 1 79  ? -21.629 5.892   5.627   1.00 24.27 ? 122 SER A O   1 
ATOM   636 C CB  . SER A 1 79  ? -19.131 3.256   5.194   1.00 30.81 ? 122 SER A CB  1 
ATOM   637 O OG  . SER A 1 79  ? -19.852 2.045   5.369   1.00 37.44 ? 122 SER A OG  1 
ATOM   638 N N   . ASN A 1 84  ? -19.129 2.764   12.810  1.00 35.74 ? 127 ASN A N   1 
ATOM   639 C CA  . ASN A 1 84  ? -17.971 2.480   13.647  1.00 33.81 ? 127 ASN A CA  1 
ATOM   640 C C   . ASN A 1 84  ? -16.678 2.442   12.840  1.00 30.93 ? 127 ASN A C   1 
ATOM   641 O O   . ASN A 1 84  ? -16.601 1.808   11.787  1.00 29.97 ? 127 ASN A O   1 
ATOM   642 C CB  . ASN A 1 84  ? -18.143 1.137   14.359  1.00 37.16 ? 127 ASN A CB  1 
ATOM   643 C CG  . ASN A 1 84  ? -16.930 0.760   15.186  1.00 39.44 ? 127 ASN A CG  1 
ATOM   644 O OD1 . ASN A 1 84  ? -16.724 -0.405  15.510  1.00 43.61 ? 127 ASN A OD1 1 
ATOM   645 N ND2 . ASN A 1 84  ? -16.121 1.752   15.540  1.00 44.80 ? 127 ASN A ND2 1 
ATOM   646 N N   . ARG A 1 85  ? -15.654 3.112   13.348  1.00 29.95 ? 128 ARG A N   1 
ATOM   647 C CA  . ARG A 1 85  ? -14.372 3.124   12.663  1.00 29.50 ? 128 ARG A CA  1 
ATOM   648 C C   . ARG A 1 85  ? -13.649 1.800   12.894  1.00 25.85 ? 128 ARG A C   1 
ATOM   649 O O   . ARG A 1 85  ? -12.761 1.429   12.130  1.00 25.54 ? 128 ARG A O   1 
ATOM   650 C CB  . ARG A 1 85  ? -13.523 4.303   13.147  1.00 27.91 ? 128 ARG A CB  1 
ATOM   651 C CG  . ARG A 1 85  ? -13.467 4.486   14.649  1.00 31.03 ? 128 ARG A CG  1 
ATOM   652 C CD  . ARG A 1 85  ? -12.465 5.583   14.989  1.00 33.43 ? 128 ARG A CD  1 
ATOM   653 N NE  . ARG A 1 85  ? -12.355 5.862   16.418  1.00 33.64 ? 128 ARG A NE  1 
ATOM   654 C CZ  . ARG A 1 85  ? -11.196 6.022   17.053  1.00 30.16 ? 128 ARG A CZ  1 
ATOM   655 N NH1 . ARG A 1 85  ? -10.054 5.923   16.389  1.00 30.84 ? 128 ARG A NH1 1 
ATOM   656 N NH2 . ARG A 1 85  ? -11.179 6.296   18.349  1.00 24.61 ? 128 ARG A NH2 1 
ATOM   657 N N   . LYS A 1 86  ? -14.043 1.090   13.950  1.00 26.60 ? 129 LYS A N   1 
ATOM   658 C CA  . LYS A 1 86  ? -13.455 -0.205  14.285  1.00 29.00 ? 129 LYS A CA  1 
ATOM   659 C C   . LYS A 1 86  ? -13.941 -1.252  13.282  1.00 27.07 ? 129 LYS A C   1 
ATOM   660 O O   . LYS A 1 86  ? -13.170 -2.095  12.820  1.00 26.00 ? 129 LYS A O   1 
ATOM   661 C CB  . LYS A 1 86  ? -13.869 -0.634  15.696  1.00 33.49 ? 129 LYS A CB  1 
ATOM   662 C CG  . LYS A 1 86  ? -13.427 0.298   16.819  1.00 40.83 ? 129 LYS A CG  1 
ATOM   663 C CD  . LYS A 1 86  ? -11.941 0.154   17.157  1.00 45.55 ? 129 LYS A CD  1 
ATOM   664 C CE  . LYS A 1 86  ? -11.036 0.809   16.120  1.00 47.37 ? 129 LYS A CE  1 
ATOM   665 N NZ  . LYS A 1 86  ? -11.307 2.272   16.010  1.00 48.37 ? 129 LYS A NZ  1 
ATOM   666 N N   . VAL A 1 87  ? -15.227 -1.184  12.954  1.00 23.37 ? 130 VAL A N   1 
ATOM   667 C CA  . VAL A 1 87  ? -15.829 -2.107  12.007  1.00 21.79 ? 130 VAL A CA  1 
ATOM   668 C C   . VAL A 1 87  ? -15.185 -1.962  10.634  1.00 21.15 ? 130 VAL A C   1 
ATOM   669 O O   . VAL A 1 87  ? -14.724 -2.940  10.048  1.00 16.93 ? 130 VAL A O   1 
ATOM   670 C CB  . VAL A 1 87  ? -17.333 -1.846  11.870  1.00 22.40 ? 130 VAL A CB  1 
ATOM   671 C CG1 . VAL A 1 87  ? -17.937 -2.767  10.807  1.00 21.94 ? 130 VAL A CG1 1 
ATOM   672 C CG2 . VAL A 1 87  ? -18.004 -2.060  13.207  1.00 26.16 ? 130 VAL A CG2 1 
ATOM   673 N N   . MET A 1 88  ? -15.152 -0.733  10.128  1.00 17.04 ? 131 MET A N   1 
ATOM   674 C CA  . MET A 1 88  ? -14.559 -0.474  8.820   1.00 16.07 ? 131 MET A CA  1 
ATOM   675 C C   . MET A 1 88  ? -13.120 -0.979  8.800   1.00 12.79 ? 131 MET A C   1 
ATOM   676 O O   . MET A 1 88  ? -12.651 -1.530  7.803   1.00 12.22 ? 131 MET A O   1 
ATOM   677 C CB  . MET A 1 88  ? -14.590 1.024   8.523   1.00 20.22 ? 131 MET A CB  1 
ATOM   678 C CG  . MET A 1 88  ? -14.053 1.412   7.157   1.00 27.17 ? 131 MET A CG  1 
ATOM   679 S SD  . MET A 1 88  ? -14.943 0.638   5.804   1.00 28.76 ? 131 MET A SD  1 
ATOM   680 C CE  . MET A 1 88  ? -16.657 0.918   6.297   1.00 19.67 ? 131 MET A CE  1 
ATOM   681 N N   . LYS A 1 89  ? -12.426 -0.797  9.919   1.00 13.47 ? 132 LYS A N   1 
ATOM   682 C CA  . LYS A 1 89  ? -11.041 -1.224  10.033  1.00 13.80 ? 132 LYS A CA  1 
ATOM   683 C C   . LYS A 1 89  ? -10.848 -2.720  9.824   1.00 10.68 ? 132 LYS A C   1 
ATOM   684 O O   . LYS A 1 89  ? -9.964  -3.125  9.084   1.00 12.23 ? 132 LYS A O   1 
ATOM   685 C CB  . LYS A 1 89  ? -10.489 -0.800  11.392  1.00 13.55 ? 132 LYS A CB  1 
ATOM   686 C CG  . LYS A 1 89  ? -9.040  -1.157  11.644  1.00 17.73 ? 132 LYS A CG  1 
ATOM   687 C CD  . LYS A 1 89  ? -8.585  -0.356  12.859  1.00 22.64 ? 132 LYS A CD  1 
ATOM   688 C CE  . LYS A 1 89  ? -7.236  -0.771  13.378  1.00 25.43 ? 132 LYS A CE  1 
ATOM   689 N NZ  . LYS A 1 89  ? -6.929  0.029   14.605  1.00 26.67 ? 132 LYS A NZ  1 
ATOM   690 N N   . THR A 1 90  ? -11.670 -3.540  10.474  1.00 8.89  ? 133 THR A N   1 
ATOM   691 C CA  . THR A 1 90  ? -11.567 -4.995  10.350  1.00 12.41 ? 133 THR A CA  1 
ATOM   692 C C   . THR A 1 90  ? -11.809 -5.459  8.917   1.00 11.80 ? 133 THR A C   1 
ATOM   693 O O   . THR A 1 90  ? -11.205 -6.431  8.469   1.00 13.83 ? 133 THR A O   1 
ATOM   694 C CB  . THR A 1 90  ? -12.569 -5.718  11.297  1.00 11.93 ? 133 THR A CB  1 
ATOM   695 O OG1 . THR A 1 90  ? -13.899 -5.242  11.051  1.00 13.82 ? 133 THR A OG1 1 
ATOM   696 C CG2 . THR A 1 90  ? -12.205 -5.442  12.751  1.00 17.29 ? 133 THR A CG2 1 
ATOM   697 N N   . ARG A 1 91  ? -12.692 -4.766  8.203   1.00 10.43 ? 134 ARG A N   1 
ATOM   698 C CA  . ARG A 1 91  ? -12.969 -5.113  6.813   1.00 9.56  ? 134 ARG A CA  1 
ATOM   699 C C   . ARG A 1 91  ? -11.754 -4.745  5.969   1.00 9.57  ? 134 ARG A C   1 
ATOM   700 O O   . ARG A 1 91  ? -11.363 -5.472  5.051   1.00 8.63  ? 134 ARG A O   1 
ATOM   701 C CB  . ARG A 1 91  ? -14.195 -4.342  6.292   1.00 13.42 ? 134 ARG A CB  1 
ATOM   702 C CG  . ARG A 1 91  ? -15.490 -4.554  7.079   1.00 13.34 ? 134 ARG A CG  1 
ATOM   703 C CD  . ARG A 1 91  ? -16.594 -3.609  6.568   1.00 17.24 ? 134 ARG A CD  1 
ATOM   704 N NE  . ARG A 1 91  ? -16.928 -3.864  5.165   1.00 16.48 ? 134 ARG A NE  1 
ATOM   705 C CZ  . ARG A 1 91  ? -17.707 -3.081  4.421   1.00 19.29 ? 134 ARG A CZ  1 
ATOM   706 N NH1 . ARG A 1 91  ? -18.238 -1.977  4.935   1.00 16.30 ? 134 ARG A NH1 1 
ATOM   707 N NH2 . ARG A 1 91  ? -17.961 -3.403  3.160   1.00 20.95 ? 134 ARG A NH2 1 
ATOM   708 N N   . ILE A 1 92  ? -11.156 -3.605  6.290   1.00 9.38  ? 135 ILE A N   1 
ATOM   709 C CA  . ILE A 1 92  ? -9.991  -3.133  5.550   1.00 10.21 ? 135 ILE A CA  1 
ATOM   710 C C   . ILE A 1 92  ? -8.822  -4.081  5.745   1.00 11.12 ? 135 ILE A C   1 
ATOM   711 O O   . ILE A 1 92  ? -8.128  -4.436  4.788   1.00 12.00 ? 135 ILE A O   1 
ATOM   712 C CB  . ILE A 1 92  ? -9.587  -1.698  5.996   1.00 9.25  ? 135 ILE A CB  1 
ATOM   713 C CG1 . ILE A 1 92  ? -10.665 -0.703  5.562   1.00 11.19 ? 135 ILE A CG1 1 
ATOM   714 C CG2 . ILE A 1 92  ? -8.227  -1.321  5.386   1.00 5.90  ? 135 ILE A CG2 1 
ATOM   715 C CD1 . ILE A 1 92  ? -10.457 0.729   6.075   1.00 15.86 ? 135 ILE A CD1 1 
ATOM   716 N N   . GLN A 1 93  ? -8.614  -4.510  6.985   1.00 9.63  ? 136 GLN A N   1 
ATOM   717 C CA  . GLN A 1 93  ? -7.521  -5.426  7.292   1.00 11.83 ? 136 GLN A CA  1 
ATOM   718 C C   . GLN A 1 93  ? -7.592  -6.727  6.491   1.00 10.36 ? 136 GLN A C   1 
ATOM   719 O O   . GLN A 1 93  ? -6.559  -7.289  6.096   1.00 8.30  ? 136 GLN A O   1 
ATOM   720 C CB  . GLN A 1 93  ? -7.518  -5.727  8.787   1.00 12.94 ? 136 GLN A CB  1 
ATOM   721 C CG  . GLN A 1 93  ? -7.047  -4.561  9.646   1.00 11.54 ? 136 GLN A CG  1 
ATOM   722 C CD  . GLN A 1 93  ? -7.275  -4.807  11.128  1.00 15.70 ? 136 GLN A CD  1 
ATOM   723 O OE1 . GLN A 1 93  ? -8.351  -5.254  11.531  1.00 15.59 ? 136 GLN A OE1 1 
ATOM   724 N NE2 . GLN A 1 93  ? -6.271  -4.502  11.946  1.00 14.33 ? 136 GLN A NE2 1 
ATOM   725 N N   . SER A 1 94  ? -8.806  -7.194  6.224   1.00 9.29  ? 137 SER A N   1 
ATOM   726 C CA  . SER A 1 94  ? -8.956  -8.429  5.472   1.00 10.62 ? 137 SER A CA  1 
ATOM   727 C C   . SER A 1 94  ? -8.541  -8.251  4.019   1.00 11.99 ? 137 SER A C   1 
ATOM   728 O O   . SER A 1 94  ? -8.183  -9.223  3.353   1.00 15.01 ? 137 SER A O   1 
ATOM   729 C CB  . SER A 1 94  ? -10.392 -8.956  5.578   1.00 15.33 ? 137 SER A CB  1 
ATOM   730 O OG  . SER A 1 94  ? -10.602 -9.562  6.850   1.00 17.22 ? 137 SER A OG  1 
ATOM   731 N N   . VAL A 1 95  ? -8.566  -7.013  3.529   1.00 11.78 ? 138 VAL A N   1 
ATOM   732 C CA  . VAL A 1 95  ? -8.141  -6.753  2.159   1.00 12.40 ? 138 VAL A CA  1 
ATOM   733 C C   . VAL A 1 95  ? -6.627  -6.568  2.121   1.00 12.57 ? 138 VAL A C   1 
ATOM   734 O O   . VAL A 1 95  ? -5.941  -7.146  1.270   1.00 10.22 ? 138 VAL A O   1 
ATOM   735 C CB  . VAL A 1 95  ? -8.833  -5.497  1.571   1.00 13.22 ? 138 VAL A CB  1 
ATOM   736 C CG1 . VAL A 1 95  ? -8.346  -5.248  0.150   1.00 15.01 ? 138 VAL A CG1 1 
ATOM   737 C CG2 . VAL A 1 95  ? -10.348 -5.694  1.572   1.00 13.57 ? 138 VAL A CG2 1 
ATOM   738 N N   . LEU A 1 96  ? -6.097  -5.788  3.061   1.00 9.81  ? 139 LEU A N   1 
ATOM   739 C CA  . LEU A 1 96  ? -4.656  -5.534  3.102   1.00 14.70 ? 139 LEU A CA  1 
ATOM   740 C C   . LEU A 1 96  ? -3.857  -6.825  3.283   1.00 15.34 ? 139 LEU A C   1 
ATOM   741 O O   . LEU A 1 96  ? -2.738  -6.960  2.784   1.00 12.47 ? 139 LEU A O   1 
ATOM   742 C CB  . LEU A 1 96  ? -4.319  -4.537  4.224   1.00 13.64 ? 139 LEU A CB  1 
ATOM   743 C CG  . LEU A 1 96  ? -4.985  -3.160  4.099   1.00 8.66  ? 139 LEU A CG  1 
ATOM   744 C CD1 . LEU A 1 96  ? -4.516  -2.281  5.234   1.00 9.57  ? 139 LEU A CD1 1 
ATOM   745 C CD2 . LEU A 1 96  ? -4.667  -2.502  2.757   1.00 11.90 ? 139 LEU A CD2 1 
ATOM   746 N N   . ARG A 1 97  ? -4.456  -7.780  3.983   1.00 13.37 ? 140 ARG A N   1 
ATOM   747 C CA  . ARG A 1 97  ? -3.823  -9.061  4.221   1.00 18.15 ? 140 ARG A CA  1 
ATOM   748 C C   . ARG A 1 97  ? -3.484  -9.744  2.897   1.00 18.07 ? 140 ARG A C   1 
ATOM   749 O O   . ARG A 1 97  ? -2.553  -10.542 2.826   1.00 16.86 ? 140 ARG A O   1 
ATOM   750 C CB  . ARG A 1 97  ? -4.759  -9.946  5.052   1.00 21.94 ? 140 ARG A CB  1 
ATOM   751 C CG  . ARG A 1 97  ? -4.186  -11.290 5.447   1.00 30.57 ? 140 ARG A CG  1 
ATOM   752 C CD  . ARG A 1 97  ? -4.740  -11.767 6.798   1.00 41.81 ? 140 ARG A CD  1 
ATOM   753 N NE  . ARG A 1 97  ? -6.200  -11.916 6.838   1.00 48.07 ? 140 ARG A NE  1 
ATOM   754 C CZ  . ARG A 1 97  ? -7.066  -10.910 6.955   1.00 50.45 ? 140 ARG A CZ  1 
ATOM   755 N NH1 . ARG A 1 97  ? -6.634  -9.658  7.045   1.00 54.44 ? 140 ARG A NH1 1 
ATOM   756 N NH2 . ARG A 1 97  ? -8.371  -11.154 6.995   1.00 48.97 ? 140 ARG A NH2 1 
ATOM   757 N N   . ARG A 1 98  ? -4.237  -9.427  1.845   1.00 16.54 ? 141 ARG A N   1 
ATOM   758 C CA  . ARG A 1 98  ? -3.983  -10.030 0.537   1.00 17.60 ? 141 ARG A CA  1 
ATOM   759 C C   . ARG A 1 98  ? -2.672  -9.514  -0.072  1.00 18.83 ? 141 ARG A C   1 
ATOM   760 O O   . ARG A 1 98  ? -2.059  -10.178 -0.917  1.00 19.84 ? 141 ARG A O   1 
ATOM   761 C CB  . ARG A 1 98  ? -5.151  -9.741  -0.415  1.00 18.10 ? 141 ARG A CB  1 
ATOM   762 C CG  . ARG A 1 98  ? -6.509  -10.042 0.186   1.00 21.98 ? 141 ARG A CG  1 
ATOM   763 C CD  . ARG A 1 98  ? -7.631  -10.136 -0.846  1.00 27.92 ? 141 ARG A CD  1 
ATOM   764 N NE  . ARG A 1 98  ? -7.651  -9.026  -1.793  1.00 29.32 ? 141 ARG A NE  1 
ATOM   765 C CZ  . ARG A 1 98  ? -8.699  -8.712  -2.550  1.00 27.93 ? 141 ARG A CZ  1 
ATOM   766 N NH1 . ARG A 1 98  ? -9.818  -9.419  -2.464  1.00 27.86 ? 141 ARG A NH1 1 
ATOM   767 N NH2 . ARG A 1 98  ? -8.623  -7.706  -3.412  1.00 24.96 ? 141 ARG A NH2 1 
ATOM   768 N N   . LEU A 1 99  ? -2.244  -8.334  0.365   1.00 13.81 ? 142 LEU A N   1 
ATOM   769 C CA  . LEU A 1 99  ? -1.012  -7.725  -0.134  1.00 16.56 ? 142 LEU A CA  1 
ATOM   770 C C   . LEU A 1 99  ? 0.222   -8.210  0.619   1.00 17.98 ? 142 LEU A C   1 
ATOM   771 O O   . LEU A 1 99  ? 1.345   -8.041  0.145   1.00 19.84 ? 142 LEU A O   1 
ATOM   772 C CB  . LEU A 1 99  ? -1.087  -6.198  -0.010  1.00 13.62 ? 142 LEU A CB  1 
ATOM   773 C CG  . LEU A 1 99  ? -1.987  -5.506  -1.026  1.00 17.83 ? 142 LEU A CG  1 
ATOM   774 C CD1 . LEU A 1 99  ? -2.285  -4.071  -0.590  1.00 14.87 ? 142 LEU A CD1 1 
ATOM   775 C CD2 . LEU A 1 99  ? -1.290  -5.548  -2.399  1.00 16.93 ? 142 LEU A CD2 1 
ATOM   776 N N   . SER A 1 100 ? 0.006   -8.815  1.786   1.00 19.02 ? 143 SER A N   1 
ATOM   777 C CA  . SER A 1 100 ? 1.110   -9.290  2.625   1.00 21.28 ? 143 SER A CA  1 
ATOM   778 C C   . SER A 1 100 ? 1.385   -10.784 2.518   1.00 22.64 ? 143 SER A C   1 
ATOM   779 O O   . SER A 1 100 ? 0.473   -11.589 2.333   1.00 22.53 ? 143 SER A O   1 
ATOM   780 C CB  . SER A 1 100 ? 0.844   -8.945  4.098   1.00 13.70 ? 143 SER A CB  1 
ATOM   781 O OG  . SER A 1 100 ? 1.921   -9.376  4.921   1.00 18.70 ? 143 SER A OG  1 
ATOM   782 N N   . SER A 1 101 ? 2.659   -11.139 2.653   1.00 26.38 ? 144 SER A N   1 
ATOM   783 C CA  . SER A 1 101 ? 3.099   -12.525 2.602   1.00 29.54 ? 144 SER A CA  1 
ATOM   784 C C   . SER A 1 101 ? 3.895   -12.886 3.860   1.00 30.43 ? 144 SER A C   1 
ATOM   785 O O   . SER A 1 101 ? 4.252   -14.045 4.061   1.00 32.61 ? 144 SER A O   1 
ATOM   786 C CB  . SER A 1 101 ? 3.953   -12.768 1.354   1.00 30.06 ? 144 SER A CB  1 
ATOM   787 O OG  . SER A 1 101 ? 3.169   -12.652 0.173   1.00 35.05 ? 144 SER A OG  1 
ATOM   788 N N   . SER A 1 102 ? 4.162   -11.895 4.709   1.00 30.13 ? 145 SER A N   1 
ATOM   789 C CA  . SER A 1 102 ? 4.915   -12.134 5.940   1.00 27.44 ? 145 SER A CA  1 
ATOM   790 C C   . SER A 1 102 ? 4.107   -11.775 7.187   1.00 26.16 ? 145 SER A C   1 
ATOM   791 O O   . SER A 1 102 ? 4.532   -12.043 8.314   1.00 23.96 ? 145 SER A O   1 
ATOM   792 C CB  . SER A 1 102 ? 6.213   -11.320 5.937   1.00 28.55 ? 145 SER A CB  1 
ATOM   793 O OG  . SER A 1 102 ? 5.942   -9.937  6.085   1.00 31.36 ? 145 SER A OG  1 
ATOM   794 N N   . GLY A 1 103 ? 2.940   -11.177 6.983   1.00 21.22 ? 146 GLY A N   1 
ATOM   795 C CA  . GLY A 1 103 ? 2.110   -10.775 8.106   1.00 18.76 ? 146 GLY A CA  1 
ATOM   796 C C   . GLY A 1 103 ? 2.295   -9.296  8.362   1.00 14.41 ? 146 GLY A C   1 
ATOM   797 O O   . GLY A 1 103 ? 1.526   -8.674  9.092   1.00 17.48 ? 146 GLY A O   1 
ATOM   798 N N   . ASN A 1 104 ? 3.323   -8.726  7.746   1.00 13.97 ? 147 ASN A N   1 
ATOM   799 C CA  . ASN A 1 104 ? 3.614   -7.299  7.881   1.00 15.53 ? 147 ASN A CA  1 
ATOM   800 C C   . ASN A 1 104 ? 2.749   -6.469  6.944   1.00 15.79 ? 147 ASN A C   1 
ATOM   801 O O   . ASN A 1 104 ? 2.288   -6.957  5.909   1.00 12.86 ? 147 ASN A O   1 
ATOM   802 C CB  . ASN A 1 104 ? 5.062   -6.990  7.491   1.00 17.61 ? 147 ASN A CB  1 
ATOM   803 C CG  . ASN A 1 104 ? 6.045   -7.337  8.562   1.00 19.41 ? 147 ASN A CG  1 
ATOM   804 O OD1 . ASN A 1 104 ? 6.618   -8.432  8.573   1.00 21.08 ? 147 ASN A OD1 1 
ATOM   805 N ND2 . ASN A 1 104 ? 6.258   -6.402  9.478   1.00 15.74 ? 147 ASN A ND2 1 
ATOM   806 N N   . LEU A 1 105 ? 2.557   -5.205  7.302   1.00 13.41 ? 148 LEU A N   1 
ATOM   807 C CA  . LEU A 1 105 ? 1.818   -4.304  6.440   1.00 13.44 ? 148 LEU A CA  1 
ATOM   808 C C   . LEU A 1 105 ? 2.862   -4.013  5.367   1.00 13.13 ? 148 LEU A C   1 
ATOM   809 O O   . LEU A 1 105 ? 3.810   -3.248  5.587   1.00 9.30  ? 148 LEU A O   1 
ATOM   810 C CB  . LEU A 1 105 ? 1.439   -3.023  7.186   1.00 14.94 ? 148 LEU A CB  1 
ATOM   811 C CG  . LEU A 1 105 ? 0.196   -3.161  8.064   1.00 18.85 ? 148 LEU A CG  1 
ATOM   812 C CD1 . LEU A 1 105 ? 0.208   -2.123  9.173   1.00 19.34 ? 148 LEU A CD1 1 
ATOM   813 C CD2 . LEU A 1 105 ? -1.037  -3.009  7.186   1.00 15.21 ? 148 LEU A CD2 1 
ATOM   814 N N   . GLU A 1 106 ? 2.692   -4.650  4.215   1.00 13.55 ? 149 GLU A N   1 
ATOM   815 C CA  . GLU A 1 106 ? 3.629   -4.503  3.112   1.00 14.97 ? 149 GLU A CA  1 
ATOM   816 C C   . GLU A 1 106 ? 2.951   -4.498  1.752   1.00 14.08 ? 149 GLU A C   1 
ATOM   817 O O   . GLU A 1 106 ? 1.787   -4.870  1.609   1.00 11.69 ? 149 GLU A O   1 
ATOM   818 C CB  . GLU A 1 106 ? 4.654   -5.642  3.154   1.00 14.22 ? 149 GLU A CB  1 
ATOM   819 C CG  . GLU A 1 106 ? 4.012   -7.037  3.065   1.00 13.96 ? 149 GLU A CG  1 
ATOM   820 C CD  . GLU A 1 106 ? 5.002   -8.178  3.297   1.00 16.08 ? 149 GLU A CD  1 
ATOM   821 O OE1 . GLU A 1 106 ? 5.888   -8.028  4.154   1.00 16.93 ? 149 GLU A OE1 1 
ATOM   822 O OE2 . GLU A 1 106 ? 4.878   -9.241  2.638   1.00 20.66 ? 149 GLU A OE2 1 
ATOM   823 N N   . ILE A 1 107 ? 3.713   -4.063  0.756   1.00 15.38 ? 150 ILE A N   1 
ATOM   824 C CA  . ILE A 1 107 ? 3.271   -3.989  -0.626  1.00 15.12 ? 150 ILE A CA  1 
ATOM   825 C C   . ILE A 1 107 ? 4.511   -4.243  -1.476  1.00 16.15 ? 150 ILE A C   1 
ATOM   826 O O   . ILE A 1 107 ? 5.546   -3.600  -1.261  1.00 15.56 ? 150 ILE A O   1 
ATOM   827 C CB  . ILE A 1 107 ? 2.737   -2.582  -0.976  1.00 17.11 ? 150 ILE A CB  1 
ATOM   828 C CG1 . ILE A 1 107 ? 1.553   -2.225  -0.069  1.00 16.41 ? 150 ILE A CG1 1 
ATOM   829 C CG2 . ILE A 1 107 ? 2.330   -2.527  -2.458  1.00 15.82 ? 150 ILE A CG2 1 
ATOM   830 C CD1 . ILE A 1 107 ? 0.927   -0.881  -0.376  1.00 14.14 ? 150 ILE A CD1 1 
ATOM   831 N N   . ALA A 1 108 ? 4.421   -5.173  -2.425  1.00 14.06 ? 151 ALA A N   1 
ATOM   832 C CA  . ALA A 1 108 ? 5.556   -5.466  -3.304  1.00 12.87 ? 151 ALA A CA  1 
ATOM   833 C C   . ALA A 1 108 ? 5.262   -5.038  -4.745  1.00 12.86 ? 151 ALA A C   1 
ATOM   834 O O   . ALA A 1 108 ? 4.519   -5.709  -5.456  1.00 12.26 ? 151 ALA A O   1 
ATOM   835 C CB  . ALA A 1 108 ? 5.891   -6.961  -3.259  1.00 14.50 ? 151 ALA A CB  1 
ATOM   836 N N   . PRO A 1 109 ? 5.830   -3.900  -5.190  1.00 13.05 ? 152 PRO A N   1 
ATOM   837 C CA  . PRO A 1 109 ? 5.596   -3.436  -6.562  1.00 13.44 ? 152 PRO A CA  1 
ATOM   838 C C   . PRO A 1 109 ? 5.988   -4.566  -7.505  1.00 13.22 ? 152 PRO A C   1 
ATOM   839 O O   . PRO A 1 109 ? 5.356   -4.771  -8.535  1.00 12.81 ? 152 PRO A O   1 
ATOM   840 C CB  . PRO A 1 109 ? 6.518   -2.219  -6.680  1.00 12.87 ? 152 PRO A CB  1 
ATOM   841 C CG  . PRO A 1 109 ? 6.528   -1.678  -5.297  1.00 12.19 ? 152 PRO A CG  1 
ATOM   842 C CD  . PRO A 1 109 ? 6.653   -2.934  -4.441  1.00 12.85 ? 152 PRO A CD  1 
ATOM   843 N N   . SER A 1 110 ? 7.052   -5.282  -7.136  1.00 13.54 ? 153 SER A N   1 
ATOM   844 C CA  . SER A 1 110 ? 7.515   -6.448  -7.883  1.00 12.08 ? 153 SER A CA  1 
ATOM   845 C C   . SER A 1 110 ? 7.899   -7.552  -6.892  1.00 13.81 ? 153 SER A C   1 
ATOM   846 O O   . SER A 1 110 ? 8.538   -7.291  -5.868  1.00 15.89 ? 153 SER A O   1 
ATOM   847 C CB  . SER A 1 110 ? 8.718   -6.118  -8.757  1.00 14.62 ? 153 SER A CB  1 
ATOM   848 O OG  . SER A 1 110 ? 8.959   -7.189  -9.659  1.00 16.15 ? 153 SER A OG  1 
ATOM   849 N N   . ASN A 1 111 ? 7.507   -8.785  -7.200  1.00 12.96 ? 154 ASN A N   1 
ATOM   850 C CA  . ASN A 1 111 ? 7.791   -9.929  -6.342  1.00 13.37 ? 154 ASN A CA  1 
ATOM   851 C C   . ASN A 1 111 ? 9.047   -10.673 -6.805  1.00 13.06 ? 154 ASN A C   1 
ATOM   852 O O   . ASN A 1 111 ? 9.124   -11.124 -7.950  1.00 12.57 ? 154 ASN A O   1 
ATOM   853 C CB  . ASN A 1 111 ? 6.613   -10.899 -6.359  1.00 13.84 ? 154 ASN A CB  1 
ATOM   854 C CG  . ASN A 1 111 ? 5.308   -10.246 -5.942  1.00 16.41 ? 154 ASN A CG  1 
ATOM   855 O OD1 . ASN A 1 111 ? 4.574   -9.684  -6.759  1.00 16.29 ? 154 ASN A OD1 1 
ATOM   856 N ND2 . ASN A 1 111 ? 5.019   -10.310 -4.661  1.00 16.83 ? 154 ASN A ND2 1 
ATOM   857 N N   . GLU A 1 112 ? 10.020  -10.813 -5.918  1.00 10.51 ? 155 GLU A N   1 
ATOM   858 C CA  . GLU A 1 112 ? 11.246  -11.509 -6.286  1.00 13.75 ? 155 GLU A CA  1 
ATOM   859 C C   . GLU A 1 112 ? 11.077  -13.013 -6.188  1.00 15.60 ? 155 GLU A C   1 
ATOM   860 O O   . GLU A 1 112 ? 10.567  -13.527 -5.188  1.00 15.73 ? 155 GLU A O   1 
ATOM   861 C CB  . GLU A 1 112 ? 12.429  -11.087 -5.402  1.00 16.63 ? 155 GLU A CB  1 
ATOM   862 C CG  . GLU A 1 112 ? 13.717  -11.830 -5.766  1.00 23.21 ? 155 GLU A CG  1 
ATOM   863 C CD  . GLU A 1 112 ? 14.955  -11.335 -5.037  1.00 28.83 ? 155 GLU A CD  1 
ATOM   864 O OE1 . GLU A 1 112 ? 14.872  -11.071 -3.821  1.00 33.25 ? 155 GLU A OE1 1 
ATOM   865 O OE2 . GLU A 1 112 ? 16.024  -11.232 -5.682  1.00 33.56 ? 155 GLU A OE2 1 
ATOM   866 N N   . ILE A 1 113 ? 11.487  -13.715 -7.241  1.00 11.42 ? 156 ILE A N   1 
ATOM   867 C CA  . ILE A 1 113 ? 11.430  -15.173 -7.251  1.00 13.15 ? 156 ILE A CA  1 
ATOM   868 C C   . ILE A 1 113 ? 12.878  -15.614 -7.068  1.00 12.99 ? 156 ILE A C   1 
ATOM   869 O O   . ILE A 1 113 ? 13.737  -15.257 -7.877  1.00 11.40 ? 156 ILE A O   1 
ATOM   870 C CB  . ILE A 1 113 ? 10.878  -15.724 -8.597  1.00 9.52  ? 156 ILE A CB  1 
ATOM   871 C CG1 . ILE A 1 113 ? 9.420   -15.300 -8.778  1.00 10.46 ? 156 ILE A CG1 1 
ATOM   872 C CG2 . ILE A 1 113 ? 10.958  -17.251 -8.614  1.00 12.21 ? 156 ILE A CG2 1 
ATOM   873 C CD1 . ILE A 1 113 ? 8.849   -15.631 -10.154 1.00 13.46 ? 156 ILE A CD1 1 
ATOM   874 N N   . THR A 1 114 ? 13.157  -16.354 -5.994  1.00 12.04 ? 157 THR A N   1 
ATOM   875 C CA  . THR A 1 114 ? 14.519  -16.818 -5.730  1.00 15.97 ? 157 THR A CA  1 
ATOM   876 C C   . THR A 1 114 ? 14.684  -18.331 -5.753  1.00 17.52 ? 157 THR A C   1 
ATOM   877 O O   . THR A 1 114 ? 15.811  -18.828 -5.774  1.00 18.57 ? 157 THR A O   1 
ATOM   878 C CB  . THR A 1 114 ? 15.052  -16.284 -4.373  1.00 17.32 ? 157 THR A CB  1 
ATOM   879 O OG1 . THR A 1 114 ? 14.121  -16.588 -3.329  1.00 16.09 ? 157 THR A OG1 1 
ATOM   880 C CG2 . THR A 1 114 ? 15.256  -14.780 -4.448  1.00 17.64 ? 157 THR A CG2 1 
ATOM   881 N N   . SER A 1 115 ? 13.573  -19.068 -5.743  1.00 17.26 ? 158 SER A N   1 
ATOM   882 C CA  . SER A 1 115 ? 13.640  -20.529 -5.795  1.00 16.79 ? 158 SER A CA  1 
ATOM   883 C C   . SER A 1 115 ? 12.559  -21.057 -6.730  1.00 16.26 ? 158 SER A C   1 
ATOM   884 O O   . SER A 1 115 ? 11.693  -20.309 -7.175  1.00 16.67 ? 158 SER A O   1 
ATOM   885 C CB  . SER A 1 115 ? 13.433  -21.143 -4.410  1.00 19.51 ? 158 SER A CB  1 
ATOM   886 O OG  . SER A 1 115 ? 12.054  -21.315 -4.143  1.00 24.13 ? 158 SER A OG  1 
ATOM   887 N N   . LEU A 1 116 ? 12.608  -22.354 -7.007  1.00 15.23 ? 159 LEU A N   1 
ATOM   888 C CA  . LEU A 1 116 ? 11.650  -22.987 -7.896  1.00 16.37 ? 159 LEU A CA  1 
ATOM   889 C C   . LEU A 1 116 ? 10.577  -23.814 -7.196  1.00 18.61 ? 159 LEU A C   1 
ATOM   890 O O   . LEU A 1 116 ? 9.769   -24.463 -7.863  1.00 19.52 ? 159 LEU A O   1 
ATOM   891 C CB  . LEU A 1 116 ? 12.400  -23.850 -8.921  1.00 18.27 ? 159 LEU A CB  1 
ATOM   892 C CG  . LEU A 1 116 ? 12.754  -23.237 -10.280 1.00 22.13 ? 159 LEU A CG  1 
ATOM   893 C CD1 . LEU A 1 116 ? 12.687  -21.722 -10.229 1.00 19.59 ? 159 LEU A CD1 1 
ATOM   894 C CD2 . LEU A 1 116 ? 14.128  -23.730 -10.713 1.00 19.37 ? 159 LEU A CD2 1 
ATOM   895 N N   . THR A 1 117 ? 10.555  -23.796 -5.866  1.00 17.91 ? 160 THR A N   1 
ATOM   896 C CA  . THR A 1 117 ? 9.544   -24.545 -5.119  1.00 21.26 ? 160 THR A CA  1 
ATOM   897 C C   . THR A 1 117 ? 8.666   -23.596 -4.300  1.00 22.96 ? 160 THR A C   1 
ATOM   898 O O   . THR A 1 117 ? 9.104   -22.504 -3.920  1.00 24.00 ? 160 THR A O   1 
ATOM   899 C CB  . THR A 1 117 ? 10.183  -25.593 -4.152  1.00 21.77 ? 160 THR A CB  1 
ATOM   900 O OG1 . THR A 1 117 ? 11.002  -24.926 -3.186  1.00 29.02 ? 160 THR A OG1 1 
ATOM   901 C CG2 . THR A 1 117 ? 11.028  -26.593 -4.922  1.00 16.93 ? 160 THR A CG2 1 
ATOM   902 N N   . ASP A 1 118 ? 7.432   -24.011 -4.027  1.00 21.92 ? 161 ASP A N   1 
ATOM   903 C CA  . ASP A 1 118 ? 6.502   -23.190 -3.253  1.00 27.08 ? 161 ASP A CA  1 
ATOM   904 C C   . ASP A 1 118 ? 7.013   -23.023 -1.827  1.00 29.80 ? 161 ASP A C   1 
ATOM   905 O O   . ASP A 1 118 ? 6.932   -23.941 -1.018  1.00 29.01 ? 161 ASP A O   1 
ATOM   906 C CB  . ASP A 1 118 ? 5.109   -23.834 -3.234  1.00 24.39 ? 161 ASP A CB  1 
ATOM   907 C CG  . ASP A 1 118 ? 4.074   -22.979 -2.520  1.00 28.17 ? 161 ASP A CG  1 
ATOM   908 O OD1 . ASP A 1 118 ? 2.880   -23.350 -2.556  1.00 25.22 ? 161 ASP A OD1 1 
ATOM   909 O OD2 . ASP A 1 118 ? 4.444   -21.943 -1.921  1.00 25.42 ? 161 ASP A OD2 1 
ATOM   910 N N   . GLN A 1 119 ? 7.538   -21.845 -1.517  1.00 35.64 ? 162 GLN A N   1 
ATOM   911 C CA  . GLN A 1 119 ? 8.058   -21.611 -0.180  1.00 40.42 ? 162 GLN A CA  1 
ATOM   912 C C   . GLN A 1 119 ? 6.997   -20.959 0.695   1.00 41.72 ? 162 GLN A C   1 
ATOM   913 O O   . GLN A 1 119 ? 7.251   -20.627 1.855   1.00 43.87 ? 162 GLN A O   1 
ATOM   914 C CB  . GLN A 1 119 ? 9.320   -20.751 -0.250  1.00 43.74 ? 162 GLN A CB  1 
ATOM   915 C CG  . GLN A 1 119 ? 10.344  -21.103 0.816   1.00 48.29 ? 162 GLN A CG  1 
ATOM   916 C CD  . GLN A 1 119 ? 11.775  -20.938 0.333   1.00 52.36 ? 162 GLN A CD  1 
ATOM   917 O OE1 . GLN A 1 119 ? 12.728  -21.232 1.061   1.00 53.65 ? 162 GLN A OE1 1 
ATOM   918 N NE2 . GLN A 1 119 ? 11.932  -20.469 -0.902  1.00 50.43 ? 162 GLN A NE2 1 
ATOM   919 N N   . ASP A 1 120 ? 5.806   -20.784 0.128   1.00 42.47 ? 163 ASP A N   1 
ATOM   920 C CA  . ASP A 1 120 ? 4.681   -20.198 0.844   1.00 42.66 ? 163 ASP A CA  1 
ATOM   921 C C   . ASP A 1 120 ? 5.039   -18.811 1.369   1.00 43.83 ? 163 ASP A C   1 
ATOM   922 O O   . ASP A 1 120 ? 6.059   -18.259 0.901   1.00 45.64 ? 163 ASP A O   1 
ATOM   923 C CB  . ASP A 1 120 ? 4.271   -21.126 1.997   1.00 42.09 ? 163 ASP A CB  1 
ATOM   924 C CG  . ASP A 1 120 ? 2.950   -20.731 2.629   1.00 41.03 ? 163 ASP A CG  1 
ATOM   925 O OD1 . ASP A 1 120 ? 2.044   -20.297 1.887   1.00 40.68 ? 163 ASP A OD1 1 
ATOM   926 O OD2 . ASP A 1 120 ? 2.811   -20.871 3.865   1.00 41.31 ? 163 ASP A OD2 1 
HETATM 927 O O   . HOH B 2 .   ? 13.578  17.977  -6.637  1.00 7.60  ? 165 HOH A O   1 
HETATM 928 O O   . HOH B 2 .   ? -4.483  -1.717  13.586  1.00 12.83 ? 166 HOH A O   1 
HETATM 929 O O   . HOH B 2 .   ? 3.264   -6.334  -8.297  1.00 14.45 ? 167 HOH A O   1 
HETATM 930 O O   . HOH B 2 .   ? -0.260  -5.221  3.459   1.00 9.00  ? 168 HOH A O   1 
HETATM 931 O O   . HOH B 2 .   ? 12.991  13.214  -12.251 1.00 13.70 ? 169 HOH A O   1 
HETATM 932 O O   . HOH B 2 .   ? 2.176   -6.701  -2.313  1.00 15.57 ? 170 HOH A O   1 
HETATM 933 O O   . HOH B 2 .   ? 10.597  11.323  0.555   1.00 22.74 ? 171 HOH A O   1 
HETATM 934 O O   . HOH B 2 .   ? 16.272  -14.229 -7.959  1.00 19.41 ? 172 HOH A O   1 
HETATM 935 O O   . HOH B 2 .   ? 8.825   -10.470 -2.821  1.00 13.09 ? 173 HOH A O   1 
HETATM 936 O O   . HOH B 2 .   ? -18.776 -2.682  -1.031  1.00 25.23 ? 174 HOH A O   1 
HETATM 937 O O   . HOH B 2 .   ? 12.667  -1.476  0.533   1.00 19.50 ? 175 HOH A O   1 
HETATM 938 O O   . HOH B 2 .   ? -14.901 12.198  -2.401  1.00 17.66 ? 176 HOH A O   1 
HETATM 939 O O   . HOH B 2 .   ? -15.665 -6.072  12.936  1.00 15.25 ? 177 HOH A O   1 
HETATM 940 O O   . HOH B 2 .   ? 2.729   -7.882  -6.053  1.00 12.12 ? 178 HOH A O   1 
HETATM 941 O O   . HOH B 2 .   ? -11.178 14.021  0.176   1.00 27.47 ? 179 HOH A O   1 
HETATM 942 O O   . HOH B 2 .   ? -16.245 -11.558 1.497   1.00 24.60 ? 180 HOH A O   1 
HETATM 943 O O   . HOH B 2 .   ? 4.779   13.460  -5.643  1.00 22.86 ? 181 HOH A O   1 
HETATM 944 O O   . HOH B 2 .   ? 12.686  -5.725  0.621   1.00 23.17 ? 182 HOH A O   1 
HETATM 945 O O   . HOH B 2 .   ? 6.849   -10.794 2.239   1.00 27.65 ? 183 HOH A O   1 
HETATM 946 O O   . HOH B 2 .   ? 14.987  3.712   -5.730  1.00 30.65 ? 184 HOH A O   1 
HETATM 947 O O   . HOH B 2 .   ? 7.957   -6.772  5.542   1.00 25.96 ? 185 HOH A O   1 
HETATM 948 O O   . HOH B 2 .   ? -7.182  5.677   -5.707  1.00 14.99 ? 186 HOH A O   1 
HETATM 949 O O   . HOH B 2 .   ? 1.284   -23.938 -4.380  1.00 20.94 ? 187 HOH A O   1 
HETATM 950 O O   . HOH B 2 .   ? 14.977  -8.248  -4.323  1.00 31.76 ? 188 HOH A O   1 
HETATM 951 O O   . HOH B 2 .   ? -0.018  -0.374  -11.878 1.00 27.32 ? 189 HOH A O   1 
HETATM 952 O O   . HOH B 2 .   ? 9.385   -3.924  -5.926  1.00 24.61 ? 190 HOH A O   1 
HETATM 953 O O   . HOH B 2 .   ? 16.752  13.761  -5.284  1.00 34.52 ? 191 HOH A O   1 
HETATM 954 O O   . HOH B 2 .   ? 16.683  9.242   -12.865 1.00 26.77 ? 192 HOH A O   1 
HETATM 955 O O   . HOH B 2 .   ? 1.466   10.069  -4.321  1.00 29.53 ? 193 HOH A O   1 
HETATM 956 O O   . HOH B 2 .   ? 3.801   -4.578  9.763   1.00 31.72 ? 194 HOH A O   1 
HETATM 957 O O   . HOH B 2 .   ? 11.012  4.684   -8.588  1.00 36.04 ? 195 HOH A O   1 
HETATM 958 O O   . HOH B 2 .   ? 22.211  -1.510  -4.536  1.00 25.37 ? 196 HOH A O   1 
HETATM 959 O O   . HOH B 2 .   ? -21.944 2.305   -1.012  1.00 33.34 ? 197 HOH A O   1 
HETATM 960 O O   . HOH B 2 .   ? -10.076 5.839   -6.717  1.00 23.81 ? 198 HOH A O   1 
HETATM 961 O O   . HOH B 2 .   ? 7.616   1.077   8.845   1.00 33.52 ? 199 HOH A O   1 
HETATM 962 O O   . HOH B 2 .   ? 18.085  -17.562 -5.735  1.00 27.04 ? 200 HOH A O   1 
HETATM 963 O O   . HOH B 2 .   ? -19.255 1.560   10.737  1.00 36.41 ? 201 HOH A O   1 
HETATM 964 O O   . HOH B 2 .   ? 0.184   -7.721  -4.401  1.00 14.86 ? 202 HOH A O   1 
HETATM 965 O O   . HOH B 2 .   ? -20.235 11.775  4.241   1.00 39.25 ? 203 HOH A O   1 
HETATM 966 O O   . HOH B 2 .   ? 12.679  -7.678  1.993   1.00 29.44 ? 204 HOH A O   1 
HETATM 967 O O   . HOH B 2 .   ? 15.344  11.702  -10.928 1.00 25.98 ? 205 HOH A O   1 
HETATM 968 O O   . HOH B 2 .   ? 11.282  -9.044  3.066   1.00 30.33 ? 206 HOH A O   1 
HETATM 969 O O   . HOH B 2 .   ? 10.754  -1.221  3.941   1.00 21.94 ? 207 HOH A O   1 
HETATM 970 O O   . HOH B 2 .   ? -1.380  -10.338 -3.301  1.00 30.31 ? 208 HOH A O   1 
HETATM 971 O O   . HOH B 2 .   ? 10.179  -5.294  4.962   1.00 30.87 ? 209 HOH A O   1 
HETATM 972 O O   . HOH B 2 .   ? 5.203   -13.064 -4.006  1.00 29.59 ? 210 HOH A O   1 
HETATM 973 O O   . HOH B 2 .   ? 15.512  -1.088  -6.620  1.00 38.80 ? 211 HOH A O   1 
HETATM 974 O O   . HOH B 2 .   ? -11.188 3.300   -8.918  1.00 43.37 ? 212 HOH A O   1 
HETATM 975 O O   . HOH B 2 .   ? -0.016  8.885   -8.452  1.00 34.76 ? 213 HOH A O   1 
HETATM 976 O O   . HOH B 2 .   ? 21.213  13.607  -3.773  1.00 40.82 ? 214 HOH A O   1 
HETATM 977 O O   . HOH B 2 .   ? -7.047  9.253   -0.067  1.00 16.51 ? 215 HOH A O   1 
HETATM 978 O O   . HOH B 2 .   ? -1.973  -5.923  -5.784  1.00 21.12 ? 216 HOH A O   1 
HETATM 979 O O   . HOH B 2 .   ? -16.383 3.555   -4.808  1.00 39.18 ? 217 HOH A O   1 
HETATM 980 O O   . HOH B 2 .   ? 5.763   -0.755  8.395   1.00 38.41 ? 218 HOH A O   1 
# 
